data_1XP4
#
_entry.id   1XP4
#
_cell.length_a   87.608
_cell.length_b   120.839
_cell.length_c   177.076
_cell.angle_alpha   90.00
_cell.angle_beta   90.00
_cell.angle_gamma   90.00
#
_symmetry.space_group_name_H-M   'P 21 21 21'
#
loop_
_entity.id
_entity.type
_entity.pdbx_description
1 polymer 'D-alanyl-D-alanine carboxypeptidase'
2 non-polymer 'SULFATE ION'
3 non-polymer 'IODIDE ION'
4 water water
#
_entity_poly.entity_id   1
_entity_poly.type   'polypeptide(L)'
_entity_poly.pdbx_seq_one_letter_code
;GVSTAVAQDFTIAAKHAIAVEANTGKILYEKDATQPVEIASITKLITVYLVYEALENGSITLSTPVDISDYPYQLTTNSE
ASNIP(MSE)EARNYTVEELLEATLVSSANSAAIALAEKIAGSEKDFVD(MSE)(MSE)RAKLLEWGIQDATVVNTTGLN
NETLGDNIYPGSKKDEENKLSAYDVAIVARNLIKKYPQVLEITKKPSSTFAG(MSE)TITSTNY(MSE)LEG(MSE)PAY
RGGFDGLKTGTTDKAGESFVGTTVEKG(MSE)RVITVVLNADHQDNNPYARFTATSSL(MSE)DYISSTFTLRKIVQQGD
AYQDSKAPVQDGKEDTVIAVAPEDIYLIERVGNQSSQSVQFTPDSKAIPAPLEAGTVVGHLTYEDKDLIGQGYITTERPS
FE(MSE)VADKKIEK
;
_entity_poly.pdbx_strand_id   A,B,C,D
#
loop_
_chem_comp.id
_chem_comp.type
_chem_comp.name
_chem_comp.formula
IOD non-polymer 'IODIDE ION' 'I -1'
SO4 non-polymer 'SULFATE ION' 'O4 S -2'
#
# COMPACT_ATOMS: atom_id res chain seq x y z
N PHE A 10 18.34 -0.96 -4.17
CA PHE A 10 17.95 -2.16 -3.36
C PHE A 10 17.22 -3.24 -4.16
N THR A 11 17.59 -4.48 -3.90
CA THR A 11 16.96 -5.64 -4.54
C THR A 11 16.73 -6.69 -3.46
N ILE A 12 15.61 -7.40 -3.53
CA ILE A 12 15.30 -8.40 -2.54
C ILE A 12 15.75 -9.78 -2.99
N ALA A 13 16.23 -10.58 -2.04
CA ALA A 13 16.70 -11.92 -2.33
C ALA A 13 15.53 -12.91 -2.37
N ALA A 14 14.59 -12.63 -3.26
CA ALA A 14 13.40 -13.44 -3.44
C ALA A 14 13.00 -13.29 -4.90
N LYS A 15 12.34 -14.30 -5.47
CA LYS A 15 11.94 -14.22 -6.86
C LYS A 15 10.81 -13.24 -7.10
N HIS A 16 9.91 -13.11 -6.14
CA HIS A 16 8.76 -12.22 -6.28
C HIS A 16 8.44 -11.56 -4.96
N ALA A 17 8.05 -10.30 -5.01
CA ALA A 17 7.71 -9.60 -3.79
C ALA A 17 7.05 -8.25 -4.05
N ILE A 18 6.30 -7.78 -3.06
CA ILE A 18 5.63 -6.49 -3.13
C ILE A 18 5.36 -6.04 -1.70
N ALA A 19 5.43 -4.74 -1.48
CA ALA A 19 5.18 -4.18 -0.17
C ALA A 19 4.19 -3.03 -0.32
N VAL A 20 3.21 -2.97 0.57
CA VAL A 20 2.23 -1.89 0.49
C VAL A 20 1.87 -1.32 1.86
N GLU A 21 1.48 -0.05 1.87
CA GLU A 21 1.08 0.59 3.11
C GLU A 21 -0.35 0.12 3.27
N ALA A 22 -0.61 -0.66 4.32
CA ALA A 22 -1.92 -1.25 4.56
C ALA A 22 -3.12 -0.36 4.28
N ASN A 23 -3.21 0.76 4.97
CA ASN A 23 -4.36 1.61 4.83
C ASN A 23 -4.70 2.10 3.42
N THR A 24 -3.74 2.65 2.70
CA THR A 24 -4.05 3.16 1.36
C THR A 24 -3.77 2.17 0.23
N GLY A 25 -3.07 1.09 0.54
CA GLY A 25 -2.77 0.10 -0.49
C GLY A 25 -1.74 0.62 -1.48
N LYS A 26 -1.05 1.69 -1.10
CA LYS A 26 -0.02 2.27 -1.95
C LYS A 26 1.16 1.33 -2.04
N ILE A 27 1.69 1.15 -3.24
CA ILE A 27 2.81 0.26 -3.45
C ILE A 27 4.15 0.95 -3.13
N LEU A 28 4.93 0.34 -2.25
CA LEU A 28 6.22 0.91 -1.85
C LEU A 28 7.41 0.19 -2.51
N TYR A 29 7.24 -1.07 -2.82
CA TYR A 29 8.28 -1.86 -3.46
C TYR A 29 7.70 -3.05 -4.21
N GLU A 30 8.33 -3.40 -5.31
CA GLU A 30 7.84 -4.52 -6.08
C GLU A 30 8.94 -5.15 -6.93
N LYS A 31 8.77 -6.44 -7.21
CA LYS A 31 9.69 -7.21 -8.02
C LYS A 31 8.93 -8.40 -8.58
N ASP A 32 8.62 -8.37 -9.87
CA ASP A 32 7.87 -9.44 -10.51
C ASP A 32 6.67 -9.76 -9.61
N ALA A 33 5.86 -8.75 -9.34
CA ALA A 33 4.71 -8.88 -8.46
C ALA A 33 3.40 -9.24 -9.14
N THR A 34 3.39 -9.39 -10.46
CA THR A 34 2.16 -9.71 -11.17
C THR A 34 2.03 -11.13 -11.72
N GLN A 35 3.14 -11.85 -11.82
CA GLN A 35 3.08 -13.21 -12.34
C GLN A 35 2.52 -14.18 -11.29
N PRO A 36 1.38 -14.80 -11.57
CA PRO A 36 0.84 -15.74 -10.58
C PRO A 36 1.84 -16.86 -10.32
N VAL A 37 2.01 -17.24 -9.07
CA VAL A 37 2.95 -18.30 -8.71
C VAL A 37 2.42 -19.03 -7.49
N GLU A 38 2.99 -20.20 -7.19
CA GLU A 38 2.60 -20.99 -6.03
C GLU A 38 2.79 -20.16 -4.76
N ILE A 39 1.85 -20.25 -3.82
CA ILE A 39 1.94 -19.48 -2.58
C ILE A 39 1.84 -20.35 -1.34
N ALA A 40 1.79 -21.67 -1.55
CA ALA A 40 1.69 -22.63 -0.47
C ALA A 40 0.69 -22.17 0.58
N SER A 41 1.01 -22.41 1.85
CA SER A 41 0.14 -22.08 2.99
C SER A 41 -0.33 -20.64 3.11
N ILE A 42 0.18 -19.75 2.28
CA ILE A 42 -0.28 -18.37 2.34
C ILE A 42 -1.75 -18.42 1.95
N THR A 43 -2.13 -19.52 1.31
CA THR A 43 -3.49 -19.75 0.87
C THR A 43 -4.50 -19.62 2.00
N LYS A 44 -4.12 -20.09 3.18
CA LYS A 44 -5.00 -20.05 4.34
C LYS A 44 -5.55 -18.66 4.71
N LEU A 45 -5.03 -17.61 4.09
CA LEU A 45 -5.53 -16.28 4.39
C LEU A 45 -6.88 -16.12 3.73
N ILE A 46 -6.97 -16.55 2.48
CA ILE A 46 -8.24 -16.45 1.78
C ILE A 46 -9.23 -17.29 2.58
N THR A 47 -8.78 -18.47 3.00
CA THR A 47 -9.61 -19.40 3.78
C THR A 47 -10.16 -18.73 5.03
N VAL A 48 -9.25 -18.18 5.81
CA VAL A 48 -9.59 -17.51 7.06
C VAL A 48 -10.53 -16.32 6.88
N TYR A 49 -10.52 -15.70 5.69
CA TYR A 49 -11.41 -14.57 5.44
C TYR A 49 -12.85 -15.04 5.36
N LEU A 50 -13.07 -16.21 4.78
CA LEU A 50 -14.43 -16.71 4.68
C LEU A 50 -14.94 -17.13 6.05
N VAL A 51 -14.01 -17.53 6.91
CA VAL A 51 -14.34 -17.97 8.27
C VAL A 51 -14.81 -16.80 9.13
N TYR A 52 -14.11 -15.67 9.03
CA TYR A 52 -14.50 -14.49 9.78
C TYR A 52 -15.82 -13.97 9.23
N GLU A 53 -15.99 -14.13 7.91
CA GLU A 53 -17.23 -13.68 7.27
C GLU A 53 -18.41 -14.52 7.73
N ALA A 54 -18.14 -15.77 8.14
CA ALA A 54 -19.20 -16.64 8.63
C ALA A 54 -19.42 -16.34 10.11
N LEU A 55 -18.37 -15.91 10.80
CA LEU A 55 -18.52 -15.55 12.21
C LEU A 55 -19.36 -14.28 12.23
N GLU A 56 -19.02 -13.34 11.37
CA GLU A 56 -19.75 -12.08 11.28
C GLU A 56 -21.22 -12.32 10.94
N ASN A 57 -21.48 -13.16 9.93
CA ASN A 57 -22.85 -13.44 9.52
C ASN A 57 -23.62 -14.16 10.62
N GLY A 58 -22.89 -14.83 11.50
CA GLY A 58 -23.54 -15.54 12.59
C GLY A 58 -23.80 -17.03 12.40
N SER A 59 -23.53 -17.58 11.21
CA SER A 59 -23.76 -18.99 10.95
C SER A 59 -22.87 -19.90 11.83
N ILE A 60 -21.74 -19.37 12.31
CA ILE A 60 -20.87 -20.12 13.21
C ILE A 60 -20.41 -19.14 14.27
N THR A 61 -19.87 -19.67 15.37
CA THR A 61 -19.38 -18.83 16.44
C THR A 61 -18.04 -19.39 16.87
N LEU A 62 -17.27 -18.60 17.60
CA LEU A 62 -15.95 -19.01 18.04
C LEU A 62 -15.94 -20.30 18.85
N SER A 63 -17.00 -20.57 19.61
CA SER A 63 -17.04 -21.79 20.43
C SER A 63 -17.76 -22.97 19.78
N THR A 64 -18.18 -22.79 18.54
CA THR A 64 -18.88 -23.83 17.81
C THR A 64 -18.02 -25.07 17.61
N PRO A 65 -18.50 -26.24 18.06
CA PRO A 65 -17.79 -27.51 17.92
C PRO A 65 -17.74 -27.90 16.43
N VAL A 66 -16.57 -28.33 15.97
CA VAL A 66 -16.40 -28.72 14.57
C VAL A 66 -15.85 -30.14 14.48
N ASP A 67 -16.61 -31.01 13.81
CA ASP A 67 -16.21 -32.41 13.61
C ASP A 67 -15.05 -32.48 12.64
N ILE A 68 -14.24 -33.51 12.78
CA ILE A 68 -13.08 -33.68 11.92
C ILE A 68 -13.19 -35.02 11.19
N SER A 69 -13.73 -34.96 9.97
CA SER A 69 -13.94 -36.15 9.15
C SER A 69 -12.71 -36.95 8.76
N ASP A 70 -12.95 -38.14 8.20
CA ASP A 70 -11.89 -39.05 7.79
C ASP A 70 -10.74 -38.38 7.02
N TYR A 71 -11.09 -37.70 5.92
CA TYR A 71 -10.11 -37.02 5.08
C TYR A 71 -9.16 -36.10 5.86
N PRO A 72 -9.70 -35.13 6.62
CA PRO A 72 -8.81 -34.25 7.36
C PRO A 72 -8.12 -34.98 8.50
N TYR A 73 -8.83 -35.93 9.10
CA TYR A 73 -8.27 -36.65 10.22
C TYR A 73 -7.12 -37.56 9.82
N GLN A 74 -7.28 -38.31 8.75
CA GLN A 74 -6.21 -39.21 8.30
C GLN A 74 -5.02 -38.43 7.82
N LEU A 75 -5.28 -37.29 7.19
CA LEU A 75 -4.21 -36.46 6.67
C LEU A 75 -3.18 -36.12 7.74
N THR A 76 -3.50 -36.37 9.00
CA THR A 76 -2.58 -36.03 10.06
C THR A 76 -1.74 -37.15 10.64
N THR A 77 -2.11 -38.40 10.38
CA THR A 77 -1.33 -39.52 10.91
C THR A 77 -0.11 -39.76 10.03
N ASN A 78 -0.28 -39.61 8.73
CA ASN A 78 0.87 -39.76 7.85
C ASN A 78 0.77 -38.97 6.57
N SER A 79 1.08 -37.69 6.69
CA SER A 79 1.11 -36.77 5.59
C SER A 79 2.08 -35.76 6.13
N GLU A 80 3.26 -35.69 5.53
CA GLU A 80 4.22 -34.72 6.00
C GLU A 80 3.67 -33.39 5.52
N ALA A 81 2.59 -33.01 6.21
CA ALA A 81 1.85 -31.78 5.98
C ALA A 81 1.77 -31.21 7.39
N SER A 82 2.23 -29.98 7.56
CA SER A 82 2.21 -29.37 8.89
C SER A 82 0.82 -29.50 9.52
N ASN A 83 0.76 -30.28 10.58
CA ASN A 83 -0.47 -30.52 11.31
C ASN A 83 -0.15 -30.75 12.77
N ILE A 84 -1.19 -31.05 13.54
CA ILE A 84 -1.07 -31.30 14.96
C ILE A 84 -2.07 -32.41 15.29
N PRO A 85 -1.81 -33.16 16.36
CA PRO A 85 -2.72 -34.24 16.74
C PRO A 85 -4.15 -33.74 16.93
N MSE A 86 -5.12 -34.49 16.40
CA MSE A 86 -6.54 -34.13 16.52
C MSE A 86 -7.33 -35.38 16.79
O MSE A 86 -8.42 -35.58 16.25
CB MSE A 86 -7.03 -33.48 15.23
CG MSE A 86 -6.58 -32.06 15.06
SE MSE A 86 -7.19 -31.30 13.40
CE MSE A 86 -6.01 -29.78 13.37
N GLU A 87 -6.79 -36.23 17.66
CA GLU A 87 -7.41 -37.50 17.99
C GLU A 87 -8.80 -37.44 18.60
N ALA A 88 -9.23 -36.24 18.97
CA ALA A 88 -10.56 -36.07 19.54
C ALA A 88 -11.57 -35.80 18.43
N ARG A 89 -11.07 -35.57 17.22
CA ARG A 89 -11.89 -35.30 16.03
C ARG A 89 -13.05 -34.31 16.20
N ASN A 90 -12.94 -33.38 17.13
CA ASN A 90 -13.97 -32.38 17.32
C ASN A 90 -13.38 -31.21 18.10
N TYR A 91 -13.20 -30.10 17.41
CA TYR A 91 -12.62 -28.94 18.06
C TYR A 91 -13.39 -27.68 17.74
N THR A 92 -13.10 -26.65 18.54
CA THR A 92 -13.72 -25.35 18.43
C THR A 92 -13.25 -24.58 17.19
N VAL A 93 -14.13 -23.74 16.66
CA VAL A 93 -13.81 -22.90 15.51
C VAL A 93 -12.56 -22.10 15.88
N GLU A 94 -12.61 -21.47 17.04
CA GLU A 94 -11.49 -20.67 17.52
C GLU A 94 -10.25 -21.53 17.63
N GLU A 95 -10.42 -22.77 18.05
CA GLU A 95 -9.28 -23.66 18.19
C GLU A 95 -8.64 -23.95 16.84
N LEU A 96 -9.46 -24.27 15.85
CA LEU A 96 -8.95 -24.54 14.51
C LEU A 96 -8.36 -23.29 13.89
N LEU A 97 -9.03 -22.16 14.11
CA LEU A 97 -8.55 -20.89 13.59
C LEU A 97 -7.15 -20.62 14.12
N GLU A 98 -6.97 -20.83 15.42
CA GLU A 98 -5.68 -20.62 16.04
C GLU A 98 -4.68 -21.62 15.45
N ALA A 99 -5.09 -22.88 15.34
CA ALA A 99 -4.23 -23.92 14.79
C ALA A 99 -3.86 -23.62 13.33
N THR A 100 -4.80 -23.08 12.57
CA THR A 100 -4.58 -22.74 11.17
C THR A 100 -3.56 -21.62 10.98
N LEU A 101 -3.82 -20.48 11.60
CA LEU A 101 -2.95 -19.32 11.45
C LEU A 101 -1.60 -19.40 12.16
N VAL A 102 -1.57 -20.03 13.32
CA VAL A 102 -0.32 -20.13 14.08
C VAL A 102 0.59 -21.29 13.69
N SER A 103 0.00 -22.46 13.45
CA SER A 103 0.79 -23.63 13.10
C SER A 103 0.61 -24.12 11.66
N SER A 104 -0.26 -23.44 10.91
CA SER A 104 -0.50 -23.81 9.54
C SER A 104 -1.04 -25.24 9.42
N ALA A 105 -1.75 -25.69 10.45
CA ALA A 105 -2.33 -27.03 10.45
C ALA A 105 -3.35 -27.14 9.31
N ASN A 106 -3.09 -28.06 8.37
CA ASN A 106 -3.98 -28.23 7.22
C ASN A 106 -5.33 -28.84 7.59
N SER A 107 -5.35 -29.77 8.53
CA SER A 107 -6.61 -30.37 8.93
C SER A 107 -7.49 -29.35 9.64
N ALA A 108 -6.85 -28.31 10.19
CA ALA A 108 -7.60 -27.23 10.83
C ALA A 108 -8.33 -26.48 9.71
N ALA A 109 -7.59 -26.16 8.64
CA ALA A 109 -8.16 -25.45 7.50
C ALA A 109 -9.30 -26.23 6.87
N ILE A 110 -9.01 -27.47 6.48
CA ILE A 110 -10.01 -28.31 5.85
C ILE A 110 -11.26 -28.41 6.71
N ALA A 111 -11.07 -28.76 7.98
CA ALA A 111 -12.20 -28.89 8.90
C ALA A 111 -13.09 -27.64 8.85
N LEU A 112 -12.50 -26.46 9.00
CA LEU A 112 -13.27 -25.23 8.98
C LEU A 112 -14.05 -25.08 7.67
N ALA A 113 -13.41 -25.45 6.57
CA ALA A 113 -14.01 -25.36 5.24
C ALA A 113 -15.25 -26.25 5.10
N GLU A 114 -15.14 -27.50 5.54
CA GLU A 114 -16.27 -28.43 5.46
C GLU A 114 -17.39 -27.94 6.35
N LYS A 115 -17.03 -27.32 7.47
CA LYS A 115 -18.01 -26.79 8.41
C LYS A 115 -18.78 -25.63 7.77
N ILE A 116 -18.08 -24.80 7.00
CA ILE A 116 -18.72 -23.65 6.39
C ILE A 116 -19.42 -23.90 5.06
N ALA A 117 -18.90 -24.81 4.25
CA ALA A 117 -19.51 -25.08 2.94
C ALA A 117 -19.92 -26.53 2.68
N GLY A 118 -19.73 -27.39 3.67
CA GLY A 118 -20.11 -28.79 3.50
C GLY A 118 -18.97 -29.62 2.98
N SER A 119 -18.24 -29.06 2.02
CA SER A 119 -17.11 -29.77 1.43
C SER A 119 -16.01 -28.78 1.05
N GLU A 120 -14.78 -29.28 0.95
CA GLU A 120 -13.70 -28.40 0.56
C GLU A 120 -13.99 -27.85 -0.85
N LYS A 121 -14.59 -28.67 -1.71
CA LYS A 121 -14.90 -28.23 -3.06
C LYS A 121 -15.78 -27.00 -3.09
N ASP A 122 -16.91 -27.06 -2.38
CA ASP A 122 -17.82 -25.93 -2.34
C ASP A 122 -17.06 -24.73 -1.77
N PHE A 123 -16.28 -24.98 -0.72
CA PHE A 123 -15.51 -23.89 -0.11
C PHE A 123 -14.59 -23.24 -1.16
N VAL A 124 -13.94 -24.06 -1.99
CA VAL A 124 -13.05 -23.54 -3.03
C VAL A 124 -13.83 -22.63 -3.99
N ASP A 125 -15.04 -23.04 -4.34
CA ASP A 125 -15.83 -22.22 -5.24
C ASP A 125 -16.11 -20.90 -4.55
N MSE A 126 -16.22 -20.94 -3.23
CA MSE A 126 -16.47 -19.73 -2.47
C MSE A 126 -15.23 -18.84 -2.54
O MSE A 126 -15.34 -17.62 -2.72
CB MSE A 126 -16.81 -20.05 -1.01
CG MSE A 126 -18.25 -20.47 -0.79
SE MSE A 126 -18.66 -20.92 1.05
CE MSE A 126 -18.18 -19.25 1.89
N MSE A 127 -14.05 -19.43 -2.40
CA MSE A 127 -12.85 -18.61 -2.45
C MSE A 127 -12.57 -18.13 -3.87
O MSE A 127 -11.93 -17.08 -4.06
CB MSE A 127 -11.63 -19.33 -1.82
CG MSE A 127 -11.59 -20.83 -1.92
SE MSE A 127 -10.37 -21.70 -0.62
CE MSE A 127 -8.73 -20.77 -1.02
N ARG A 128 -13.06 -18.85 -4.87
CA ARG A 128 -12.87 -18.43 -6.25
C ARG A 128 -13.75 -17.21 -6.49
N ALA A 129 -14.93 -17.23 -5.89
CA ALA A 129 -15.87 -16.13 -6.06
C ALA A 129 -15.38 -14.90 -5.34
N LYS A 130 -14.95 -15.09 -4.09
CA LYS A 130 -14.44 -14.00 -3.27
C LYS A 130 -13.29 -13.28 -3.96
N LEU A 131 -12.36 -14.04 -4.54
CA LEU A 131 -11.25 -13.41 -5.23
C LEU A 131 -11.75 -12.54 -6.38
N LEU A 132 -12.76 -13.02 -7.11
CA LEU A 132 -13.29 -12.26 -8.23
C LEU A 132 -13.92 -10.96 -7.76
N GLU A 133 -14.49 -10.99 -6.56
CA GLU A 133 -15.10 -9.80 -5.97
C GLU A 133 -14.01 -8.76 -5.78
N TRP A 134 -12.88 -9.21 -5.23
CA TRP A 134 -11.75 -8.35 -4.96
C TRP A 134 -11.01 -7.88 -6.20
N GLY A 135 -11.47 -8.28 -7.38
CA GLY A 135 -10.80 -7.85 -8.59
C GLY A 135 -9.62 -8.71 -8.99
N ILE A 136 -9.44 -9.83 -8.32
CA ILE A 136 -8.34 -10.72 -8.66
C ILE A 136 -8.92 -11.76 -9.61
N GLN A 137 -8.49 -11.72 -10.87
CA GLN A 137 -9.03 -12.64 -11.85
C GLN A 137 -7.97 -13.51 -12.51
N ASP A 138 -6.81 -13.62 -11.88
CA ASP A 138 -5.74 -14.43 -12.43
C ASP A 138 -5.34 -15.55 -11.47
N ALA A 139 -6.13 -15.73 -10.43
CA ALA A 139 -5.83 -16.77 -9.44
C ALA A 139 -6.23 -18.18 -9.87
N THR A 140 -5.58 -19.16 -9.24
CA THR A 140 -5.84 -20.57 -9.47
C THR A 140 -5.99 -21.22 -8.11
N VAL A 141 -7.22 -21.56 -7.74
CA VAL A 141 -7.46 -22.18 -6.45
C VAL A 141 -8.11 -23.53 -6.58
N VAL A 142 -7.44 -24.55 -6.07
CA VAL A 142 -7.95 -25.90 -6.12
C VAL A 142 -8.20 -26.47 -4.72
N ASN A 143 -7.55 -25.90 -3.71
CA ASN A 143 -7.76 -26.35 -2.34
C ASN A 143 -7.67 -25.22 -1.34
N THR A 144 -8.07 -25.51 -0.11
CA THR A 144 -8.09 -24.52 0.95
C THR A 144 -6.84 -24.46 1.80
N THR A 145 -5.91 -25.37 1.57
CA THR A 145 -4.70 -25.42 2.38
C THR A 145 -3.45 -24.81 1.78
N GLY A 146 -3.18 -25.13 0.52
CA GLY A 146 -1.98 -24.59 -0.10
C GLY A 146 -1.05 -25.75 -0.42
N LEU A 147 -1.42 -26.94 0.04
CA LEU A 147 -0.62 -28.14 -0.24
C LEU A 147 -0.71 -28.43 -1.73
N ASN A 148 0.10 -29.38 -2.18
CA ASN A 148 0.07 -29.80 -3.56
C ASN A 148 -0.94 -30.93 -3.58
N ASN A 149 -1.66 -31.11 -4.68
CA ASN A 149 -2.65 -32.16 -4.75
C ASN A 149 -2.10 -33.58 -4.55
N GLU A 150 -0.85 -33.82 -4.96
CA GLU A 150 -0.26 -35.14 -4.80
C GLU A 150 -0.28 -35.54 -3.34
N THR A 151 -0.44 -34.56 -2.46
CA THR A 151 -0.47 -34.80 -1.03
C THR A 151 -1.88 -35.16 -0.60
N LEU A 152 -2.85 -34.76 -1.43
CA LEU A 152 -4.24 -35.02 -1.13
C LEU A 152 -4.78 -36.27 -1.81
N GLY A 153 -3.91 -37.01 -2.48
CA GLY A 153 -4.36 -38.21 -3.17
C GLY A 153 -5.61 -38.01 -4.00
N ASP A 154 -6.69 -38.70 -3.64
CA ASP A 154 -7.96 -38.60 -4.35
C ASP A 154 -8.84 -37.42 -3.95
N ASN A 155 -8.54 -36.81 -2.81
CA ASN A 155 -9.33 -35.69 -2.31
C ASN A 155 -9.01 -34.35 -2.98
N ILE A 156 -8.88 -34.36 -4.31
CA ILE A 156 -8.58 -33.15 -5.04
C ILE A 156 -9.83 -32.64 -5.75
N TYR A 157 -9.81 -31.36 -6.10
CA TYR A 157 -10.92 -30.73 -6.78
C TYR A 157 -11.21 -31.45 -8.09
N PRO A 158 -12.50 -31.65 -8.41
CA PRO A 158 -12.89 -32.32 -9.66
C PRO A 158 -12.40 -31.50 -10.85
N GLY A 159 -11.54 -32.11 -11.66
CA GLY A 159 -11.03 -31.41 -12.83
C GLY A 159 -9.60 -30.96 -12.62
N SER A 160 -9.23 -30.69 -11.37
CA SER A 160 -7.87 -30.25 -11.07
C SER A 160 -6.86 -31.37 -11.34
N LYS A 161 -5.63 -31.01 -11.62
CA LYS A 161 -4.59 -31.98 -11.91
C LYS A 161 -4.00 -32.49 -10.60
N LYS A 162 -3.40 -33.67 -10.65
CA LYS A 162 -2.82 -34.30 -9.47
C LYS A 162 -1.66 -33.61 -8.81
N ASP A 163 -0.94 -32.75 -9.53
CA ASP A 163 0.16 -32.02 -8.91
C ASP A 163 -0.07 -30.50 -8.93
N GLU A 164 -1.32 -30.10 -9.10
CA GLU A 164 -1.69 -28.68 -9.13
C GLU A 164 -1.47 -28.04 -7.77
N GLU A 165 -1.20 -26.73 -7.80
CA GLU A 165 -1.01 -25.96 -6.58
C GLU A 165 -1.74 -24.63 -6.75
N ASN A 166 -2.20 -24.04 -5.65
CA ASN A 166 -2.89 -22.76 -5.77
C ASN A 166 -1.88 -21.74 -6.28
N LYS A 167 -2.35 -20.77 -7.06
CA LYS A 167 -1.45 -19.74 -7.58
C LYS A 167 -2.02 -18.33 -7.47
N LEU A 168 -1.21 -17.41 -6.94
CA LEU A 168 -1.58 -16.01 -6.80
C LEU A 168 -0.33 -15.17 -6.98
N SER A 169 -0.49 -13.95 -7.48
CA SER A 169 0.67 -13.09 -7.66
C SER A 169 0.91 -12.38 -6.32
N ALA A 170 2.12 -11.84 -6.12
CA ALA A 170 2.40 -11.14 -4.86
C ALA A 170 1.41 -9.98 -4.75
N TYR A 171 1.11 -9.38 -5.88
CA TYR A 171 0.15 -8.27 -5.96
C TYR A 171 -1.19 -8.77 -5.42
N ASP A 172 -1.64 -9.90 -5.98
CA ASP A 172 -2.89 -10.51 -5.54
C ASP A 172 -2.86 -10.78 -4.05
N VAL A 173 -1.77 -11.36 -3.56
CA VAL A 173 -1.65 -11.66 -2.14
C VAL A 173 -1.78 -10.40 -1.30
N ALA A 174 -1.12 -9.34 -1.73
CA ALA A 174 -1.18 -8.06 -1.02
C ALA A 174 -2.64 -7.67 -0.83
N ILE A 175 -3.41 -7.73 -1.92
CA ILE A 175 -4.82 -7.39 -1.86
C ILE A 175 -5.50 -8.25 -0.79
N VAL A 176 -5.33 -9.56 -0.87
CA VAL A 176 -5.90 -10.48 0.11
C VAL A 176 -5.54 -10.08 1.54
N ALA A 177 -4.25 -9.96 1.80
CA ALA A 177 -3.79 -9.57 3.13
C ALA A 177 -4.45 -8.25 3.54
N ARG A 178 -4.45 -7.27 2.64
CA ARG A 178 -5.04 -5.99 2.98
C ARG A 178 -6.52 -6.10 3.32
N ASN A 179 -7.30 -6.75 2.47
CA ASN A 179 -8.72 -6.89 2.73
C ASN A 179 -9.00 -7.59 4.05
N LEU A 180 -8.19 -8.60 4.36
CA LEU A 180 -8.37 -9.33 5.61
C LEU A 180 -8.08 -8.43 6.82
N ILE A 181 -6.90 -7.83 6.86
CA ILE A 181 -6.52 -6.96 7.98
C ILE A 181 -7.46 -5.77 8.18
N LYS A 182 -7.86 -5.13 7.08
CA LYS A 182 -8.73 -3.98 7.15
C LYS A 182 -10.15 -4.31 7.58
N LYS A 183 -10.67 -5.44 7.14
CA LYS A 183 -12.03 -5.86 7.46
C LYS A 183 -12.15 -6.65 8.78
N TYR A 184 -11.11 -7.40 9.12
CA TYR A 184 -11.07 -8.20 10.34
C TYR A 184 -9.76 -7.99 11.09
N PRO A 185 -9.57 -6.81 11.67
CA PRO A 185 -8.35 -6.49 12.42
C PRO A 185 -8.08 -7.51 13.52
N GLN A 186 -9.14 -8.21 13.95
CA GLN A 186 -9.03 -9.22 15.01
C GLN A 186 -8.01 -10.30 14.69
N VAL A 187 -7.97 -10.70 13.42
CA VAL A 187 -7.05 -11.73 12.97
C VAL A 187 -5.64 -11.51 13.47
N LEU A 188 -5.27 -10.25 13.65
CA LEU A 188 -3.95 -9.95 14.14
C LEU A 188 -3.74 -10.43 15.57
N GLU A 189 -4.82 -10.49 16.37
CA GLU A 189 -4.70 -10.97 17.74
C GLU A 189 -4.33 -12.44 17.75
N ILE A 190 -4.38 -13.09 16.61
CA ILE A 190 -4.02 -14.50 16.55
C ILE A 190 -2.61 -14.63 15.98
N THR A 191 -2.42 -14.21 14.73
CA THR A 191 -1.12 -14.29 14.04
C THR A 191 0.01 -13.76 14.93
N LYS A 192 -0.33 -12.78 15.74
CA LYS A 192 0.55 -12.12 16.69
C LYS A 192 1.19 -13.12 17.67
N LYS A 193 0.38 -14.00 18.26
CA LYS A 193 0.87 -14.97 19.23
C LYS A 193 2.02 -15.86 18.77
N PRO A 194 3.13 -15.86 19.53
CA PRO A 194 4.29 -16.69 19.17
C PRO A 194 4.06 -18.14 19.55
N SER A 195 3.03 -18.37 20.36
CA SER A 195 2.65 -19.72 20.80
C SER A 195 1.28 -19.61 21.45
N SER A 196 0.49 -20.67 21.35
CA SER A 196 -0.85 -20.66 21.91
C SER A 196 -1.19 -22.08 22.34
N THR A 197 -2.43 -22.28 22.76
CA THR A 197 -2.85 -23.60 23.22
C THR A 197 -3.94 -24.15 22.32
N PHE A 198 -3.85 -25.44 22.00
CA PHE A 198 -4.84 -26.09 21.16
C PHE A 198 -5.43 -27.26 21.93
N ALA A 199 -6.54 -27.00 22.61
CA ALA A 199 -7.21 -28.04 23.38
C ALA A 199 -6.22 -28.75 24.30
N GLY A 200 -5.39 -27.98 25.01
CA GLY A 200 -4.45 -28.60 25.92
C GLY A 200 -2.98 -28.52 25.56
N MSE A 201 -2.58 -29.07 24.42
CA MSE A 201 -1.18 -29.03 24.02
C MSE A 201 -0.81 -27.63 23.54
O MSE A 201 -1.67 -26.81 23.24
CB MSE A 201 -0.89 -30.04 22.91
CG MSE A 201 -1.42 -29.61 21.55
SE MSE A 201 -0.86 -30.79 20.15
CE MSE A 201 0.98 -30.23 19.99
N THR A 202 0.49 -27.36 23.47
CA THR A 202 0.96 -26.04 23.03
C THR A 202 1.37 -26.05 21.56
N ILE A 203 0.88 -25.08 20.80
CA ILE A 203 1.27 -24.98 19.40
C ILE A 203 2.22 -23.79 19.26
N THR A 204 3.16 -23.89 18.33
CA THR A 204 4.15 -22.85 18.10
C THR A 204 3.92 -22.19 16.75
N SER A 205 4.17 -20.89 16.71
CA SER A 205 4.02 -20.12 15.48
C SER A 205 5.16 -20.41 14.54
N THR A 206 4.92 -20.25 13.24
CA THR A 206 5.93 -20.49 12.23
C THR A 206 6.54 -19.14 11.86
N ASN A 207 5.98 -18.08 12.45
CA ASN A 207 6.45 -16.72 12.19
C ASN A 207 7.55 -16.41 13.18
N TYR A 208 8.79 -16.44 12.72
CA TYR A 208 9.93 -16.17 13.57
C TYR A 208 10.35 -14.72 13.76
N MSE A 209 9.46 -13.80 13.41
CA MSE A 209 9.76 -12.38 13.58
C MSE A 209 8.94 -11.84 14.75
O MSE A 209 8.94 -10.62 15.02
CB MSE A 209 9.45 -11.60 12.30
CG MSE A 209 10.44 -11.88 11.19
SE MSE A 209 9.97 -11.02 9.55
CE MSE A 209 11.00 -9.41 9.78
N LEU A 210 8.25 -12.74 15.43
CA LEU A 210 7.43 -12.37 16.58
C LEU A 210 8.24 -12.29 17.88
N GLU A 211 7.57 -11.80 18.93
CA GLU A 211 8.17 -11.64 20.25
C GLU A 211 8.80 -12.91 20.81
N GLY A 212 10.08 -12.77 21.20
CA GLY A 212 10.83 -13.87 21.78
C GLY A 212 11.35 -14.93 20.81
N MSE A 213 11.33 -14.63 19.51
CA MSE A 213 11.76 -15.59 18.49
C MSE A 213 13.06 -15.22 17.79
O MSE A 213 13.47 -14.06 17.78
CB MSE A 213 10.66 -15.75 17.45
CG MSE A 213 9.28 -15.97 18.05
SE MSE A 213 8.74 -17.82 18.19
CE MSE A 213 10.42 -18.72 17.99
N PRO A 214 13.72 -16.21 17.18
CA PRO A 214 14.98 -16.04 16.47
C PRO A 214 15.09 -14.83 15.55
N ALA A 215 14.20 -14.72 14.58
CA ALA A 215 14.25 -13.61 13.63
C ALA A 215 13.40 -12.41 14.00
N TYR A 216 13.22 -12.19 15.30
CA TYR A 216 12.44 -11.07 15.82
C TYR A 216 12.77 -9.74 15.17
N ARG A 217 11.75 -8.92 14.96
CA ARG A 217 11.88 -7.59 14.39
C ARG A 217 10.73 -6.80 15.01
N GLY A 218 11.09 -5.88 15.90
CA GLY A 218 10.09 -5.07 16.59
C GLY A 218 9.01 -4.49 15.70
N GLY A 219 7.76 -4.75 16.08
CA GLY A 219 6.62 -4.23 15.34
C GLY A 219 5.77 -5.28 14.66
N PHE A 220 6.38 -6.38 14.28
CA PHE A 220 5.68 -7.43 13.53
C PHE A 220 4.56 -8.03 14.39
N ASP A 221 3.58 -8.63 13.68
CA ASP A 221 2.47 -9.37 14.32
C ASP A 221 1.68 -10.16 13.27
N GLY A 222 2.31 -10.39 12.12
CA GLY A 222 1.69 -11.25 11.09
C GLY A 222 2.68 -11.58 9.97
N LEU A 223 2.24 -12.40 8.98
CA LEU A 223 0.83 -12.71 8.80
C LEU A 223 0.58 -14.19 8.50
N LYS A 224 1.47 -14.75 7.63
CA LYS A 224 1.35 -16.17 7.25
C LYS A 224 2.54 -16.67 6.43
N THR A 225 3.20 -17.73 6.92
CA THR A 225 4.27 -18.32 6.12
C THR A 225 3.75 -19.32 5.11
N GLY A 226 4.63 -19.73 4.20
CA GLY A 226 4.25 -20.73 3.22
C GLY A 226 5.47 -21.33 2.58
N THR A 227 5.51 -22.66 2.53
CA THR A 227 6.63 -23.36 1.91
C THR A 227 6.17 -24.58 1.15
N THR A 228 6.65 -24.68 -0.08
CA THR A 228 6.30 -25.76 -0.98
C THR A 228 7.48 -25.84 -1.96
N ASP A 229 7.71 -26.99 -2.55
CA ASP A 229 8.82 -27.08 -3.49
C ASP A 229 8.67 -26.05 -4.61
N LYS A 230 7.45 -25.87 -5.11
CA LYS A 230 7.23 -24.92 -6.18
C LYS A 230 7.10 -23.48 -5.66
N ALA A 231 6.64 -23.33 -4.43
CA ALA A 231 6.44 -22.00 -3.87
C ALA A 231 7.68 -21.39 -3.23
N GLY A 232 8.58 -22.25 -2.77
CA GLY A 232 9.80 -21.76 -2.12
C GLY A 232 9.52 -21.22 -0.73
N GLU A 233 10.53 -20.61 -0.12
CA GLU A 233 10.39 -20.03 1.21
C GLU A 233 9.64 -18.71 1.07
N SER A 234 8.36 -18.73 1.45
CA SER A 234 7.50 -17.56 1.33
C SER A 234 6.90 -17.11 2.64
N PHE A 235 6.63 -15.81 2.72
CA PHE A 235 6.06 -15.22 3.92
C PHE A 235 5.36 -13.89 3.70
N VAL A 236 4.14 -13.78 4.23
CA VAL A 236 3.40 -12.55 4.14
C VAL A 236 3.54 -11.99 5.54
N GLY A 237 4.10 -10.79 5.66
CA GLY A 237 4.27 -10.19 6.96
C GLY A 237 3.68 -8.80 7.05
N THR A 238 3.13 -8.45 8.20
CA THR A 238 2.58 -7.11 8.40
C THR A 238 3.27 -6.55 9.64
N THR A 239 3.47 -5.24 9.66
CA THR A 239 4.16 -4.63 10.78
C THR A 239 3.87 -3.14 10.87
N VAL A 240 4.10 -2.58 12.04
CA VAL A 240 3.91 -1.15 12.24
C VAL A 240 5.28 -0.61 12.57
N GLU A 241 5.92 0.02 11.58
CA GLU A 241 7.25 0.57 11.78
C GLU A 241 7.19 2.08 11.53
N LYS A 242 7.69 2.84 12.49
CA LYS A 242 7.71 4.29 12.43
C LYS A 242 6.33 4.86 12.20
N GLY A 243 5.36 4.30 12.93
CA GLY A 243 3.98 4.74 12.84
C GLY A 243 3.19 4.32 11.61
N MSE A 244 3.83 3.56 10.71
CA MSE A 244 3.18 3.13 9.48
C MSE A 244 3.03 1.61 9.36
O MSE A 244 3.97 0.86 9.61
CB MSE A 244 3.96 3.68 8.28
CG MSE A 244 3.51 3.23 6.91
SE MSE A 244 4.55 4.07 5.50
CE MSE A 244 6.01 2.83 5.35
N ARG A 245 1.83 1.17 8.96
CA ARG A 245 1.56 -0.25 8.78
C ARG A 245 1.93 -0.69 7.37
N VAL A 246 2.77 -1.71 7.29
CA VAL A 246 3.23 -2.22 6.02
C VAL A 246 2.87 -3.67 5.85
N ILE A 247 2.38 -4.01 4.67
CA ILE A 247 2.06 -5.40 4.36
C ILE A 247 3.16 -5.84 3.42
N THR A 248 3.77 -6.96 3.76
CA THR A 248 4.89 -7.52 3.02
C THR A 248 4.60 -8.89 2.42
N VAL A 249 4.95 -9.06 1.16
CA VAL A 249 4.81 -10.36 0.55
C VAL A 249 6.11 -10.75 -0.11
N VAL A 250 6.80 -11.74 0.47
CA VAL A 250 8.04 -12.28 -0.12
C VAL A 250 7.76 -13.74 -0.54
N LEU A 251 7.64 -14.04 -1.87
CA LEU A 251 7.38 -15.47 -2.23
C LEU A 251 8.24 -16.06 -3.33
N ASN A 252 9.55 -15.93 -3.15
CA ASN A 252 10.31 -17.13 -3.27
C ASN A 252 11.73 -16.86 -2.87
N ALA A 253 11.99 -16.91 -1.52
CA ALA A 253 13.18 -16.31 -1.00
C ALA A 253 14.30 -17.17 -1.41
N ASP A 254 15.41 -16.54 -1.77
CA ASP A 254 16.38 -17.46 -2.30
C ASP A 254 16.87 -18.27 -1.16
N HIS A 255 17.12 -19.54 -1.48
CA HIS A 255 17.40 -20.42 -0.39
C HIS A 255 18.86 -20.20 0.00
N GLN A 256 19.04 -19.86 1.29
CA GLN A 256 20.39 -19.72 1.83
C GLN A 256 20.66 -20.89 2.79
N ASP A 257 21.84 -21.48 2.57
CA ASP A 257 22.16 -22.70 3.29
C ASP A 257 22.40 -22.46 4.77
N ASN A 258 23.03 -21.34 5.11
CA ASN A 258 23.33 -21.03 6.50
C ASN A 258 22.24 -20.21 7.20
N ASN A 259 21.13 -19.97 6.52
CA ASN A 259 20.06 -19.17 7.10
C ASN A 259 18.68 -19.71 6.79
N PRO A 260 18.14 -20.54 7.68
CA PRO A 260 16.81 -21.14 7.52
C PRO A 260 15.74 -20.07 7.58
N TYR A 261 16.11 -18.91 8.12
CA TYR A 261 15.19 -17.80 8.26
C TYR A 261 15.37 -16.76 7.15
N ALA A 262 15.90 -17.18 6.01
CA ALA A 262 16.11 -16.29 4.88
C ALA A 262 14.87 -15.45 4.51
N ARG A 263 13.69 -16.08 4.53
CA ARG A 263 12.44 -15.40 4.20
C ARG A 263 12.18 -14.20 5.12
N PHE A 264 12.57 -14.34 6.38
CA PHE A 264 12.37 -13.27 7.35
C PHE A 264 13.50 -12.26 7.21
N THR A 265 14.70 -12.77 6.99
CA THR A 265 15.88 -11.92 6.81
C THR A 265 15.60 -11.02 5.61
N ALA A 266 15.06 -11.63 4.56
CA ALA A 266 14.71 -10.92 3.34
C ALA A 266 13.64 -9.88 3.62
N THR A 267 12.68 -10.24 4.47
CA THR A 267 11.61 -9.31 4.84
C THR A 267 12.20 -8.18 5.67
N SER A 268 13.01 -8.55 6.65
CA SER A 268 13.64 -7.54 7.49
C SER A 268 14.45 -6.62 6.57
N SER A 269 15.02 -7.20 5.51
CA SER A 269 15.80 -6.43 4.56
C SER A 269 14.92 -5.45 3.80
N LEU A 270 13.74 -5.93 3.42
CA LEU A 270 12.78 -5.12 2.68
C LEU A 270 12.29 -3.94 3.52
N MSE A 271 12.16 -4.15 4.83
CA MSE A 271 11.68 -3.09 5.71
C MSE A 271 12.69 -2.00 6.00
O MSE A 271 12.33 -0.85 6.23
CB MSE A 271 11.14 -3.69 7.00
CG MSE A 271 9.86 -4.50 6.80
SE MSE A 271 8.24 -3.46 6.47
CE MSE A 271 8.95 -1.79 5.88
N ASP A 272 13.98 -2.38 6.00
CA ASP A 272 15.03 -1.39 6.23
C ASP A 272 14.97 -0.41 5.07
N TYR A 273 14.69 -0.92 3.89
CA TYR A 273 14.59 -0.09 2.70
C TYR A 273 13.42 0.86 2.82
N ILE A 274 12.25 0.29 3.07
CA ILE A 274 11.02 1.06 3.18
C ILE A 274 11.04 2.18 4.22
N SER A 275 11.62 1.89 5.38
CA SER A 275 11.69 2.87 6.45
C SER A 275 12.71 3.98 6.22
N SER A 276 13.74 3.70 5.43
CA SER A 276 14.73 4.72 5.17
C SER A 276 14.34 5.50 3.91
N THR A 277 13.43 4.94 3.13
CA THR A 277 12.97 5.56 1.87
C THR A 277 11.66 6.35 1.93
N PHE A 278 10.76 5.93 2.81
CA PHE A 278 9.46 6.59 2.94
C PHE A 278 9.18 6.94 4.38
N THR A 279 8.34 7.95 4.56
CA THR A 279 7.98 8.40 5.89
C THR A 279 6.57 8.97 5.88
N LEU A 280 5.99 9.17 7.06
CA LEU A 280 4.64 9.73 7.15
C LEU A 280 4.75 11.17 7.63
N ARG A 281 4.53 12.13 6.74
CA ARG A 281 4.59 13.53 7.13
C ARG A 281 3.16 13.97 7.44
N LYS A 282 2.96 14.58 8.60
CA LYS A 282 1.62 15.04 8.98
C LYS A 282 1.33 16.34 8.23
N ILE A 283 0.22 16.35 7.49
CA ILE A 283 -0.16 17.52 6.71
C ILE A 283 -1.26 18.36 7.35
N VAL A 284 -2.20 17.70 8.01
CA VAL A 284 -3.30 18.41 8.66
C VAL A 284 -3.43 17.92 10.10
N GLN A 285 -3.67 18.86 10.99
CA GLN A 285 -3.80 18.58 12.42
C GLN A 285 -5.28 18.46 12.75
N GLN A 286 -5.60 17.57 13.67
CA GLN A 286 -6.98 17.38 14.07
C GLN A 286 -7.53 18.72 14.54
N GLY A 287 -8.76 19.02 14.13
CA GLY A 287 -9.41 20.26 14.50
C GLY A 287 -9.17 21.38 13.52
N ASP A 288 -8.12 21.25 12.71
CA ASP A 288 -7.79 22.27 11.73
C ASP A 288 -8.42 22.08 10.37
N ALA A 289 -8.05 22.99 9.47
CA ALA A 289 -8.53 23.02 8.13
C ALA A 289 -7.39 23.10 7.13
N TYR A 290 -7.48 22.25 6.13
CA TYR A 290 -6.44 22.29 5.10
C TYR A 290 -6.83 23.17 3.93
N GLN A 291 -6.62 24.51 4.10
CA GLN A 291 -6.85 25.68 3.26
C GLN A 291 -8.24 26.11 3.46
N ASP A 292 -8.24 27.14 4.36
CA ASP A 292 -9.41 27.83 4.97
C ASP A 292 -10.60 27.32 4.17
N SER A 293 -11.02 26.11 4.57
CA SER A 293 -11.68 25.22 3.61
C SER A 293 -13.08 24.94 4.00
N LYS A 294 -14.05 25.43 3.22
CA LYS A 294 -15.38 25.43 3.73
C LYS A 294 -16.21 24.58 2.81
N ALA A 295 -17.36 24.03 3.21
CA ALA A 295 -18.27 23.37 2.27
C ALA A 295 -19.70 23.88 2.39
N PRO A 296 -20.27 24.33 1.26
CA PRO A 296 -21.62 24.87 1.12
C PRO A 296 -22.79 24.17 1.80
N VAL A 297 -23.72 24.98 2.30
CA VAL A 297 -25.00 24.70 2.91
C VAL A 297 -25.93 25.79 2.42
N GLN A 298 -27.18 25.38 2.18
CA GLN A 298 -28.08 26.26 1.51
C GLN A 298 -29.30 26.41 2.39
N ASP A 299 -29.07 26.82 3.68
CA ASP A 299 -30.13 27.17 4.69
C ASP A 299 -29.59 27.57 6.09
N GLY A 300 -28.94 28.74 6.27
CA GLY A 300 -28.92 29.25 7.67
C GLY A 300 -27.82 30.29 7.88
N LYS A 301 -26.68 29.78 8.33
CA LYS A 301 -25.53 30.41 7.80
C LYS A 301 -25.28 29.85 6.43
N GLU A 302 -24.51 30.50 5.56
CA GLU A 302 -24.58 30.04 4.19
C GLU A 302 -23.24 29.79 3.58
N ASP A 303 -22.40 30.66 4.11
CA ASP A 303 -21.08 30.80 3.58
C ASP A 303 -20.29 29.46 3.66
N THR A 304 -19.92 29.14 4.89
CA THR A 304 -18.96 28.23 5.54
C THR A 304 -19.63 27.20 6.47
N VAL A 305 -19.26 25.93 6.27
CA VAL A 305 -18.86 25.20 7.44
C VAL A 305 -17.37 25.00 7.42
N ILE A 306 -16.70 25.39 8.47
CA ILE A 306 -15.34 25.02 8.36
C ILE A 306 -15.28 23.54 8.62
N ALA A 307 -14.76 22.99 7.53
CA ALA A 307 -14.53 21.57 7.47
C ALA A 307 -13.04 21.38 7.70
N VAL A 308 -13.10 20.51 8.69
CA VAL A 308 -11.98 20.27 9.57
C VAL A 308 -11.62 18.79 9.66
N ALA A 309 -10.37 18.52 10.02
CA ALA A 309 -9.91 17.13 10.22
C ALA A 309 -10.30 16.63 11.59
N PRO A 310 -10.93 15.43 11.72
CA PRO A 310 -11.19 15.26 13.14
C PRO A 310 -10.48 13.98 13.60
N GLU A 311 -9.27 13.87 13.05
CA GLU A 311 -8.21 12.97 13.49
C GLU A 311 -6.97 13.49 12.77
N ASP A 312 -5.78 13.02 13.16
CA ASP A 312 -4.62 13.61 12.48
C ASP A 312 -4.41 12.94 11.08
N ILE A 313 -4.14 13.73 10.05
CA ILE A 313 -3.94 13.19 8.71
C ILE A 313 -2.48 13.16 8.31
N TYR A 314 -2.02 11.99 7.88
CA TYR A 314 -0.65 11.78 7.42
C TYR A 314 -0.67 11.23 6.00
N LEU A 315 0.45 11.40 5.29
CA LEU A 315 0.60 10.92 3.93
C LEU A 315 1.98 10.28 3.79
N ILE A 316 2.09 9.31 2.89
CA ILE A 316 3.37 8.67 2.66
C ILE A 316 4.17 9.63 1.79
N GLU A 317 5.44 9.84 2.13
CA GLU A 317 6.27 10.74 1.36
C GLU A 317 7.68 10.16 1.23
N ARG A 318 8.21 10.13 0.01
CA ARG A 318 9.61 9.91 -0.15
C ARG A 318 10.42 11.00 0.57
N VAL A 319 11.59 10.64 1.10
CA VAL A 319 12.38 11.64 1.82
C VAL A 319 13.49 12.24 0.95
N GLY A 320 13.44 13.61 0.82
CA GLY A 320 14.45 14.13 -0.10
C GLY A 320 13.91 14.80 -1.37
N ASN A 321 12.57 14.73 -1.53
CA ASN A 321 11.99 14.90 -2.89
C ASN A 321 11.77 16.37 -3.20
N GLN A 322 12.17 16.79 -4.43
CA GLN A 322 12.04 18.24 -4.72
C GLN A 322 10.66 18.64 -4.16
N SER A 323 10.21 19.92 -4.16
CA SER A 323 9.04 20.25 -3.36
C SER A 323 7.77 19.54 -3.97
N SER A 324 7.22 19.42 -2.72
CA SER A 324 6.40 18.28 -2.27
C SER A 324 4.90 18.56 -2.40
N GLN A 325 4.26 17.44 -1.92
CA GLN A 325 3.11 16.79 -2.56
C GLN A 325 1.86 17.67 -2.67
N SER A 326 1.05 17.32 -3.70
CA SER A 326 -0.18 18.08 -3.93
C SER A 326 -1.46 17.33 -3.52
N VAL A 327 -1.73 17.36 -2.25
CA VAL A 327 -2.84 16.67 -1.58
C VAL A 327 -3.68 17.77 -1.11
N GLN A 328 -3.30 18.86 -1.68
CA GLN A 328 -4.34 19.78 -1.82
C GLN A 328 -5.42 19.11 -2.59
N PHE A 329 -6.40 18.55 -1.86
CA PHE A 329 -7.62 18.90 -2.54
C PHE A 329 -8.82 18.50 -1.74
N THR A 330 -9.51 20.04 -1.20
CA THR A 330 -10.76 19.59 -0.73
C THR A 330 -11.78 19.89 -1.80
N PRO A 331 -12.45 18.84 -2.23
CA PRO A 331 -13.76 19.01 -2.74
C PRO A 331 -14.75 18.86 -1.62
N ASP A 332 -15.91 19.45 -1.91
CA ASP A 332 -17.04 19.18 -1.08
C ASP A 332 -17.84 18.02 -1.68
N SER A 333 -18.90 17.59 -0.95
CA SER A 333 -19.96 16.98 -1.73
C SER A 333 -21.11 17.98 -1.82
N LYS A 334 -21.59 18.23 -3.06
CA LYS A 334 -22.03 19.62 -3.37
C LYS A 334 -23.07 20.19 -2.39
N ALA A 335 -23.37 21.51 -2.58
CA ALA A 335 -23.84 22.37 -1.50
C ALA A 335 -25.12 21.90 -0.76
N ILE A 336 -25.09 21.56 0.53
CA ILE A 336 -26.02 20.57 0.99
C ILE A 336 -27.14 21.12 1.84
N PRO A 337 -28.27 20.46 2.24
CA PRO A 337 -29.30 21.10 3.05
C PRO A 337 -28.87 21.28 4.51
N ALA A 338 -29.64 22.09 5.24
CA ALA A 338 -29.45 22.24 6.68
C ALA A 338 -30.71 21.70 7.34
N PRO A 339 -30.67 21.46 8.66
CA PRO A 339 -29.52 21.70 9.54
C PRO A 339 -28.39 20.68 9.38
N LEU A 340 -27.17 21.16 9.61
CA LEU A 340 -25.98 20.32 9.52
C LEU A 340 -25.36 20.23 10.91
N GLU A 341 -25.32 19.03 11.46
CA GLU A 341 -24.76 18.80 12.79
C GLU A 341 -23.24 18.84 12.73
N ALA A 342 -22.62 19.32 13.81
CA ALA A 342 -21.17 19.39 13.88
C ALA A 342 -20.60 17.98 13.94
N GLY A 343 -19.69 17.67 13.03
CA GLY A 343 -19.10 16.34 13.01
C GLY A 343 -19.43 15.56 11.76
N THR A 344 -20.57 15.89 11.16
CA THR A 344 -21.00 15.20 9.95
C THR A 344 -19.96 15.42 8.85
N VAL A 345 -19.75 14.39 8.04
CA VAL A 345 -18.79 14.45 6.95
C VAL A 345 -19.27 15.50 5.94
N VAL A 346 -18.37 16.38 5.51
CA VAL A 346 -18.78 17.42 4.58
C VAL A 346 -17.92 17.53 3.33
N GLY A 347 -16.84 16.76 3.28
CA GLY A 347 -15.97 16.79 2.12
C GLY A 347 -14.84 15.79 2.29
N HIS A 348 -13.93 15.77 1.33
CA HIS A 348 -12.80 14.85 1.38
C HIS A 348 -11.49 15.47 0.91
N LEU A 349 -10.41 15.12 1.58
CA LEU A 349 -9.07 15.60 1.24
C LEU A 349 -8.44 14.43 0.48
N THR A 350 -8.19 14.59 -0.81
CA THR A 350 -7.61 13.50 -1.59
C THR A 350 -6.16 13.81 -1.95
N TYR A 351 -5.31 12.79 -1.81
CA TYR A 351 -3.90 12.92 -2.12
C TYR A 351 -3.65 12.58 -3.58
N GLU A 352 -3.28 13.59 -4.37
CA GLU A 352 -3.01 13.39 -5.79
C GLU A 352 -1.57 12.91 -5.93
N ASP A 353 -1.38 11.64 -5.60
CA ASP A 353 -0.08 10.99 -5.64
C ASP A 353 0.50 10.98 -7.06
N LYS A 354 1.72 11.49 -7.20
CA LYS A 354 2.41 11.54 -8.48
C LYS A 354 3.72 10.74 -8.39
N ASP A 355 3.84 9.96 -7.33
CA ASP A 355 5.04 9.16 -7.08
C ASP A 355 4.67 7.66 -7.07
N LEU A 356 3.98 7.23 -8.13
CA LEU A 356 3.53 5.86 -8.25
C LEU A 356 4.61 4.83 -8.50
N ILE A 357 4.66 3.82 -7.63
CA ILE A 357 5.63 2.74 -7.74
C ILE A 357 4.88 1.54 -8.29
N GLY A 358 5.41 0.93 -9.35
CA GLY A 358 4.75 -0.21 -9.95
C GLY A 358 3.44 0.26 -10.53
N GLN A 359 2.33 -0.35 -10.14
CA GLN A 359 1.02 0.07 -10.64
C GLN A 359 0.49 1.16 -9.70
N GLY A 360 1.36 1.61 -8.79
CA GLY A 360 1.00 2.65 -7.85
C GLY A 360 0.27 2.17 -6.61
N TYR A 361 -0.96 1.71 -6.82
CA TYR A 361 -1.80 1.22 -5.73
C TYR A 361 -2.43 -0.14 -6.07
N ILE A 362 -2.69 -0.94 -5.04
CA ILE A 362 -3.32 -2.24 -5.25
C ILE A 362 -4.84 -2.09 -5.19
N THR A 363 -5.29 -0.85 -5.27
CA THR A 363 -6.71 -0.53 -5.24
C THR A 363 -6.94 0.59 -6.26
N THR A 364 -8.11 0.61 -6.89
CA THR A 364 -8.38 1.64 -7.89
C THR A 364 -8.62 2.98 -7.22
N GLU A 365 -8.69 2.97 -5.89
CA GLU A 365 -8.94 4.19 -5.14
C GLU A 365 -7.67 4.81 -4.63
N ARG A 366 -7.59 6.13 -4.76
CA ARG A 366 -6.46 6.87 -4.28
C ARG A 366 -6.93 7.47 -2.95
N PRO A 367 -6.05 7.56 -1.96
CA PRO A 367 -6.37 8.10 -0.63
C PRO A 367 -7.13 9.42 -0.54
N SER A 368 -8.25 9.36 0.17
CA SER A 368 -9.10 10.52 0.41
C SER A 368 -9.48 10.40 1.88
N PHE A 369 -9.32 11.49 2.62
CA PHE A 369 -9.64 11.51 4.03
C PHE A 369 -10.82 12.43 4.29
N GLU A 370 -11.77 11.95 5.09
CA GLU A 370 -12.97 12.73 5.38
C GLU A 370 -12.72 13.98 6.21
N MSE A 371 -13.38 15.06 5.80
CA MSE A 371 -13.29 16.34 6.46
C MSE A 371 -14.66 16.65 7.03
O MSE A 371 -15.65 16.73 6.32
CB MSE A 371 -12.83 17.41 5.48
CG MSE A 371 -11.40 17.22 5.01
SE MSE A 371 -10.08 17.54 6.38
CE MSE A 371 -10.02 19.46 6.26
N VAL A 372 -14.68 16.83 8.34
CA VAL A 372 -15.89 17.05 9.10
C VAL A 372 -16.28 18.51 9.32
N ALA A 373 -17.58 18.73 9.55
CA ALA A 373 -18.13 20.05 9.82
C ALA A 373 -17.85 20.36 11.29
N ASP A 374 -17.26 21.51 11.60
CA ASP A 374 -16.97 21.79 13.00
C ASP A 374 -17.87 22.87 13.61
N LYS A 375 -19.15 22.80 13.28
CA LYS A 375 -20.15 23.75 13.74
C LYS A 375 -21.49 23.28 13.17
N LYS A 376 -22.59 23.70 13.80
CA LYS A 376 -23.91 23.32 13.33
C LYS A 376 -24.49 24.50 12.55
N ILE A 377 -25.36 24.23 11.58
CA ILE A 377 -25.97 25.30 10.79
C ILE A 377 -27.50 25.31 10.89
N GLU A 378 -28.08 26.51 10.82
CA GLU A 378 -29.52 26.73 10.94
C GLU A 378 -30.03 26.19 12.28
N PHE B 10 54.61 -18.38 -37.82
CA PHE B 10 54.19 -19.25 -36.67
C PHE B 10 52.86 -19.97 -36.83
N THR B 11 52.88 -21.29 -36.67
CA THR B 11 51.66 -22.07 -36.78
C THR B 11 51.66 -23.09 -35.64
N ILE B 12 50.80 -22.87 -34.65
CA ILE B 12 50.71 -23.75 -33.49
C ILE B 12 50.47 -25.20 -33.89
N ALA B 13 51.13 -26.13 -33.19
CA ALA B 13 51.01 -27.55 -33.50
C ALA B 13 49.85 -28.25 -32.79
N ALA B 14 48.64 -27.81 -33.14
CA ALA B 14 47.40 -28.36 -32.59
C ALA B 14 46.34 -28.06 -33.63
N LYS B 15 45.25 -28.83 -33.61
CA LYS B 15 44.16 -28.61 -34.57
C LYS B 15 43.41 -27.29 -34.37
N HIS B 16 43.25 -26.87 -33.12
CA HIS B 16 42.52 -25.64 -32.83
C HIS B 16 43.14 -24.83 -31.70
N ALA B 17 43.23 -23.52 -31.86
CA ALA B 17 43.80 -22.69 -30.80
C ALA B 17 43.33 -21.25 -30.86
N ILE B 18 43.58 -20.52 -29.78
CA ILE B 18 43.22 -19.12 -29.68
C ILE B 18 43.80 -18.58 -28.38
N ALA B 19 44.30 -17.36 -28.43
CA ALA B 19 44.87 -16.74 -27.25
C ALA B 19 44.28 -15.35 -27.16
N VAL B 20 43.88 -14.94 -25.97
CA VAL B 20 43.31 -13.62 -25.79
C VAL B 20 43.93 -12.94 -24.57
N GLU B 21 43.90 -11.61 -24.57
CA GLU B 21 44.37 -10.87 -23.43
C GLU B 21 43.12 -10.94 -22.56
N ALA B 22 43.25 -11.48 -21.36
CA ALA B 22 42.12 -11.68 -20.45
C ALA B 22 41.22 -10.49 -20.19
N ASN B 23 41.80 -9.36 -19.79
CA ASN B 23 40.98 -8.22 -19.47
C ASN B 23 40.18 -7.61 -20.62
N THR B 24 40.79 -7.48 -21.79
CA THR B 24 40.08 -6.88 -22.91
C THR B 24 39.45 -7.88 -23.88
N GLY B 25 39.89 -9.14 -23.80
CA GLY B 25 39.34 -10.15 -24.68
C GLY B 25 39.82 -9.97 -26.11
N LYS B 26 40.92 -9.23 -26.29
CA LYS B 26 41.46 -9.01 -27.61
C LYS B 26 42.17 -10.28 -28.09
N ILE B 27 41.75 -10.79 -29.24
CA ILE B 27 42.34 -12.00 -29.79
C ILE B 27 43.77 -11.72 -30.26
N LEU B 28 44.73 -12.53 -29.78
CA LEU B 28 46.13 -12.36 -30.13
C LEU B 28 46.62 -13.39 -31.14
N TYR B 29 45.89 -14.50 -31.25
CA TYR B 29 46.27 -15.70 -32.05
C TYR B 29 45.04 -16.57 -32.40
N GLU B 30 44.82 -16.88 -33.72
CA GLU B 30 43.80 -17.88 -34.10
C GLU B 30 44.12 -19.05 -35.11
N LYS B 31 43.68 -20.24 -34.68
CA LYS B 31 43.58 -21.46 -35.53
C LYS B 31 42.22 -22.14 -35.37
N ASP B 32 41.60 -22.73 -36.42
CA ASP B 32 40.18 -22.44 -36.62
C ASP B 32 39.36 -22.74 -35.37
N ALA B 33 39.01 -21.61 -34.73
CA ALA B 33 38.46 -21.64 -33.39
C ALA B 33 37.17 -20.97 -33.41
N THR B 34 36.54 -21.60 -34.39
CA THR B 34 35.14 -21.32 -34.57
C THR B 34 34.34 -22.59 -34.62
N GLN B 35 34.93 -23.65 -35.15
CA GLN B 35 34.15 -24.84 -35.22
C GLN B 35 34.14 -25.57 -33.87
N PRO B 36 32.95 -26.00 -33.42
CA PRO B 36 32.79 -26.72 -32.15
C PRO B 36 33.41 -28.13 -32.18
N VAL B 37 34.32 -28.38 -31.25
CA VAL B 37 34.99 -29.68 -31.16
C VAL B 37 34.98 -30.11 -29.70
N GLU B 38 35.12 -31.40 -29.45
CA GLU B 38 35.14 -31.91 -28.09
C GLU B 38 36.18 -31.15 -27.28
N ILE B 39 35.88 -30.86 -26.02
CA ILE B 39 36.81 -30.16 -25.14
C ILE B 39 37.12 -31.04 -23.92
N ALA B 40 36.37 -32.12 -23.78
CA ALA B 40 36.58 -33.03 -22.68
C ALA B 40 36.41 -32.33 -21.34
N SER B 41 37.33 -32.56 -20.43
CA SER B 41 37.31 -31.98 -19.09
C SER B 41 37.32 -30.45 -18.98
N ILE B 42 37.62 -29.74 -20.07
CA ILE B 42 37.61 -28.29 -20.04
C ILE B 42 36.16 -27.91 -19.67
N THR B 43 35.26 -28.86 -19.90
CA THR B 43 33.86 -28.68 -19.57
C THR B 43 33.70 -28.21 -18.13
N LYS B 44 34.58 -28.71 -17.26
CA LYS B 44 34.52 -28.36 -15.85
C LYS B 44 34.63 -26.88 -15.50
N LEU B 45 35.18 -26.07 -16.41
CA LEU B 45 35.27 -24.63 -16.14
C LEU B 45 33.85 -24.05 -16.07
N ILE B 46 32.98 -24.51 -16.96
CA ILE B 46 31.59 -24.03 -16.98
C ILE B 46 30.91 -24.45 -15.68
N THR B 47 31.02 -25.74 -15.37
CA THR B 47 30.43 -26.29 -14.16
C THR B 47 30.86 -25.46 -12.97
N VAL B 48 32.16 -25.23 -12.86
CA VAL B 48 32.73 -24.46 -11.78
C VAL B 48 32.19 -23.05 -11.71
N TYR B 49 31.90 -22.44 -12.86
CA TYR B 49 31.37 -21.09 -12.83
C TYR B 49 30.02 -21.07 -12.12
N LEU B 50 29.16 -22.03 -12.45
CA LEU B 50 27.83 -22.09 -11.81
C LEU B 50 27.95 -22.38 -10.31
N VAL B 51 29.01 -23.09 -9.92
CA VAL B 51 29.28 -23.42 -8.52
C VAL B 51 29.60 -22.12 -7.78
N TYR B 52 30.47 -21.30 -8.36
CA TYR B 52 30.84 -20.02 -7.77
C TYR B 52 29.63 -19.08 -7.68
N GLU B 53 28.66 -19.31 -8.55
CA GLU B 53 27.45 -18.49 -8.60
C GLU B 53 26.47 -18.88 -7.49
N ALA B 54 26.47 -20.18 -7.16
CA ALA B 54 25.60 -20.69 -6.10
C ALA B 54 26.14 -20.26 -4.73
N LEU B 55 27.46 -20.12 -4.63
CA LEU B 55 28.08 -19.67 -3.38
C LEU B 55 27.78 -18.18 -3.26
N GLU B 56 27.93 -17.46 -4.37
CA GLU B 56 27.66 -16.04 -4.37
C GLU B 56 26.23 -15.73 -3.95
N ASN B 57 25.26 -16.50 -4.46
CA ASN B 57 23.87 -16.26 -4.10
C ASN B 57 23.49 -16.90 -2.78
N GLY B 58 24.44 -17.56 -2.15
CA GLY B 58 24.20 -18.17 -0.85
C GLY B 58 23.41 -19.47 -0.76
N SER B 59 23.10 -20.07 -1.91
CA SER B 59 22.36 -21.33 -1.90
C SER B 59 23.24 -22.43 -1.30
N ILE B 60 24.54 -22.16 -1.24
CA ILE B 60 25.49 -23.09 -0.67
C ILE B 60 26.68 -22.31 -0.14
N THR B 61 27.55 -22.98 0.61
CA THR B 61 28.75 -22.36 1.15
C THR B 61 29.88 -23.37 1.04
N LEU B 62 31.11 -22.94 1.24
CA LEU B 62 32.25 -23.84 1.15
C LEU B 62 32.17 -24.97 2.17
N SER B 63 31.44 -24.78 3.25
CA SER B 63 31.36 -25.83 4.27
C SER B 63 30.10 -26.69 4.15
N THR B 64 29.19 -26.32 3.25
CA THR B 64 27.98 -27.09 3.08
C THR B 64 28.29 -28.56 2.77
N PRO B 65 27.76 -29.48 3.59
CA PRO B 65 27.97 -30.92 3.41
C PRO B 65 27.25 -31.40 2.15
N VAL B 66 27.98 -32.04 1.24
CA VAL B 66 27.40 -32.53 0.00
C VAL B 66 27.25 -34.04 0.03
N ASP B 67 26.02 -34.49 -0.17
CA ASP B 67 25.72 -35.91 -0.16
C ASP B 67 26.07 -36.56 -1.51
N ILE B 68 26.83 -37.65 -1.48
CA ILE B 68 27.24 -38.34 -2.68
C ILE B 68 26.32 -39.53 -2.99
N SER B 69 25.70 -39.52 -4.17
CA SER B 69 24.80 -40.62 -4.53
C SER B 69 25.58 -41.75 -5.23
N ASP B 70 24.89 -42.82 -5.57
CA ASP B 70 25.53 -43.96 -6.22
C ASP B 70 26.28 -43.60 -7.50
N TYR B 71 25.58 -43.02 -8.47
CA TYR B 71 26.19 -42.64 -9.75
C TYR B 71 27.61 -42.08 -9.59
N PRO B 72 27.79 -41.04 -8.75
CA PRO B 72 29.12 -40.46 -8.55
C PRO B 72 30.03 -41.35 -7.70
N TYR B 73 29.51 -41.79 -6.56
CA TYR B 73 30.20 -42.64 -5.61
C TYR B 73 30.90 -43.89 -6.18
N GLN B 74 30.25 -44.54 -7.14
CA GLN B 74 30.80 -45.76 -7.71
C GLN B 74 31.44 -45.58 -9.10
N LEU B 75 31.34 -44.37 -9.64
CA LEU B 75 31.86 -44.01 -10.97
C LEU B 75 33.41 -44.05 -11.04
N THR B 76 33.91 -44.80 -12.06
CA THR B 76 35.31 -44.72 -12.45
C THR B 76 35.42 -44.64 -13.95
N THR B 77 35.34 -43.41 -14.50
CA THR B 77 35.14 -43.36 -15.94
C THR B 77 36.18 -44.28 -16.56
N ASN B 78 37.27 -44.39 -15.81
CA ASN B 78 38.34 -45.32 -16.09
C ASN B 78 39.51 -44.88 -15.24
N SER B 79 39.61 -45.51 -14.05
CA SER B 79 40.08 -44.71 -12.94
C SER B 79 41.22 -43.81 -13.36
N GLU B 80 42.15 -44.01 -14.31
CA GLU B 80 43.50 -43.47 -14.18
C GLU B 80 43.61 -42.01 -13.72
N ALA B 81 43.04 -41.06 -14.49
CA ALA B 81 43.38 -39.66 -14.20
C ALA B 81 42.80 -39.11 -12.89
N SER B 82 41.46 -38.92 -12.91
CA SER B 82 40.55 -38.31 -11.95
C SER B 82 40.27 -39.19 -10.72
N ASN B 83 40.97 -40.34 -10.72
CA ASN B 83 40.50 -41.59 -10.13
C ASN B 83 40.02 -41.63 -8.66
N ILE B 84 40.34 -40.58 -7.85
CA ILE B 84 40.35 -40.75 -6.37
C ILE B 84 39.07 -41.42 -5.79
N PRO B 85 39.27 -42.61 -5.16
CA PRO B 85 38.15 -43.44 -4.67
C PRO B 85 37.42 -42.86 -3.45
N MSE B 86 36.40 -42.00 -3.49
CA MSE B 86 35.78 -41.54 -2.27
C MSE B 86 35.25 -42.72 -1.46
O MSE B 86 34.41 -43.48 -1.93
CB MSE B 86 34.64 -40.57 -2.61
CG MSE B 86 34.10 -40.73 -4.00
SE MSE B 86 33.01 -39.23 -4.43
CE MSE B 86 34.41 -38.01 -4.97
N GLU B 87 35.78 -42.87 -0.26
CA GLU B 87 35.37 -43.95 0.62
C GLU B 87 34.37 -43.41 1.64
N ALA B 88 33.84 -42.23 1.36
CA ALA B 88 32.87 -41.58 2.21
C ALA B 88 31.73 -41.06 1.34
N ARG B 89 30.52 -41.05 1.87
CA ARG B 89 29.36 -40.60 1.11
C ARG B 89 28.92 -39.19 1.43
N ASN B 90 29.88 -38.34 1.72
CA ASN B 90 29.58 -36.96 2.04
C ASN B 90 30.84 -36.14 2.19
N TYR B 91 30.96 -35.09 1.37
CA TYR B 91 32.13 -34.23 1.42
C TYR B 91 31.70 -32.78 1.37
N THR B 92 32.60 -31.90 1.78
CA THR B 92 32.32 -30.47 1.79
C THR B 92 32.33 -29.86 0.39
N VAL B 93 31.56 -28.79 0.19
CA VAL B 93 31.52 -28.13 -1.13
C VAL B 93 32.94 -27.79 -1.53
N GLU B 94 33.66 -27.19 -0.60
CA GLU B 94 35.05 -26.78 -0.79
C GLU B 94 35.96 -27.92 -1.25
N GLU B 95 35.74 -29.12 -0.73
CA GLU B 95 36.56 -30.26 -1.08
C GLU B 95 36.26 -30.73 -2.49
N LEU B 96 34.97 -30.83 -2.81
CA LEU B 96 34.57 -31.28 -4.14
C LEU B 96 35.07 -30.31 -5.20
N LEU B 97 35.09 -29.04 -4.85
CA LEU B 97 35.54 -28.02 -5.79
C LEU B 97 37.03 -28.16 -6.03
N GLU B 98 37.78 -28.44 -4.97
CA GLU B 98 39.22 -28.59 -5.05
C GLU B 98 39.59 -29.76 -5.95
N ALA B 99 38.97 -30.91 -5.68
CA ALA B 99 39.23 -32.12 -6.45
C ALA B 99 38.87 -31.94 -7.93
N THR B 100 37.88 -31.10 -8.20
CA THR B 100 37.46 -30.86 -9.57
C THR B 100 38.43 -30.00 -10.34
N LEU B 101 38.94 -28.96 -9.70
CA LEU B 101 39.87 -28.05 -10.36
C LEU B 101 41.33 -28.48 -10.39
N VAL B 102 41.73 -29.26 -9.41
CA VAL B 102 43.11 -29.72 -9.35
C VAL B 102 43.31 -31.07 -10.05
N SER B 103 42.49 -32.05 -9.67
CA SER B 103 42.61 -33.39 -10.23
C SER B 103 41.57 -33.74 -11.27
N SER B 104 40.66 -32.82 -11.56
CA SER B 104 39.64 -33.08 -12.57
C SER B 104 38.76 -34.25 -12.17
N ALA B 105 38.44 -34.34 -10.88
CA ALA B 105 37.60 -35.42 -10.36
C ALA B 105 36.17 -35.39 -10.92
N ASN B 106 35.81 -36.42 -11.67
CA ASN B 106 34.48 -36.53 -12.28
C ASN B 106 33.37 -36.69 -11.25
N SER B 107 33.66 -37.48 -10.21
CA SER B 107 32.70 -37.72 -9.16
C SER B 107 32.38 -36.41 -8.45
N ALA B 108 33.43 -35.62 -8.24
CA ALA B 108 33.30 -34.34 -7.57
C ALA B 108 32.41 -33.40 -8.36
N ALA B 109 32.67 -33.25 -9.65
CA ALA B 109 31.86 -32.37 -10.47
C ALA B 109 30.38 -32.77 -10.39
N ILE B 110 30.11 -34.04 -10.66
CA ILE B 110 28.73 -34.53 -10.64
C ILE B 110 28.04 -34.27 -9.30
N ALA B 111 28.70 -34.59 -8.18
CA ALA B 111 28.09 -34.38 -6.88
C ALA B 111 27.70 -32.90 -6.70
N LEU B 112 28.58 -31.99 -7.11
CA LEU B 112 28.27 -30.57 -6.98
C LEU B 112 27.08 -30.21 -7.88
N ALA B 113 27.01 -30.83 -9.04
CA ALA B 113 25.93 -30.57 -9.99
C ALA B 113 24.57 -30.97 -9.41
N GLU B 114 24.48 -32.18 -8.87
CA GLU B 114 23.23 -32.66 -8.30
C GLU B 114 22.84 -31.83 -7.10
N LYS B 115 23.83 -31.43 -6.30
CA LYS B 115 23.57 -30.62 -5.12
C LYS B 115 22.89 -29.32 -5.49
N ILE B 116 23.31 -28.75 -6.61
CA ILE B 116 22.79 -27.47 -7.07
C ILE B 116 21.52 -27.50 -7.90
N ALA B 117 21.47 -28.39 -8.89
CA ALA B 117 20.30 -28.49 -9.76
C ALA B 117 19.36 -29.63 -9.42
N GLY B 118 19.69 -30.41 -8.40
CA GLY B 118 18.85 -31.54 -8.03
C GLY B 118 19.34 -32.78 -8.74
N SER B 119 19.61 -32.63 -10.04
CA SER B 119 20.10 -33.73 -10.88
C SER B 119 21.16 -33.18 -11.84
N GLU B 120 21.90 -34.05 -12.50
CA GLU B 120 22.90 -33.57 -13.44
C GLU B 120 22.16 -32.99 -14.64
N LYS B 121 21.14 -33.69 -15.10
CA LYS B 121 20.36 -33.22 -16.24
C LYS B 121 19.93 -31.77 -16.06
N ASP B 122 19.46 -31.45 -14.86
CA ASP B 122 19.01 -30.09 -14.61
C ASP B 122 20.18 -29.13 -14.66
N PHE B 123 21.32 -29.57 -14.12
CA PHE B 123 22.51 -28.74 -14.12
C PHE B 123 22.94 -28.48 -15.57
N VAL B 124 22.85 -29.51 -16.41
CA VAL B 124 23.21 -29.37 -17.82
C VAL B 124 22.35 -28.30 -18.49
N ASP B 125 21.04 -28.33 -18.22
CA ASP B 125 20.15 -27.33 -18.81
C ASP B 125 20.60 -25.97 -18.32
N MSE B 126 21.05 -25.95 -17.06
CA MSE B 126 21.54 -24.74 -16.44
C MSE B 126 22.79 -24.25 -17.15
O MSE B 126 22.92 -23.07 -17.45
CB MSE B 126 21.85 -25.01 -14.98
CG MSE B 126 21.00 -24.25 -14.01
SE MSE B 126 21.49 -24.68 -12.20
CE MSE B 126 19.93 -25.70 -11.76
N MSE B 127 23.74 -25.15 -17.41
CA MSE B 127 24.95 -24.72 -18.08
C MSE B 127 24.68 -24.34 -19.55
O MSE B 127 25.41 -23.53 -20.11
CB MSE B 127 26.07 -25.77 -17.95
CG MSE B 127 25.74 -27.21 -18.27
SE MSE B 127 27.03 -28.43 -17.41
CE MSE B 127 28.55 -28.17 -18.56
N ARG B 128 23.61 -24.87 -20.13
CA ARG B 128 23.23 -24.55 -21.51
C ARG B 128 22.67 -23.14 -21.63
N ALA B 129 21.95 -22.71 -20.61
CA ALA B 129 21.37 -21.38 -20.61
C ALA B 129 22.47 -20.35 -20.34
N LYS B 130 23.40 -20.70 -19.45
CA LYS B 130 24.49 -19.80 -19.14
C LYS B 130 25.32 -19.55 -20.41
N LEU B 131 25.54 -20.60 -21.20
CA LEU B 131 26.30 -20.46 -22.44
C LEU B 131 25.60 -19.50 -23.39
N LEU B 132 24.28 -19.67 -23.55
CA LEU B 132 23.50 -18.79 -24.42
C LEU B 132 23.51 -17.38 -23.86
N GLU B 133 23.54 -17.28 -22.54
CA GLU B 133 23.58 -15.98 -21.88
C GLU B 133 24.86 -15.25 -22.22
N TRP B 134 25.92 -16.01 -22.50
CA TRP B 134 27.21 -15.39 -22.83
C TRP B 134 27.38 -15.17 -24.34
N GLY B 135 26.32 -15.40 -25.10
CA GLY B 135 26.40 -15.22 -26.53
C GLY B 135 26.80 -16.46 -27.29
N ILE B 136 27.30 -17.46 -26.56
CA ILE B 136 27.71 -18.71 -27.19
C ILE B 136 26.45 -19.46 -27.59
N GLN B 137 26.34 -19.78 -28.88
CA GLN B 137 25.17 -20.48 -29.37
C GLN B 137 25.51 -21.52 -30.44
N ASP B 138 26.62 -22.21 -30.25
CA ASP B 138 27.08 -23.24 -31.17
C ASP B 138 27.60 -24.43 -30.35
N ALA B 139 27.37 -24.39 -29.06
CA ALA B 139 27.82 -25.40 -28.13
C ALA B 139 26.88 -26.60 -27.98
N THR B 140 27.45 -27.69 -27.49
CA THR B 140 26.72 -28.93 -27.24
C THR B 140 27.06 -29.38 -25.83
N VAL B 141 26.07 -29.53 -24.97
CA VAL B 141 26.33 -29.99 -23.59
C VAL B 141 25.42 -31.13 -23.15
N VAL B 142 26.02 -32.26 -22.78
CA VAL B 142 25.26 -33.42 -22.36
C VAL B 142 25.58 -33.85 -20.93
N ASN B 143 26.78 -33.53 -20.45
CA ASN B 143 27.15 -33.86 -19.08
C ASN B 143 28.04 -32.78 -18.50
N THR B 144 28.16 -32.77 -17.17
CA THR B 144 28.92 -31.77 -16.45
C THR B 144 30.42 -32.09 -16.29
N THR B 145 30.83 -33.29 -16.68
CA THR B 145 32.22 -33.68 -16.51
C THR B 145 33.16 -33.52 -17.71
N GLY B 146 32.67 -33.89 -18.88
CA GLY B 146 33.51 -33.79 -20.07
C GLY B 146 33.93 -35.17 -20.54
N LEU B 147 33.27 -36.19 -19.98
CA LEU B 147 33.51 -37.58 -20.33
C LEU B 147 32.66 -37.88 -21.55
N ASN B 148 32.83 -39.07 -22.11
CA ASN B 148 32.03 -39.49 -23.26
C ASN B 148 30.85 -40.24 -22.64
N ASN B 149 29.68 -40.13 -23.25
CA ASN B 149 28.51 -40.81 -22.67
C ASN B 149 28.70 -42.30 -22.40
N GLU B 150 29.49 -42.98 -23.24
CA GLU B 150 29.74 -44.42 -23.06
C GLU B 150 30.15 -44.73 -21.62
N THR B 151 30.96 -43.86 -21.05
CA THR B 151 31.46 -44.00 -19.68
C THR B 151 30.37 -43.92 -18.61
N LEU B 152 29.34 -43.12 -18.87
CA LEU B 152 28.25 -42.93 -17.91
C LEU B 152 27.21 -44.03 -17.96
N GLY B 153 27.23 -44.83 -19.02
CA GLY B 153 26.25 -45.89 -19.14
C GLY B 153 24.87 -45.31 -19.40
N ASP B 154 23.95 -45.51 -18.46
CA ASP B 154 22.58 -44.99 -18.61
C ASP B 154 22.36 -43.70 -17.82
N ASN B 155 23.43 -43.18 -17.23
CA ASN B 155 23.35 -41.93 -16.48
C ASN B 155 23.59 -40.78 -17.43
N ILE B 156 23.01 -40.87 -18.62
CA ILE B 156 23.18 -39.84 -19.62
C ILE B 156 21.95 -38.95 -19.71
N TYR B 157 22.09 -37.84 -20.41
CA TYR B 157 21.02 -36.87 -20.58
C TYR B 157 19.93 -37.35 -21.54
N PRO B 158 18.66 -37.18 -21.17
CA PRO B 158 17.50 -37.60 -21.97
C PRO B 158 17.62 -37.23 -23.44
N GLY B 159 17.66 -38.24 -24.30
CA GLY B 159 17.77 -38.01 -25.72
C GLY B 159 19.17 -37.99 -26.29
N SER B 160 20.16 -37.73 -25.45
CA SER B 160 21.55 -37.68 -25.92
C SER B 160 22.02 -39.04 -26.41
N LYS B 161 22.91 -39.03 -27.39
CA LYS B 161 23.48 -40.25 -27.95
C LYS B 161 24.46 -40.85 -26.95
N LYS B 162 24.60 -42.17 -26.97
CA LYS B 162 25.49 -42.85 -26.05
C LYS B 162 26.98 -42.61 -26.28
N ASP B 163 27.32 -41.93 -27.37
CA ASP B 163 28.73 -41.63 -27.65
C ASP B 163 28.98 -40.13 -27.76
N GLU B 164 28.03 -39.33 -27.27
CA GLU B 164 28.17 -37.88 -27.33
C GLU B 164 29.14 -37.32 -26.30
N GLU B 165 29.74 -36.20 -26.66
CA GLU B 165 30.69 -35.49 -25.81
C GLU B 165 30.36 -34.01 -25.91
N ASN B 166 30.73 -33.24 -24.90
CA ASN B 166 30.47 -31.81 -24.97
C ASN B 166 31.38 -31.21 -26.02
N LYS B 167 30.85 -30.23 -26.75
CA LYS B 167 31.62 -29.57 -27.78
C LYS B 167 31.50 -28.06 -27.68
N LEU B 168 32.63 -27.39 -27.86
CA LEU B 168 32.71 -25.94 -27.84
C LEU B 168 33.83 -25.59 -28.80
N SER B 169 33.92 -24.33 -29.21
CA SER B 169 34.98 -23.93 -30.11
C SER B 169 36.09 -23.29 -29.27
N ALA B 170 37.30 -23.24 -29.82
CA ALA B 170 38.40 -22.64 -29.08
C ALA B 170 37.90 -21.26 -28.62
N TYR B 171 37.20 -20.55 -29.51
CA TYR B 171 36.62 -19.23 -29.26
C TYR B 171 35.68 -19.26 -28.04
N ASP B 172 34.70 -20.16 -28.07
CA ASP B 172 33.76 -20.31 -26.97
C ASP B 172 34.48 -20.51 -25.65
N VAL B 173 35.34 -21.53 -25.59
CA VAL B 173 36.13 -21.83 -24.40
C VAL B 173 36.78 -20.56 -23.86
N ALA B 174 37.43 -19.79 -24.74
CA ALA B 174 38.09 -18.54 -24.34
C ALA B 174 37.13 -17.67 -23.53
N ILE B 175 35.90 -17.50 -24.05
CA ILE B 175 34.89 -16.70 -23.39
C ILE B 175 34.60 -17.22 -21.98
N VAL B 176 34.30 -18.51 -21.88
CA VAL B 176 34.00 -19.14 -20.59
C VAL B 176 35.15 -18.83 -19.63
N ALA B 177 36.37 -19.10 -20.10
CA ALA B 177 37.59 -18.88 -19.33
C ALA B 177 37.69 -17.44 -18.85
N ARG B 178 37.48 -16.50 -19.78
CA ARG B 178 37.55 -15.09 -19.46
C ARG B 178 36.46 -14.72 -18.46
N ASN B 179 35.23 -15.12 -18.73
CA ASN B 179 34.13 -14.80 -17.83
C ASN B 179 34.40 -15.33 -16.45
N LEU B 180 34.88 -16.58 -16.37
CA LEU B 180 35.16 -17.19 -15.09
C LEU B 180 36.22 -16.41 -14.28
N ILE B 181 37.33 -16.08 -14.94
CA ILE B 181 38.43 -15.38 -14.26
C ILE B 181 38.14 -13.93 -13.91
N LYS B 182 37.22 -13.29 -14.61
CA LYS B 182 36.93 -11.90 -14.29
C LYS B 182 35.93 -11.77 -13.15
N LYS B 183 34.91 -12.61 -13.17
CA LYS B 183 33.87 -12.59 -12.13
C LYS B 183 34.34 -13.29 -10.87
N TYR B 184 35.09 -14.38 -11.05
CA TYR B 184 35.57 -15.15 -9.91
C TYR B 184 37.08 -15.38 -9.93
N PRO B 185 37.85 -14.32 -9.65
CA PRO B 185 39.32 -14.43 -9.64
C PRO B 185 39.86 -15.48 -8.67
N GLN B 186 39.10 -15.80 -7.61
CA GLN B 186 39.56 -16.77 -6.61
C GLN B 186 39.86 -18.13 -7.19
N VAL B 187 39.16 -18.50 -8.25
CA VAL B 187 39.38 -19.81 -8.84
C VAL B 187 40.87 -20.05 -9.11
N LEU B 188 41.61 -18.98 -9.38
CA LEU B 188 43.04 -19.10 -9.65
C LEU B 188 43.87 -19.57 -8.46
N GLU B 189 43.42 -19.25 -7.26
CA GLU B 189 44.13 -19.67 -6.05
C GLU B 189 44.08 -21.19 -5.92
N ILE B 190 43.18 -21.81 -6.67
CA ILE B 190 43.03 -23.25 -6.65
C ILE B 190 43.77 -23.88 -7.84
N THR B 191 43.45 -23.45 -9.07
CA THR B 191 44.12 -24.01 -10.24
C THR B 191 45.62 -23.80 -10.17
N LYS B 192 46.03 -22.82 -9.38
CA LYS B 192 47.43 -22.47 -9.19
C LYS B 192 48.21 -23.59 -8.47
N LYS B 193 47.49 -24.44 -7.75
CA LYS B 193 48.11 -25.50 -6.98
C LYS B 193 48.63 -26.71 -7.74
N PRO B 194 49.89 -27.09 -7.50
CA PRO B 194 50.54 -28.24 -8.13
C PRO B 194 49.98 -29.50 -7.47
N SER B 195 49.70 -29.40 -6.18
CA SER B 195 49.14 -30.50 -5.42
C SER B 195 48.24 -29.93 -4.34
N SER B 196 47.36 -30.75 -3.78
CA SER B 196 46.47 -30.30 -2.73
C SER B 196 45.90 -31.50 -2.00
N THR B 197 44.88 -31.26 -1.18
CA THR B 197 44.28 -32.34 -0.40
C THR B 197 42.78 -32.52 -0.60
N PHE B 198 42.37 -33.78 -0.68
CA PHE B 198 41.02 -34.32 -0.76
C PHE B 198 40.80 -35.40 0.29
N ALA B 199 40.26 -34.93 1.43
CA ALA B 199 39.88 -35.82 2.52
C ALA B 199 41.06 -36.50 3.24
N GLY B 200 42.10 -35.69 3.50
CA GLY B 200 43.35 -36.25 3.98
C GLY B 200 44.01 -37.12 2.91
N MSE B 201 43.72 -37.74 1.77
CA MSE B 201 44.75 -37.97 0.74
C MSE B 201 45.17 -36.76 -0.08
O MSE B 201 44.43 -35.77 -0.19
CB MSE B 201 44.30 -39.09 -0.19
CG MSE B 201 43.11 -38.73 -1.07
SE MSE B 201 42.42 -40.31 -1.96
CE MSE B 201 43.93 -40.76 -3.08
N THR B 202 46.36 -36.85 -0.65
CA THR B 202 46.92 -35.80 -1.48
C THR B 202 46.57 -35.99 -2.95
N ILE B 203 46.25 -34.89 -3.62
CA ILE B 203 45.90 -34.92 -5.03
C ILE B 203 46.87 -34.04 -5.84
N THR B 204 47.23 -34.53 -7.02
CA THR B 204 48.18 -33.84 -7.91
C THR B 204 47.45 -33.13 -9.04
N SER B 205 48.00 -32.01 -9.48
CA SER B 205 47.38 -31.27 -10.57
C SER B 205 47.67 -31.96 -11.89
N THR B 206 46.86 -31.62 -12.90
CA THR B 206 47.02 -32.18 -14.24
C THR B 206 47.69 -31.13 -15.10
N ASN B 207 47.92 -29.96 -14.51
CA ASN B 207 48.55 -28.82 -15.19
C ASN B 207 50.07 -28.93 -15.00
N TYR B 208 50.76 -29.40 -16.03
CA TYR B 208 52.21 -29.58 -15.96
C TYR B 208 53.00 -28.31 -16.18
N MSE B 209 52.34 -27.16 -16.07
CA MSE B 209 53.02 -25.90 -16.25
C MSE B 209 53.12 -25.08 -14.98
O MSE B 209 53.62 -23.96 -14.99
CB MSE B 209 52.32 -25.09 -17.34
CG MSE B 209 52.45 -25.73 -18.71
SE MSE B 209 51.94 -24.57 -20.15
CE MSE B 209 53.66 -23.78 -20.52
N LEU B 210 52.65 -25.66 -13.88
CA LEU B 210 52.69 -24.97 -12.60
C LEU B 210 54.06 -25.18 -11.94
N GLU B 211 54.32 -24.47 -10.85
CA GLU B 211 55.59 -24.58 -10.15
C GLU B 211 55.92 -26.01 -9.79
N GLY B 212 57.19 -26.38 -9.96
CA GLY B 212 57.66 -27.73 -9.63
C GLY B 212 57.17 -28.85 -10.54
N MSE B 213 56.54 -28.49 -11.65
CA MSE B 213 56.02 -29.50 -12.56
C MSE B 213 56.89 -29.71 -13.81
O MSE B 213 57.70 -28.86 -14.17
CB MSE B 213 54.59 -29.12 -12.95
CG MSE B 213 53.61 -29.16 -11.79
SE MSE B 213 53.12 -30.96 -11.31
CE MSE B 213 52.70 -30.69 -9.47
N PRO B 214 56.72 -30.86 -14.49
CA PRO B 214 57.47 -31.23 -15.69
C PRO B 214 57.71 -30.13 -16.73
N ALA B 215 56.64 -29.47 -17.17
CA ALA B 215 56.74 -28.42 -18.17
C ALA B 215 56.55 -27.00 -17.61
N TYR B 216 56.99 -26.77 -16.38
CA TYR B 216 56.88 -25.48 -15.73
C TYR B 216 57.17 -24.27 -16.63
N ARG B 217 56.39 -23.21 -16.44
CA ARG B 217 56.52 -21.98 -17.20
C ARG B 217 56.18 -20.81 -16.28
N GLY B 218 57.19 -20.11 -15.78
CA GLY B 218 56.95 -18.99 -14.90
C GLY B 218 55.79 -18.15 -15.37
N GLY B 219 54.93 -17.76 -14.43
CA GLY B 219 53.78 -16.93 -14.75
C GLY B 219 52.47 -17.70 -14.93
N PHE B 220 52.55 -19.02 -14.99
CA PHE B 220 51.31 -19.79 -15.20
C PHE B 220 50.63 -20.08 -13.86
N ASP B 221 49.30 -20.04 -13.86
CA ASP B 221 48.54 -20.50 -12.68
C ASP B 221 47.13 -20.88 -13.10
N GLY B 222 47.01 -21.27 -14.37
CA GLY B 222 45.67 -21.12 -14.95
C GLY B 222 45.10 -22.34 -15.69
N LEU B 223 43.86 -22.69 -15.29
CA LEU B 223 42.61 -23.12 -15.88
C LEU B 223 42.63 -24.66 -15.93
N LYS B 224 42.62 -25.29 -17.13
CA LYS B 224 42.57 -26.76 -17.03
C LYS B 224 42.66 -27.60 -18.33
N THR B 225 43.26 -28.81 -18.16
CA THR B 225 43.34 -29.79 -19.23
C THR B 225 42.03 -30.53 -19.37
N GLY B 226 42.12 -31.27 -20.47
CA GLY B 226 41.03 -32.12 -20.89
C GLY B 226 41.55 -33.11 -21.91
N THR B 227 41.19 -34.38 -21.74
CA THR B 227 41.65 -35.39 -22.67
C THR B 227 40.57 -36.41 -23.01
N THR B 228 40.50 -36.75 -24.29
CA THR B 228 39.53 -37.70 -24.81
C THR B 228 39.97 -38.07 -26.22
N ASP B 229 39.71 -39.31 -26.63
CA ASP B 229 40.11 -39.74 -27.95
C ASP B 229 39.72 -38.71 -29.03
N LYS B 230 38.54 -38.12 -28.90
CA LYS B 230 38.09 -37.15 -29.89
C LYS B 230 38.55 -35.71 -29.65
N ALA B 231 38.76 -35.35 -28.38
CA ALA B 231 39.25 -34.02 -28.06
C ALA B 231 40.68 -34.17 -27.58
N GLY B 232 41.52 -34.80 -28.41
CA GLY B 232 42.92 -35.05 -28.09
C GLY B 232 43.49 -34.50 -26.78
N GLU B 233 44.75 -34.05 -26.83
CA GLU B 233 45.38 -33.49 -25.65
C GLU B 233 45.16 -31.98 -25.69
N SER B 234 44.08 -31.53 -25.02
CA SER B 234 43.69 -30.14 -24.97
C SER B 234 44.06 -29.47 -23.66
N PHE B 235 44.16 -28.13 -23.68
CA PHE B 235 44.51 -27.39 -22.48
C PHE B 235 44.13 -25.92 -22.55
N VAL B 236 43.53 -25.42 -21.47
CA VAL B 236 43.16 -24.01 -21.37
C VAL B 236 44.14 -23.47 -20.35
N GLY B 237 44.96 -22.50 -20.75
CA GLY B 237 45.93 -21.95 -19.83
C GLY B 237 45.81 -20.46 -19.59
N THR B 238 46.40 -20.01 -18.48
CA THR B 238 46.40 -18.60 -18.14
C THR B 238 47.68 -18.25 -17.38
N THR B 239 48.36 -17.22 -17.86
CA THR B 239 49.60 -16.77 -17.27
C THR B 239 49.69 -15.25 -17.38
N VAL B 240 50.78 -14.72 -16.81
CA VAL B 240 51.08 -13.31 -16.82
C VAL B 240 52.55 -13.26 -17.18
N GLU B 241 52.84 -12.57 -18.27
CA GLU B 241 54.17 -12.54 -18.81
C GLU B 241 54.41 -11.26 -19.56
N LYS B 242 55.50 -10.63 -19.19
CA LYS B 242 55.68 -9.22 -19.52
C LYS B 242 54.55 -8.30 -19.03
N GLY B 243 53.83 -8.75 -17.95
CA GLY B 243 52.84 -7.90 -17.27
C GLY B 243 51.42 -7.92 -17.91
N MSE B 244 51.35 -8.88 -18.83
CA MSE B 244 50.08 -9.12 -19.50
C MSE B 244 49.46 -10.49 -19.18
O MSE B 244 50.13 -11.52 -19.27
CB MSE B 244 50.26 -8.97 -21.02
CG MSE B 244 49.00 -9.11 -21.85
SE MSE B 244 49.27 -8.62 -23.70
CE MSE B 244 49.74 -10.34 -24.41
N ARG B 245 48.19 -10.50 -18.79
CA ARG B 245 47.50 -11.76 -18.48
C ARG B 245 46.87 -12.29 -19.76
N VAL B 246 47.30 -13.47 -20.18
CA VAL B 246 46.79 -14.06 -21.40
C VAL B 246 46.03 -15.34 -21.11
N ILE B 247 45.02 -15.60 -21.93
CA ILE B 247 44.23 -16.82 -21.81
C ILE B 247 44.53 -17.61 -23.06
N THR B 248 45.06 -18.81 -22.83
CA THR B 248 45.47 -19.72 -23.88
C THR B 248 44.51 -20.87 -24.05
N VAL B 249 44.22 -21.23 -25.30
CA VAL B 249 43.33 -22.35 -25.55
C VAL B 249 43.89 -23.22 -26.67
N VAL B 250 44.39 -24.38 -26.31
CA VAL B 250 44.95 -25.39 -27.20
C VAL B 250 44.06 -26.62 -27.18
N LEU B 251 43.23 -26.75 -28.24
CA LEU B 251 42.42 -27.93 -28.41
C LEU B 251 43.27 -28.94 -29.15
N ASN B 252 42.96 -30.23 -28.93
CA ASN B 252 43.75 -31.44 -29.32
C ASN B 252 45.05 -31.28 -30.16
N ALA B 253 46.14 -31.29 -29.35
CA ALA B 253 47.55 -31.18 -29.74
C ALA B 253 48.11 -32.47 -30.28
N ASP B 254 48.49 -32.38 -31.53
CA ASP B 254 48.98 -33.55 -32.24
C ASP B 254 50.36 -34.03 -31.76
N HIS B 255 50.40 -35.37 -31.64
CA HIS B 255 51.56 -36.13 -31.22
C HIS B 255 52.39 -36.58 -32.40
N PRO B 260 57.16 -34.37 -25.44
CA PRO B 260 56.69 -35.01 -24.18
C PRO B 260 55.31 -34.57 -23.81
N TYR B 261 55.33 -33.34 -23.33
CA TYR B 261 54.22 -32.60 -22.80
C TYR B 261 53.52 -31.76 -23.85
N ALA B 262 53.25 -32.45 -24.96
CA ALA B 262 52.59 -31.94 -26.18
C ALA B 262 51.73 -30.68 -26.06
N ARG B 263 50.65 -30.76 -25.27
CA ARG B 263 49.74 -29.64 -25.12
C ARG B 263 50.37 -28.46 -24.37
N PHE B 264 51.30 -28.76 -23.46
CA PHE B 264 51.98 -27.73 -22.69
C PHE B 264 53.10 -27.15 -23.55
N THR B 265 53.72 -28.01 -24.33
CA THR B 265 54.79 -27.61 -25.24
C THR B 265 54.23 -26.70 -26.32
N ALA B 266 53.06 -27.05 -26.85
CA ALA B 266 52.40 -26.26 -27.87
C ALA B 266 52.02 -24.90 -27.28
N THR B 267 51.50 -24.95 -26.06
CA THR B 267 51.09 -23.75 -25.36
C THR B 267 52.32 -22.86 -25.14
N SER B 268 53.39 -23.47 -24.66
CA SER B 268 54.63 -22.72 -24.40
C SER B 268 55.05 -22.07 -25.71
N SER B 269 55.02 -22.86 -26.78
CA SER B 269 55.37 -22.40 -28.10
C SER B 269 54.53 -21.15 -28.41
N LEU B 270 53.21 -21.27 -28.28
CA LEU B 270 52.29 -20.16 -28.52
C LEU B 270 52.69 -18.90 -27.77
N MSE B 271 52.94 -19.04 -26.47
CA MSE B 271 53.35 -17.91 -25.64
C MSE B 271 54.65 -17.26 -26.12
O MSE B 271 54.79 -16.04 -26.08
CB MSE B 271 53.50 -18.36 -24.19
CG MSE B 271 52.18 -18.61 -23.49
SE MSE B 271 51.15 -16.98 -23.26
CE MSE B 271 49.71 -17.34 -24.46
N ASP B 272 55.62 -18.07 -26.59
CA ASP B 272 56.87 -17.50 -27.11
C ASP B 272 56.49 -16.49 -28.20
N TYR B 273 55.69 -16.95 -29.15
CA TYR B 273 55.24 -16.12 -30.26
C TYR B 273 54.57 -14.86 -29.74
N ILE B 274 53.58 -15.05 -28.88
CA ILE B 274 52.83 -13.95 -28.29
C ILE B 274 53.65 -12.89 -27.57
N SER B 275 54.54 -13.32 -26.67
CA SER B 275 55.37 -12.37 -25.94
C SER B 275 56.32 -11.63 -26.83
N SER B 276 56.64 -12.19 -27.98
CA SER B 276 57.56 -11.52 -28.89
C SER B 276 56.84 -10.78 -30.02
N THR B 277 55.51 -10.79 -29.99
CA THR B 277 54.73 -10.11 -31.02
C THR B 277 53.91 -8.93 -30.49
N PHE B 278 53.51 -9.00 -29.22
CA PHE B 278 52.73 -7.92 -28.63
C PHE B 278 53.39 -7.38 -27.37
N THR B 279 52.89 -6.22 -26.93
CA THR B 279 53.42 -5.57 -25.73
C THR B 279 52.48 -4.49 -25.25
N LEU B 280 52.57 -4.18 -23.96
CA LEU B 280 51.74 -3.15 -23.34
C LEU B 280 52.47 -1.83 -23.32
N ARG B 281 52.12 -0.94 -24.24
CA ARG B 281 52.74 0.36 -24.29
C ARG B 281 51.81 1.34 -23.57
N LYS B 282 52.21 1.84 -22.41
CA LYS B 282 51.33 2.77 -21.72
C LYS B 282 51.30 4.06 -22.49
N ILE B 283 50.09 4.55 -22.75
CA ILE B 283 49.94 5.75 -23.54
C ILE B 283 49.35 6.91 -22.72
N VAL B 284 49.26 6.72 -21.41
CA VAL B 284 48.73 7.76 -20.54
C VAL B 284 49.36 7.65 -19.17
N GLN B 285 49.79 8.79 -18.62
CA GLN B 285 50.38 8.82 -17.29
C GLN B 285 49.25 8.85 -16.29
N GLN B 286 49.59 8.73 -15.00
CA GLN B 286 48.58 8.78 -13.97
C GLN B 286 48.50 10.24 -13.54
N GLY B 287 47.29 10.81 -13.54
CA GLY B 287 47.14 12.20 -13.17
C GLY B 287 47.25 13.05 -14.41
N ASP B 288 47.81 12.46 -15.45
CA ASP B 288 47.95 13.16 -16.72
C ASP B 288 46.65 13.04 -17.51
N ALA B 289 46.47 13.94 -18.47
CA ALA B 289 45.31 13.94 -19.37
C ALA B 289 45.64 13.51 -20.80
N TYR B 290 44.69 12.78 -21.43
CA TYR B 290 44.86 12.47 -22.81
C TYR B 290 44.64 13.84 -23.50
N GLN B 291 45.18 14.00 -24.70
CA GLN B 291 45.32 15.31 -25.43
C GLN B 291 44.05 16.23 -25.67
N ASP B 292 43.67 16.88 -24.54
CA ASP B 292 42.56 17.84 -24.28
C ASP B 292 41.30 17.19 -23.57
N SER B 293 41.37 16.72 -22.25
CA SER B 293 40.21 16.15 -21.42
C SER B 293 39.67 17.42 -20.71
N ILE B 306 39.14 19.21 -15.86
CA ILE B 306 40.19 18.56 -16.61
C ILE B 306 40.14 17.10 -16.28
N ALA B 307 39.61 16.30 -17.20
CA ALA B 307 39.52 14.88 -16.96
C ALA B 307 40.83 14.20 -17.32
N VAL B 308 41.49 13.63 -16.30
CA VAL B 308 42.77 12.96 -16.49
C VAL B 308 42.80 11.58 -15.82
N ALA B 309 43.46 10.64 -16.47
CA ALA B 309 43.58 9.26 -16.00
C ALA B 309 44.04 9.10 -14.55
N PRO B 310 43.32 8.26 -13.78
CA PRO B 310 43.58 7.96 -12.37
C PRO B 310 44.41 6.68 -12.15
N GLU B 311 44.92 6.13 -13.24
CA GLU B 311 45.73 4.90 -13.18
C GLU B 311 46.44 4.74 -14.53
N ASP B 312 47.75 4.50 -14.48
CA ASP B 312 48.53 4.33 -15.71
C ASP B 312 47.77 3.44 -16.69
N ILE B 313 47.45 4.00 -17.85
CA ILE B 313 46.72 3.27 -18.88
C ILE B 313 47.65 2.70 -19.95
N TYR B 314 47.54 1.40 -20.18
CA TYR B 314 48.35 0.72 -21.19
C TYR B 314 47.42 0.18 -22.29
N LEU B 315 48.01 -0.17 -23.42
CA LEU B 315 47.27 -0.73 -24.54
C LEU B 315 48.09 -1.84 -25.13
N ILE B 316 47.43 -2.83 -25.69
CA ILE B 316 48.13 -3.94 -26.30
C ILE B 316 48.56 -3.40 -27.65
N GLU B 317 49.85 -3.54 -27.94
CA GLU B 317 50.38 -3.06 -29.21
C GLU B 317 51.26 -4.09 -29.91
N ARG B 318 51.12 -4.18 -31.22
CA ARG B 318 51.93 -5.08 -32.00
C ARG B 318 53.26 -4.37 -32.12
N VAL B 319 54.36 -5.07 -31.85
CA VAL B 319 55.67 -4.46 -31.90
C VAL B 319 56.19 -4.23 -33.32
N GLY B 320 56.69 -3.02 -33.57
CA GLY B 320 57.25 -2.71 -34.88
C GLY B 320 56.16 -2.35 -35.91
N ASN B 321 54.95 -2.19 -35.41
CA ASN B 321 53.76 -1.81 -36.14
C ASN B 321 53.94 -0.33 -36.44
N GLN B 322 53.54 0.06 -37.64
CA GLN B 322 53.67 1.45 -38.07
C GLN B 322 52.69 2.25 -37.23
N SER B 323 53.36 2.88 -36.29
CA SER B 323 52.93 3.49 -35.06
C SER B 323 52.11 4.75 -34.84
N SER B 324 50.88 4.41 -34.62
CA SER B 324 49.88 5.30 -34.12
C SER B 324 48.58 4.53 -34.00
N GLN B 325 48.30 4.21 -32.75
CA GLN B 325 46.99 3.66 -32.45
C GLN B 325 46.07 4.78 -31.99
N SER B 326 44.88 4.82 -32.57
CA SER B 326 44.07 5.93 -32.23
C SER B 326 43.18 5.45 -31.11
N VAL B 327 43.78 5.36 -29.95
CA VAL B 327 43.09 4.84 -28.83
C VAL B 327 42.70 6.06 -28.08
N GLN B 328 42.36 6.93 -29.01
CA GLN B 328 42.06 8.20 -28.48
C GLN B 328 40.63 8.52 -28.80
N PHE B 329 39.72 8.20 -27.87
CA PHE B 329 38.60 9.10 -27.67
C PHE B 329 38.10 9.18 -26.24
N THR B 330 38.11 10.39 -25.66
CA THR B 330 37.35 10.52 -24.46
C THR B 330 35.98 11.16 -24.76
N PRO B 331 34.97 10.27 -24.64
CA PRO B 331 33.58 10.63 -24.64
C PRO B 331 33.18 10.97 -23.22
N ASP B 332 32.38 12.02 -23.09
CA ASP B 332 32.11 12.51 -21.76
C ASP B 332 30.70 12.15 -21.29
N VAL B 345 34.69 10.76 -12.15
CA VAL B 345 34.75 10.07 -13.42
C VAL B 345 33.75 10.68 -14.44
N VAL B 346 34.33 11.49 -15.36
CA VAL B 346 33.50 12.29 -16.27
C VAL B 346 33.77 11.89 -17.72
N GLY B 347 34.86 11.14 -17.95
CA GLY B 347 34.89 10.80 -19.36
C GLY B 347 35.39 9.38 -19.48
N HIS B 348 35.31 8.87 -20.69
CA HIS B 348 35.80 7.53 -20.97
C HIS B 348 36.90 7.58 -22.04
N LEU B 349 37.99 6.81 -21.86
CA LEU B 349 39.00 6.77 -22.92
C LEU B 349 39.02 5.43 -23.64
N THR B 350 38.52 5.44 -24.91
CA THR B 350 38.28 4.20 -25.65
C THR B 350 39.20 4.02 -26.86
N TYR B 351 39.79 2.81 -26.95
CA TYR B 351 40.69 2.50 -28.03
C TYR B 351 39.91 1.85 -29.19
N GLU B 352 40.24 2.57 -30.25
CA GLU B 352 39.70 2.26 -31.57
C GLU B 352 40.73 1.38 -32.24
N ASP B 353 40.80 0.14 -31.75
CA ASP B 353 41.74 -0.85 -32.26
C ASP B 353 41.51 -1.15 -33.74
N LYS B 354 42.55 -0.95 -34.54
CA LYS B 354 42.49 -1.18 -35.97
C LYS B 354 43.37 -2.34 -36.39
N ASP B 355 43.94 -3.04 -35.41
CA ASP B 355 44.79 -4.18 -35.71
C ASP B 355 44.10 -5.43 -35.18
N LEU B 356 43.01 -5.81 -35.82
CA LEU B 356 42.24 -6.96 -35.40
C LEU B 356 42.69 -8.28 -35.98
N ILE B 357 42.86 -9.25 -35.09
CA ILE B 357 43.30 -10.60 -35.45
C ILE B 357 42.09 -11.53 -35.39
N GLY B 358 41.85 -12.29 -36.45
CA GLY B 358 40.70 -13.17 -36.46
C GLY B 358 39.45 -12.30 -36.44
N GLN B 359 38.57 -12.51 -35.46
CA GLN B 359 37.33 -11.75 -35.36
C GLN B 359 37.54 -10.48 -34.54
N GLY B 360 38.80 -10.23 -34.15
CA GLY B 360 39.13 -9.05 -33.37
C GLY B 360 39.07 -9.27 -31.88
N TYR B 361 37.86 -9.41 -31.37
CA TYR B 361 37.62 -9.64 -29.95
C TYR B 361 36.58 -10.73 -29.70
N ILE B 362 36.66 -11.39 -28.54
CA ILE B 362 35.69 -12.43 -28.19
C ILE B 362 34.52 -11.75 -27.47
N THR B 363 34.59 -10.42 -27.39
CA THR B 363 33.56 -9.62 -26.75
C THR B 363 33.16 -8.51 -27.71
N THR B 364 32.09 -7.79 -27.40
CA THR B 364 31.65 -6.75 -28.30
C THR B 364 32.18 -5.40 -27.84
N GLU B 365 32.69 -5.39 -26.62
CA GLU B 365 33.24 -4.18 -26.01
C GLU B 365 34.70 -3.93 -26.37
N ARG B 366 35.09 -2.66 -26.31
CA ARG B 366 36.45 -2.25 -26.61
C ARG B 366 37.05 -1.56 -25.42
N PRO B 367 38.38 -1.63 -25.26
CA PRO B 367 39.06 -0.99 -24.14
C PRO B 367 38.64 0.46 -23.89
N SER B 368 38.08 0.70 -22.71
CA SER B 368 37.63 2.02 -22.29
C SER B 368 38.18 2.21 -20.87
N PHE B 369 38.78 3.36 -20.61
CA PHE B 369 39.36 3.61 -19.30
C PHE B 369 38.81 4.87 -18.64
N GLU B 370 38.35 4.73 -17.40
CA GLU B 370 37.82 5.85 -16.66
C GLU B 370 38.80 7.02 -16.66
N MSE B 371 38.27 8.23 -16.66
CA MSE B 371 39.09 9.44 -16.66
C MSE B 371 38.46 10.40 -15.66
O MSE B 371 37.65 11.25 -16.02
CB MSE B 371 39.10 10.07 -18.05
CG MSE B 371 39.81 9.25 -19.10
SE MSE B 371 41.72 9.28 -18.88
CE MSE B 371 42.19 10.56 -20.26
N VAL B 372 38.85 10.28 -14.39
CA VAL B 372 38.30 11.13 -13.35
C VAL B 372 38.75 12.59 -13.47
N ALA B 373 37.95 13.51 -12.93
CA ALA B 373 38.27 14.94 -12.97
C ALA B 373 39.11 15.30 -11.74
N ASP B 374 40.17 16.08 -11.96
CA ASP B 374 41.09 16.46 -10.87
C ASP B 374 40.89 17.83 -10.23
N LYS B 375 39.67 18.10 -9.77
CA LYS B 375 39.33 19.36 -9.12
C LYS B 375 37.86 19.27 -8.74
N LYS B 376 37.39 20.23 -7.95
CA LYS B 376 35.99 20.26 -7.55
C LYS B 376 35.39 21.61 -7.93
N PHE C 10 -46.57 17.79 41.80
CA PHE C 10 -45.96 16.49 41.44
C PHE C 10 -44.96 16.00 42.46
N THR C 11 -45.11 14.74 42.85
CA THR C 11 -44.20 14.10 43.80
C THR C 11 -43.84 12.74 43.19
N ILE C 12 -42.56 12.40 43.24
CA ILE C 12 -42.11 11.14 42.68
C ILE C 12 -42.33 10.00 43.67
N ALA C 13 -42.73 8.85 43.15
CA ALA C 13 -42.99 7.67 43.97
C ALA C 13 -41.67 7.05 44.48
N ALA C 14 -40.84 7.88 45.09
CA ALA C 14 -39.55 7.43 45.61
C ALA C 14 -39.22 8.21 46.88
N LYS C 15 -38.27 7.69 47.66
CA LYS C 15 -37.86 8.33 48.91
C LYS C 15 -36.88 9.48 48.71
N HIS C 16 -36.06 9.38 47.65
CA HIS C 16 -35.07 10.41 47.34
C HIS C 16 -34.91 10.51 45.84
N ALA C 17 -34.79 11.73 45.32
CA ALA C 17 -34.64 11.91 43.89
C ALA C 17 -34.12 13.29 43.54
N ILE C 18 -33.66 13.44 42.31
CA ILE C 18 -33.16 14.72 41.83
C ILE C 18 -32.91 14.62 40.34
N ALA C 19 -33.23 15.68 39.63
CA ALA C 19 -33.01 15.70 38.19
C ALA C 19 -32.22 16.94 37.85
N VAL C 20 -31.28 16.81 36.92
CA VAL C 20 -30.47 17.94 36.50
C VAL C 20 -30.21 17.89 35.01
N GLU C 21 -30.03 19.06 34.41
CA GLU C 21 -29.75 19.09 33.00
C GLU C 21 -28.23 18.91 32.95
N ALA C 22 -27.83 17.77 32.41
CA ALA C 22 -26.43 17.37 32.30
C ALA C 22 -25.40 18.47 32.09
N ASN C 23 -25.48 19.14 30.95
CA ASN C 23 -24.51 20.17 30.61
C ASN C 23 -24.23 21.27 31.63
N THR C 24 -25.27 21.89 32.17
CA THR C 24 -25.06 22.97 33.14
C THR C 24 -25.22 22.58 34.61
N GLY C 25 -25.76 21.39 34.85
CA GLY C 25 -25.94 20.94 36.22
C GLY C 25 -27.06 21.67 36.93
N LYS C 26 -27.97 22.25 36.17
CA LYS C 26 -29.11 22.96 36.74
C LYS C 26 -30.15 21.96 37.25
N ILE C 27 -30.49 22.08 38.53
CA ILE C 27 -31.48 21.20 39.15
C ILE C 27 -32.88 21.54 38.63
N LEU C 28 -33.61 20.52 38.17
CA LEU C 28 -34.96 20.70 37.65
C LEU C 28 -36.00 20.15 38.63
N TYR C 29 -35.58 19.17 39.43
CA TYR C 29 -36.47 18.55 40.40
C TYR C 29 -35.69 17.93 41.55
N GLU C 30 -36.25 17.97 42.74
CA GLU C 30 -35.59 17.39 43.89
C GLU C 30 -36.57 16.98 44.99
N LYS C 31 -36.17 15.97 45.75
CA LYS C 31 -36.93 15.44 46.85
C LYS C 31 -35.94 14.78 47.80
N ASP C 32 -35.63 15.47 48.90
CA ASP C 32 -34.69 14.98 49.89
C ASP C 32 -33.42 14.50 49.19
N ALA C 33 -32.84 15.39 48.38
CA ALA C 33 -31.64 15.07 47.62
C ALA C 33 -30.30 15.24 48.35
N THR C 34 -30.31 15.83 49.55
CA THR C 34 -29.06 16.04 50.27
C THR C 34 -28.76 15.08 51.41
N GLN C 35 -29.68 14.16 51.68
CA GLN C 35 -29.41 13.20 52.75
C GLN C 35 -28.63 12.00 52.19
N PRO C 36 -27.47 11.69 52.78
CA PRO C 36 -26.70 10.54 52.29
C PRO C 36 -27.40 9.22 52.60
N VAL C 37 -27.57 8.38 51.58
CA VAL C 37 -28.23 7.08 51.77
C VAL C 37 -27.56 6.00 50.92
N GLU C 38 -27.88 4.73 51.20
CA GLU C 38 -27.32 3.63 50.43
C GLU C 38 -27.73 3.79 48.97
N ILE C 39 -26.80 3.55 48.07
CA ILE C 39 -27.06 3.70 46.63
C ILE C 39 -26.72 2.39 45.94
N ALA C 40 -26.22 1.44 46.72
CA ALA C 40 -25.85 0.12 46.23
C ALA C 40 -25.03 0.19 44.95
N SER C 41 -25.42 -0.64 43.99
CA SER C 41 -24.74 -0.77 42.70
C SER C 41 -24.45 0.50 41.91
N ILE C 42 -24.97 1.64 42.36
CA ILE C 42 -24.69 2.89 41.67
C ILE C 42 -23.25 3.29 42.02
N THR C 43 -22.68 2.61 43.01
CA THR C 43 -21.29 2.86 43.44
C THR C 43 -20.36 2.63 42.24
N LYS C 44 -20.75 1.69 41.39
CA LYS C 44 -19.96 1.36 40.20
C LYS C 44 -19.68 2.54 39.27
N LEU C 45 -20.47 3.60 39.37
CA LEU C 45 -20.24 4.78 38.53
C LEU C 45 -18.97 5.46 38.98
N ILE C 46 -18.72 5.45 40.29
CA ILE C 46 -17.51 6.07 40.79
C ILE C 46 -16.34 5.20 40.35
N THR C 47 -16.54 3.88 40.42
CA THR C 47 -15.50 2.92 40.03
C THR C 47 -15.15 3.10 38.56
N VAL C 48 -16.17 3.06 37.71
CA VAL C 48 -15.97 3.21 36.27
C VAL C 48 -15.20 4.46 35.90
N TYR C 49 -15.46 5.56 36.61
CA TYR C 49 -14.75 6.81 36.33
C TYR C 49 -13.25 6.65 36.50
N LEU C 50 -12.84 6.03 37.61
CA LEU C 50 -11.42 5.82 37.87
C LEU C 50 -10.78 4.87 36.85
N VAL C 51 -11.64 4.06 36.20
CA VAL C 51 -11.19 3.13 35.18
C VAL C 51 -10.88 3.92 33.90
N TYR C 52 -11.78 4.84 33.56
CA TYR C 52 -11.62 5.68 32.37
C TYR C 52 -10.45 6.65 32.57
N GLU C 53 -10.22 7.03 33.83
CA GLU C 53 -9.14 7.95 34.17
C GLU C 53 -7.82 7.23 33.97
N ALA C 54 -7.72 6.03 34.54
CA ALA C 54 -6.50 5.25 34.40
C ALA C 54 -6.32 4.90 32.93
N LEU C 55 -7.42 4.71 32.20
CA LEU C 55 -7.32 4.40 30.78
C LEU C 55 -6.74 5.61 30.07
N GLU C 56 -7.17 6.80 30.50
CA GLU C 56 -6.69 8.04 29.92
C GLU C 56 -5.21 8.24 30.23
N ASN C 57 -4.83 8.05 31.50
CA ASN C 57 -3.45 8.22 31.93
C ASN C 57 -2.51 7.30 31.16
N GLY C 58 -2.98 6.10 30.82
CA GLY C 58 -2.18 5.15 30.08
C GLY C 58 -1.64 3.95 30.86
N SER C 59 -1.94 3.86 32.15
CA SER C 59 -1.45 2.74 32.95
C SER C 59 -2.12 1.41 32.59
N ILE C 60 -3.28 1.48 31.92
CA ILE C 60 -3.98 0.29 31.47
C ILE C 60 -4.58 0.61 30.13
N THR C 61 -4.98 -0.43 29.40
CA THR C 61 -5.58 -0.25 28.09
C THR C 61 -6.78 -1.16 27.95
N LEU C 62 -7.69 -0.80 27.05
CA LEU C 62 -8.89 -1.59 26.85
C LEU C 62 -8.63 -3.08 26.66
N SER C 63 -7.47 -3.45 26.11
CA SER C 63 -7.19 -4.87 25.89
C SER C 63 -6.24 -5.50 26.91
N THR C 64 -5.99 -4.78 28.00
CA THR C 64 -5.10 -5.31 29.02
C THR C 64 -5.69 -6.52 29.76
N PRO C 65 -4.96 -7.64 29.78
CA PRO C 65 -5.41 -8.86 30.46
C PRO C 65 -5.47 -8.61 31.97
N VAL C 66 -6.60 -8.92 32.60
CA VAL C 66 -6.76 -8.73 34.03
C VAL C 66 -7.07 -10.04 34.74
N ASP C 67 -6.32 -10.30 35.80
CA ASP C 67 -6.48 -11.51 36.59
C ASP C 67 -7.65 -11.40 37.56
N ILE C 68 -8.23 -12.55 37.89
CA ILE C 68 -9.36 -12.63 38.81
C ILE C 68 -8.89 -13.41 40.03
N SER C 69 -8.62 -12.71 41.13
CA SER C 69 -8.13 -13.37 42.34
C SER C 69 -9.19 -14.19 43.03
N ASP C 70 -8.80 -14.88 44.10
CA ASP C 70 -9.71 -15.74 44.87
C ASP C 70 -10.98 -15.02 45.34
N TYR C 71 -10.83 -13.85 45.93
CA TYR C 71 -11.97 -13.09 46.43
C TYR C 71 -13.03 -12.83 45.34
N PRO C 72 -12.65 -12.17 44.23
CA PRO C 72 -13.61 -11.92 43.16
C PRO C 72 -14.11 -13.21 42.51
N TYR C 73 -13.20 -14.16 42.29
CA TYR C 73 -13.54 -15.42 41.67
C TYR C 73 -14.60 -16.19 42.46
N GLN C 74 -14.41 -16.25 43.77
CA GLN C 74 -15.34 -16.98 44.62
C GLN C 74 -16.68 -16.29 44.79
N LEU C 75 -16.67 -14.97 44.65
CA LEU C 75 -17.88 -14.19 44.79
C LEU C 75 -18.89 -14.58 43.73
N THR C 76 -18.40 -15.06 42.59
CA THR C 76 -19.28 -15.44 41.50
C THR C 76 -20.18 -16.61 41.85
N THR C 77 -19.58 -17.66 42.41
CA THR C 77 -20.33 -18.86 42.76
C THR C 77 -20.86 -18.96 44.19
N ASN C 78 -19.96 -18.96 45.16
CA ASN C 78 -20.32 -19.10 46.58
C ASN C 78 -21.39 -18.16 47.14
N SER C 79 -21.76 -17.14 46.38
CA SER C 79 -22.78 -16.22 46.85
C SER C 79 -23.56 -15.61 45.71
N GLU C 80 -24.82 -15.28 45.94
CA GLU C 80 -25.61 -14.66 44.91
C GLU C 80 -25.49 -13.15 45.11
N ALA C 81 -24.86 -12.53 44.13
CA ALA C 81 -24.65 -11.10 44.08
C ALA C 81 -24.65 -10.96 42.56
N SER C 82 -25.10 -9.82 42.04
CA SER C 82 -25.11 -9.70 40.60
C SER C 82 -23.70 -9.99 40.07
N ASN C 83 -23.57 -11.05 39.30
CA ASN C 83 -22.30 -11.46 38.75
C ASN C 83 -22.51 -12.39 37.56
N ILE C 84 -21.40 -12.85 36.98
CA ILE C 84 -21.45 -13.76 35.85
C ILE C 84 -20.29 -14.75 35.95
N PRO C 85 -20.35 -15.86 35.21
CA PRO C 85 -19.28 -16.88 35.24
C PRO C 85 -17.97 -16.37 34.62
N MSE C 86 -16.89 -16.45 35.40
CA MSE C 86 -15.56 -16.03 34.94
C MSE C 86 -14.56 -17.15 35.18
O MSE C 86 -13.53 -16.96 35.82
CB MSE C 86 -15.13 -14.79 35.70
CG MSE C 86 -16.16 -13.70 35.71
SE MSE C 86 -15.53 -12.13 36.60
CE MSE C 86 -17.00 -10.97 36.22
N GLU C 87 -14.85 -18.33 34.63
CA GLU C 87 -13.99 -19.48 34.82
C GLU C 87 -12.59 -19.36 34.21
N ALA C 88 -12.45 -18.49 33.21
CA ALA C 88 -11.15 -18.31 32.57
C ALA C 88 -10.23 -17.61 33.57
N ARG C 89 -10.84 -16.88 34.50
CA ARG C 89 -10.13 -16.12 35.53
C ARG C 89 -9.07 -15.16 35.00
N ASN C 90 -9.35 -14.59 33.83
CA ASN C 90 -8.47 -13.62 33.20
C ASN C 90 -9.25 -12.98 32.06
N TYR C 91 -9.60 -11.72 32.22
CA TYR C 91 -10.36 -11.03 31.19
C TYR C 91 -9.87 -9.62 30.89
N THR C 92 -10.30 -9.12 29.75
CA THR C 92 -9.95 -7.80 29.26
C THR C 92 -10.54 -6.65 30.05
N VAL C 93 -9.85 -5.52 30.07
CA VAL C 93 -10.36 -4.36 30.79
C VAL C 93 -11.70 -4.02 30.18
N GLU C 94 -11.75 -4.01 28.85
CA GLU C 94 -12.98 -3.70 28.14
C GLU C 94 -14.07 -4.71 28.51
N GLU C 95 -13.71 -5.98 28.62
CA GLU C 95 -14.70 -6.98 28.97
C GLU C 95 -15.26 -6.73 30.36
N LEU C 96 -14.37 -6.54 31.34
CA LEU C 96 -14.79 -6.30 32.71
C LEU C 96 -15.59 -5.01 32.85
N LEU C 97 -15.17 -3.99 32.11
CA LEU C 97 -15.85 -2.72 32.17
C LEU C 97 -17.28 -2.92 31.65
N GLU C 98 -17.38 -3.66 30.57
CA GLU C 98 -18.67 -3.94 29.96
C GLU C 98 -19.55 -4.75 30.90
N ALA C 99 -18.96 -5.79 31.48
CA ALA C 99 -19.69 -6.65 32.42
C ALA C 99 -20.13 -5.84 33.64
N THR C 100 -19.37 -4.81 33.99
CA THR C 100 -19.69 -3.97 35.14
C THR C 100 -20.90 -3.08 34.88
N LEU C 101 -20.81 -2.27 33.83
CA LEU C 101 -21.87 -1.33 33.49
C LEU C 101 -23.18 -1.93 33.01
N VAL C 102 -23.11 -2.99 32.22
CA VAL C 102 -24.32 -3.61 31.71
C VAL C 102 -25.02 -4.58 32.65
N SER C 103 -24.27 -5.51 33.24
CA SER C 103 -24.85 -6.52 34.11
C SER C 103 -24.61 -6.30 35.60
N SER C 104 -23.90 -5.24 35.95
CA SER C 104 -23.64 -4.95 37.35
C SER C 104 -22.83 -6.05 38.03
N ALA C 105 -22.05 -6.80 37.25
CA ALA C 105 -21.22 -7.87 37.80
C ALA C 105 -20.21 -7.36 38.83
N ASN C 106 -20.39 -7.76 40.08
CA ASN C 106 -19.51 -7.30 41.17
C ASN C 106 -18.07 -7.80 41.11
N SER C 107 -17.84 -8.97 40.53
CA SER C 107 -16.49 -9.48 40.43
C SER C 107 -15.73 -8.75 39.35
N ALA C 108 -16.46 -8.23 38.36
CA ALA C 108 -15.83 -7.47 37.28
C ALA C 108 -15.29 -6.17 37.89
N ALA C 109 -16.13 -5.50 38.68
CA ALA C 109 -15.73 -4.27 39.31
C ALA C 109 -14.56 -4.47 40.26
N ILE C 110 -14.65 -5.49 41.11
CA ILE C 110 -13.56 -5.75 42.07
C ILE C 110 -12.23 -5.99 41.33
N ALA C 111 -12.24 -6.86 40.33
CA ALA C 111 -11.04 -7.16 39.56
C ALA C 111 -10.43 -5.91 38.91
N LEU C 112 -11.25 -4.98 38.46
CA LEU C 112 -10.72 -3.77 37.83
C LEU C 112 -10.03 -2.92 38.91
N ALA C 113 -10.67 -2.81 40.06
CA ALA C 113 -10.15 -2.05 41.17
C ALA C 113 -8.80 -2.60 41.65
N GLU C 114 -8.70 -3.93 41.71
CA GLU C 114 -7.45 -4.55 42.14
C GLU C 114 -6.37 -4.33 41.09
N LYS C 115 -6.78 -4.29 39.83
CA LYS C 115 -5.86 -4.09 38.74
C LYS C 115 -5.29 -2.67 38.79
N ILE C 116 -6.16 -1.72 39.09
CA ILE C 116 -5.79 -0.32 39.16
C ILE C 116 -5.01 0.13 40.41
N ALA C 117 -5.42 -0.35 41.58
CA ALA C 117 -4.77 0.08 42.82
C ALA C 117 -4.11 -1.01 43.65
N GLY C 118 -4.04 -2.23 43.11
CA GLY C 118 -3.42 -3.31 43.84
C GLY C 118 -4.31 -4.03 44.85
N SER C 119 -5.38 -3.39 45.28
CA SER C 119 -6.29 -4.01 46.24
C SER C 119 -7.53 -3.14 46.36
N GLU C 120 -8.68 -3.76 46.59
CA GLU C 120 -9.91 -3.01 46.72
C GLU C 120 -9.80 -1.92 47.79
N LYS C 121 -9.10 -2.20 48.89
CA LYS C 121 -8.97 -1.20 49.94
C LYS C 121 -8.30 0.07 49.40
N ASP C 122 -7.27 -0.12 48.58
CA ASP C 122 -6.59 1.04 48.03
C ASP C 122 -7.44 1.75 47.00
N PHE C 123 -8.22 0.99 46.23
CA PHE C 123 -9.07 1.63 45.23
C PHE C 123 -10.07 2.51 45.95
N VAL C 124 -10.58 2.01 47.06
CA VAL C 124 -11.54 2.76 47.86
C VAL C 124 -10.95 4.08 48.33
N ASP C 125 -9.66 4.09 48.64
CA ASP C 125 -9.02 5.32 49.08
C ASP C 125 -9.00 6.29 47.89
N MSE C 126 -8.84 5.74 46.69
CA MSE C 126 -8.82 6.56 45.50
C MSE C 126 -10.21 7.14 45.26
O MSE C 126 -10.35 8.29 44.83
CB MSE C 126 -8.39 5.74 44.27
CG MSE C 126 -6.91 5.37 44.23
SE MSE C 126 -6.46 4.41 42.61
CE MSE C 126 -7.48 5.51 41.38
N MSE C 127 -11.23 6.32 45.54
CA MSE C 127 -12.61 6.76 45.35
C MSE C 127 -12.93 7.88 46.34
O MSE C 127 -13.63 8.83 45.99
CB MSE C 127 -13.57 5.59 45.59
CG MSE C 127 -13.40 4.40 44.66
SE MSE C 127 -14.42 2.86 45.27
CE MSE C 127 -16.14 3.26 44.44
N ARG C 128 -12.45 7.74 47.56
CA ARG C 128 -12.69 8.75 48.59
C ARG C 128 -12.04 10.06 48.22
N ALA C 129 -10.83 9.99 47.65
CA ALA C 129 -10.12 11.19 47.26
C ALA C 129 -10.90 11.86 46.13
N LYS C 130 -11.33 11.05 45.16
CA LYS C 130 -12.08 11.57 44.03
C LYS C 130 -13.30 12.37 44.49
N LEU C 131 -14.16 11.73 45.29
CA LEU C 131 -15.37 12.40 45.76
C LEU C 131 -15.07 13.74 46.42
N LEU C 132 -14.04 13.77 47.26
CA LEU C 132 -13.66 15.01 47.94
C LEU C 132 -13.15 16.02 46.92
N GLU C 133 -12.45 15.51 45.91
CA GLU C 133 -11.91 16.35 44.86
C GLU C 133 -13.07 17.00 44.13
N TRP C 134 -14.17 16.27 43.99
CA TRP C 134 -15.35 16.78 43.29
C TRP C 134 -16.27 17.67 44.13
N GLY C 135 -15.90 17.95 45.37
CA GLY C 135 -16.76 18.76 46.20
C GLY C 135 -17.58 17.94 47.16
N ILE C 136 -17.91 16.71 46.77
CA ILE C 136 -18.69 15.82 47.61
C ILE C 136 -17.85 15.48 48.84
N GLN C 137 -18.39 15.72 50.02
CA GLN C 137 -17.65 15.44 51.25
C GLN C 137 -18.50 14.96 52.39
N ASP C 138 -19.54 14.21 52.07
CA ASP C 138 -20.43 13.69 53.07
C ASP C 138 -20.72 12.23 52.73
N ALA C 139 -19.85 11.65 51.91
CA ALA C 139 -20.01 10.27 51.49
C ALA C 139 -19.42 9.23 52.44
N THR C 140 -19.84 7.99 52.25
CA THR C 140 -19.35 6.86 53.03
C THR C 140 -19.04 5.72 52.06
N VAL C 141 -17.77 5.54 51.73
CA VAL C 141 -17.40 4.48 50.80
C VAL C 141 -16.55 3.45 51.52
N VAL C 142 -16.95 2.18 51.41
CA VAL C 142 -16.25 1.10 52.07
C VAL C 142 -15.84 0.02 51.08
N ASN C 143 -16.53 -0.05 49.95
CA ASN C 143 -16.18 -1.02 48.93
C ASN C 143 -16.51 -0.41 47.58
N THR C 144 -15.94 -1.00 46.53
CA THR C 144 -16.09 -0.55 45.15
C THR C 144 -17.27 -1.16 44.44
N THR C 145 -18.08 -1.92 45.17
CA THR C 145 -19.21 -2.58 44.53
C THR C 145 -20.58 -2.01 44.82
N GLY C 146 -20.83 -1.69 46.09
CA GLY C 146 -22.12 -1.19 46.47
C GLY C 146 -22.90 -2.34 47.07
N LEU C 147 -22.16 -3.37 47.51
CA LEU C 147 -22.73 -4.55 48.15
C LEU C 147 -22.69 -4.29 49.65
N ASN C 148 -23.44 -5.05 50.42
CA ASN C 148 -23.40 -4.86 51.85
C ASN C 148 -22.22 -5.68 52.33
N ASN C 149 -21.41 -5.09 53.20
CA ASN C 149 -20.23 -5.77 53.72
C ASN C 149 -20.47 -7.21 54.16
N GLU C 150 -21.61 -7.48 54.78
CA GLU C 150 -21.87 -8.83 55.24
C GLU C 150 -21.88 -9.85 54.10
N THR C 151 -21.77 -9.34 52.87
CA THR C 151 -21.74 -10.19 51.69
C THR C 151 -20.28 -10.47 51.37
N LEU C 152 -19.40 -9.59 51.84
CA LEU C 152 -17.96 -9.72 51.59
C LEU C 152 -17.26 -10.46 52.72
N GLY C 153 -18.03 -11.12 53.57
CA GLY C 153 -17.43 -11.85 54.66
C GLY C 153 -16.31 -11.08 55.35
N ASP C 154 -15.08 -11.55 55.20
CA ASP C 154 -13.94 -10.89 55.83
C ASP C 154 -13.19 -9.95 54.88
N ASN C 155 -13.63 -9.89 53.63
CA ASN C 155 -13.00 -9.02 52.64
C ASN C 155 -13.51 -7.58 52.66
N ILE C 156 -13.82 -7.07 53.86
CA ILE C 156 -14.32 -5.72 54.00
C ILE C 156 -13.20 -4.73 54.28
N TYR C 157 -13.45 -3.46 53.98
CA TYR C 157 -12.45 -2.41 54.20
C TYR C 157 -11.99 -2.49 55.66
N PRO C 158 -10.69 -2.30 55.91
CA PRO C 158 -10.13 -2.35 57.26
C PRO C 158 -10.71 -1.25 58.15
N GLY C 159 -11.59 -1.63 59.08
CA GLY C 159 -12.19 -0.64 59.96
C GLY C 159 -13.68 -0.43 59.74
N SER C 160 -14.21 -0.87 58.61
CA SER C 160 -15.63 -0.71 58.34
C SER C 160 -16.44 -1.77 59.09
N LYS C 161 -17.72 -1.50 59.28
CA LYS C 161 -18.62 -2.40 60.00
C LYS C 161 -19.05 -3.60 59.17
N LYS C 162 -19.42 -4.68 59.85
CA LYS C 162 -19.85 -5.91 59.19
C LYS C 162 -20.95 -5.64 58.16
N ASP C 163 -21.87 -4.73 58.49
CA ASP C 163 -22.97 -4.42 57.59
C ASP C 163 -23.01 -3.02 56.98
N GLU C 164 -21.85 -2.40 56.82
CA GLU C 164 -21.80 -1.07 56.22
C GLU C 164 -22.02 -1.15 54.72
N GLU C 165 -22.64 -0.10 54.17
CA GLU C 165 -22.90 0.01 52.75
C GLU C 165 -22.50 1.42 52.38
N ASN C 166 -22.13 1.63 51.12
CA ASN C 166 -21.73 2.97 50.69
C ASN C 166 -22.94 3.89 50.78
N LYS C 167 -22.69 5.16 51.07
CA LYS C 167 -23.76 6.15 51.16
C LYS C 167 -23.38 7.47 50.49
N LEU C 168 -24.27 7.92 49.60
CA LEU C 168 -24.13 9.17 48.86
C LEU C 168 -25.52 9.77 48.70
N SER C 169 -25.61 11.08 48.66
CA SER C 169 -26.92 11.72 48.50
C SER C 169 -27.27 11.79 47.01
N ALA C 170 -28.57 11.87 46.71
CA ALA C 170 -28.99 11.96 45.32
C ALA C 170 -28.24 13.12 44.67
N TYR C 171 -28.02 14.19 45.42
CA TYR C 171 -27.27 15.34 44.93
C TYR C 171 -25.87 14.86 44.54
N ASP C 172 -25.19 14.25 45.50
CA ASP C 172 -23.85 13.72 45.29
C ASP C 172 -23.80 12.79 44.09
N VAL C 173 -24.78 11.90 44.00
CA VAL C 173 -24.85 10.95 42.89
C VAL C 173 -24.97 11.67 41.55
N ALA C 174 -25.74 12.76 41.53
CA ALA C 174 -25.93 13.53 40.31
C ALA C 174 -24.59 14.12 39.86
N ILE C 175 -23.79 14.55 40.83
CA ILE C 175 -22.49 15.11 40.52
C ILE C 175 -21.67 14.03 39.81
N VAL C 176 -21.52 12.89 40.47
CA VAL C 176 -20.79 11.77 39.91
C VAL C 176 -21.25 11.51 38.47
N ALA C 177 -22.54 11.27 38.30
CA ALA C 177 -23.05 11.01 36.96
C ALA C 177 -22.65 12.10 35.98
N ARG C 178 -22.85 13.36 36.36
CA ARG C 178 -22.50 14.46 35.48
C ARG C 178 -21.01 14.44 35.12
N ASN C 179 -20.14 14.39 36.12
CA ASN C 179 -18.70 14.38 35.88
C ASN C 179 -18.26 13.21 34.98
N LEU C 180 -18.95 12.08 35.09
CA LEU C 180 -18.62 10.91 34.29
C LEU C 180 -19.00 11.14 32.82
N ILE C 181 -20.26 11.52 32.61
CA ILE C 181 -20.77 11.76 31.27
C ILE C 181 -20.00 12.84 30.51
N LYS C 182 -19.77 13.97 31.16
CA LYS C 182 -19.06 15.06 30.52
C LYS C 182 -17.62 14.69 30.12
N LYS C 183 -16.88 14.09 31.06
CA LYS C 183 -15.50 13.71 30.83
C LYS C 183 -15.29 12.48 29.93
N TYR C 184 -16.03 11.42 30.22
CA TYR C 184 -15.90 10.18 29.46
C TYR C 184 -17.21 9.80 28.78
N PRO C 185 -17.63 10.58 27.78
CA PRO C 185 -18.86 10.36 27.01
C PRO C 185 -18.99 8.95 26.45
N GLN C 186 -17.86 8.29 26.19
CA GLN C 186 -17.85 6.95 25.63
C GLN C 186 -18.67 5.97 26.44
N VAL C 187 -18.79 6.23 27.74
CA VAL C 187 -19.52 5.32 28.59
C VAL C 187 -20.97 5.07 28.15
N LEU C 188 -21.62 6.06 27.55
CA LEU C 188 -22.99 5.87 27.09
C LEU C 188 -23.07 4.80 26.00
N GLU C 189 -21.98 4.64 25.24
CA GLU C 189 -21.90 3.64 24.17
C GLU C 189 -21.96 2.22 24.75
N ILE C 190 -21.70 2.10 26.04
CA ILE C 190 -21.75 0.78 26.68
C ILE C 190 -23.09 0.63 27.38
N THR C 191 -23.42 1.59 28.23
CA THR C 191 -24.64 1.59 29.01
C THR C 191 -25.91 1.51 28.17
N LYS C 192 -25.88 2.08 26.97
CA LYS C 192 -27.06 2.08 26.11
C LYS C 192 -27.39 0.70 25.53
N LYS C 193 -26.43 -0.22 25.57
CA LYS C 193 -26.62 -1.57 25.03
C LYS C 193 -27.60 -2.43 25.83
N PRO C 194 -28.68 -2.92 25.20
CA PRO C 194 -29.66 -3.76 25.90
C PRO C 194 -29.06 -5.10 26.25
N SER C 195 -27.96 -5.42 25.57
CA SER C 195 -27.24 -6.66 25.79
C SER C 195 -25.91 -6.57 25.05
N SER C 196 -24.94 -7.36 25.49
CA SER C 196 -23.65 -7.36 24.82
C SER C 196 -23.01 -8.71 25.00
N THR C 197 -21.71 -8.76 24.77
CA THR C 197 -20.98 -10.01 24.90
C THR C 197 -19.82 -9.93 25.86
N PHE C 198 -19.74 -10.93 26.71
CA PHE C 198 -18.63 -11.13 27.66
C PHE C 198 -17.96 -12.50 27.45
N ALA C 199 -16.77 -12.44 26.81
CA ALA C 199 -15.97 -13.62 26.49
C ALA C 199 -16.75 -14.79 25.85
N GLY C 200 -17.79 -14.39 25.09
CA GLY C 200 -18.54 -15.40 24.33
C GLY C 200 -19.95 -15.65 24.92
N MSE C 201 -20.28 -15.64 26.21
CA MSE C 201 -21.67 -15.61 26.64
C MSE C 201 -22.34 -14.24 26.53
O MSE C 201 -21.67 -13.21 26.55
CB MSE C 201 -21.80 -16.11 28.08
CG MSE C 201 -21.34 -15.13 29.13
SE MSE C 201 -21.72 -15.74 30.94
CE MSE C 201 -23.52 -15.08 31.13
N THR C 202 -23.66 -14.25 26.39
CA THR C 202 -24.43 -13.04 26.27
C THR C 202 -24.78 -12.52 27.67
N ILE C 203 -24.59 -11.23 27.90
CA ILE C 203 -24.95 -10.64 29.17
C ILE C 203 -26.11 -9.69 28.85
N THR C 204 -26.91 -9.39 29.86
CA THR C 204 -28.06 -8.52 29.66
C THR C 204 -28.05 -7.32 30.60
N SER C 205 -28.48 -6.17 30.09
CA SER C 205 -28.52 -4.97 30.90
C SER C 205 -29.58 -5.03 31.98
N THR C 206 -29.36 -4.27 33.04
CA THR C 206 -30.32 -4.19 34.13
C THR C 206 -31.24 -3.01 33.82
N ASN C 207 -30.80 -2.16 32.90
CA ASN C 207 -31.54 -0.98 32.48
C ASN C 207 -32.68 -1.36 31.56
N TYR C 208 -33.91 -1.26 32.04
CA TYR C 208 -35.07 -1.63 31.24
C TYR C 208 -35.76 -0.51 30.47
N MSE C 209 -35.09 0.61 30.30
CA MSE C 209 -35.65 1.73 29.55
C MSE C 209 -34.94 1.85 28.21
O MSE C 209 -35.17 2.78 27.46
CB MSE C 209 -35.52 3.04 30.34
CG MSE C 209 -36.34 3.05 31.62
SE MSE C 209 -36.17 4.65 32.62
CE MSE C 209 -37.65 5.65 31.89
N LEU C 210 -34.08 0.88 27.93
CA LEU C 210 -33.32 0.84 26.68
C LEU C 210 -34.13 0.21 25.53
N GLU C 211 -33.54 0.24 24.35
CA GLU C 211 -34.17 -0.29 23.15
C GLU C 211 -34.61 -1.75 23.28
N GLY C 212 -35.87 -1.99 22.93
CA GLY C 212 -36.44 -3.33 22.95
C GLY C 212 -36.70 -3.95 24.31
N MSE C 213 -37.06 -3.14 25.30
CA MSE C 213 -37.28 -3.67 26.62
C MSE C 213 -38.52 -3.17 27.33
O MSE C 213 -39.06 -2.14 26.98
CB MSE C 213 -36.03 -3.43 27.45
CG MSE C 213 -34.82 -4.00 26.76
SE MSE C 213 -33.69 -4.92 27.97
CE MSE C 213 -34.50 -6.66 27.97
N PRO C 214 -38.97 -3.91 28.36
CA PRO C 214 -40.14 -3.61 29.19
C PRO C 214 -40.49 -2.16 29.45
N ALA C 215 -39.59 -1.41 30.09
CA ALA C 215 -39.89 -0.02 30.40
C ALA C 215 -39.29 0.97 29.41
N TYR C 216 -39.22 0.56 28.15
CA TYR C 216 -38.66 1.44 27.13
C TYR C 216 -39.24 2.83 27.20
N ARG C 217 -38.37 3.81 27.03
CA ARG C 217 -38.72 5.23 27.02
C ARG C 217 -37.71 5.85 26.08
N GLY C 218 -38.12 6.03 24.82
CA GLY C 218 -37.24 6.62 23.82
C GLY C 218 -36.38 7.75 24.33
N GLY C 219 -35.12 7.76 23.91
CA GLY C 219 -34.20 8.81 24.33
C GLY C 219 -33.18 8.30 25.33
N PHE C 220 -33.61 7.36 26.16
CA PHE C 220 -32.71 6.98 27.25
C PHE C 220 -31.55 6.12 26.73
N ASP C 221 -30.45 6.13 27.52
CA ASP C 221 -29.25 5.33 27.17
C ASP C 221 -28.23 5.25 28.33
N GLY C 222 -28.77 5.22 29.56
CA GLY C 222 -27.93 5.19 30.77
C GLY C 222 -28.84 5.22 32.00
N LEU C 223 -28.25 4.96 33.19
CA LEU C 223 -26.82 4.92 33.42
C LEU C 223 -26.45 3.71 34.33
N LYS C 224 -26.95 3.67 35.56
CA LYS C 224 -26.81 2.45 36.32
C LYS C 224 -27.92 2.21 37.36
N THR C 225 -28.31 0.95 37.50
CA THR C 225 -29.32 0.59 38.48
C THR C 225 -28.60 0.17 39.74
N GLY C 226 -29.38 0.00 40.80
CA GLY C 226 -28.81 -0.42 42.06
C GLY C 226 -29.91 -0.91 42.97
N THR C 227 -29.76 -2.10 43.53
CA THR C 227 -30.75 -2.63 44.44
C THR C 227 -30.13 -3.27 45.67
N THR C 228 -30.63 -2.88 46.83
CA THR C 228 -30.13 -3.41 48.08
C THR C 228 -31.22 -3.24 49.11
N ASP C 229 -31.25 -4.12 50.10
CA ASP C 229 -32.24 -4.03 51.15
C ASP C 229 -32.38 -2.58 51.60
N LYS C 230 -31.26 -1.99 51.98
CA LYS C 230 -31.24 -0.61 52.46
C LYS C 230 -31.32 0.44 51.35
N ALA C 231 -30.79 0.14 50.16
CA ALA C 231 -30.82 1.11 49.09
C ALA C 231 -32.13 1.16 48.32
N GLY C 232 -32.92 0.10 48.43
CA GLY C 232 -34.19 0.05 47.73
C GLY C 232 -33.99 0.02 46.23
N GLU C 233 -35.08 0.02 45.48
CA GLU C 233 -35.01 0.00 44.02
C GLU C 233 -34.52 1.36 43.55
N SER C 234 -33.26 1.41 43.14
CA SER C 234 -32.65 2.67 42.70
C SER C 234 -32.14 2.65 41.26
N PHE C 235 -32.03 3.82 40.66
CA PHE C 235 -31.57 3.91 39.29
C PHE C 235 -31.21 5.33 38.90
N VAL C 236 -30.05 5.47 38.26
CA VAL C 236 -29.61 6.77 37.77
C VAL C 236 -29.84 6.68 36.28
N GLY C 237 -30.70 7.54 35.75
CA GLY C 237 -30.97 7.51 34.34
C GLY C 237 -30.41 8.72 33.62
N THR C 238 -30.20 8.60 32.33
CA THR C 238 -29.72 9.71 31.52
C THR C 238 -30.43 9.62 30.18
N THR C 239 -30.93 10.75 29.70
CA THR C 239 -31.66 10.74 28.44
C THR C 239 -31.59 12.08 27.75
N VAL C 240 -32.10 12.12 26.54
CA VAL C 240 -32.14 13.35 25.78
C VAL C 240 -33.57 13.55 25.32
N GLU C 241 -34.30 14.39 26.05
CA GLU C 241 -35.68 14.68 25.70
C GLU C 241 -35.84 16.15 25.33
N LYS C 242 -36.47 16.38 24.19
CA LYS C 242 -36.71 17.72 23.69
C LYS C 242 -35.42 18.52 23.56
N GLY C 243 -34.42 17.91 22.94
CA GLY C 243 -33.15 18.57 22.72
C GLY C 243 -32.36 18.85 23.99
N MSE C 244 -32.83 18.33 25.11
CA MSE C 244 -32.14 18.54 26.37
C MSE C 244 -31.77 17.23 27.05
O MSE C 244 -32.61 16.34 27.22
CB MSE C 244 -33.02 19.38 27.28
CG MSE C 244 -32.51 19.54 28.70
SE MSE C 244 -33.53 20.86 29.66
CE MSE C 244 -35.24 19.98 29.75
N ARG C 245 -30.50 17.10 27.43
CA ARG C 245 -30.01 15.91 28.10
C ARG C 245 -30.24 16.06 29.59
N VAL C 246 -30.89 15.07 30.18
CA VAL C 246 -31.22 15.08 31.58
C VAL C 246 -30.57 13.94 32.33
N ILE C 247 -30.20 14.18 33.59
CA ILE C 247 -29.64 13.12 34.42
C ILE C 247 -30.67 12.87 35.52
N THR C 248 -31.00 11.60 35.70
CA THR C 248 -32.00 11.19 36.68
C THR C 248 -31.46 10.33 37.83
N VAL C 249 -31.88 10.68 39.05
CA VAL C 249 -31.48 9.94 40.25
C VAL C 249 -32.70 9.67 41.11
N VAL C 250 -33.05 8.40 41.21
CA VAL C 250 -34.21 7.92 41.97
C VAL C 250 -33.68 6.89 42.93
N LEU C 251 -33.64 7.26 44.20
CA LEU C 251 -33.13 6.35 45.20
C LEU C 251 -34.17 5.79 46.17
N ASN C 252 -35.39 5.95 46.04
CA ASN C 252 -35.72 4.65 46.53
C ASN C 252 -37.13 4.48 46.08
N ALA C 253 -37.29 3.72 45.01
CA ALA C 253 -38.56 3.83 44.32
C ALA C 253 -39.51 2.82 44.87
N ASP C 254 -40.71 3.35 45.12
CA ASP C 254 -41.53 2.71 46.09
C ASP C 254 -42.00 1.46 45.48
N HIS C 255 -41.79 0.35 46.17
CA HIS C 255 -42.02 -0.97 45.61
C HIS C 255 -43.47 -1.17 45.15
N GLN C 256 -43.65 -1.68 43.93
CA GLN C 256 -45.00 -1.93 43.44
C GLN C 256 -45.15 -3.42 43.22
N ASP C 257 -46.04 -4.07 43.96
CA ASP C 257 -46.23 -5.51 43.80
C ASP C 257 -46.64 -5.79 42.35
N ASN C 258 -47.26 -4.77 41.77
CA ASN C 258 -47.76 -4.74 40.39
C ASN C 258 -46.60 -4.65 39.41
N ASN C 259 -45.83 -3.58 39.59
CA ASN C 259 -44.72 -3.21 38.73
C ASN C 259 -43.31 -3.49 39.25
N PRO C 260 -42.62 -4.48 38.67
CA PRO C 260 -41.25 -4.76 39.12
C PRO C 260 -40.33 -3.66 38.60
N TYR C 261 -40.83 -2.91 37.63
CA TYR C 261 -40.09 -1.82 37.01
C TYR C 261 -40.44 -0.46 37.62
N ALA C 262 -40.90 -0.45 38.85
CA ALA C 262 -41.29 0.78 39.54
C ALA C 262 -40.26 1.91 39.38
N ARG C 263 -38.99 1.57 39.65
CA ARG C 263 -37.89 2.54 39.54
C ARG C 263 -37.84 3.24 38.19
N PHE C 264 -38.15 2.51 37.12
CA PHE C 264 -38.13 3.09 35.78
C PHE C 264 -39.41 3.88 35.54
N THR C 265 -40.52 3.34 36.04
CA THR C 265 -41.80 4.00 35.91
C THR C 265 -41.72 5.36 36.61
N ALA C 266 -41.16 5.35 37.82
CA ALA C 266 -41.00 6.55 38.60
C ALA C 266 -40.10 7.52 37.87
N THR C 267 -39.19 7.00 37.05
CA THR C 267 -38.27 7.85 36.30
C THR C 267 -38.99 8.43 35.10
N SER C 268 -39.72 7.57 34.40
CA SER C 268 -40.50 7.98 33.23
C SER C 268 -41.50 9.02 33.72
N SER C 269 -41.89 8.89 34.97
CA SER C 269 -42.83 9.81 35.58
C SER C 269 -42.12 11.14 35.74
N LEU C 270 -40.95 11.11 36.39
CA LEU C 270 -40.15 12.30 36.61
C LEU C 270 -39.88 13.02 35.29
N MSE C 271 -39.63 12.28 34.22
CA MSE C 271 -39.36 12.90 32.93
C MSE C 271 -40.58 13.62 32.38
O MSE C 271 -40.43 14.62 31.70
CB MSE C 271 -38.85 11.85 31.93
CG MSE C 271 -37.39 11.44 32.15
SE MSE C 271 -36.17 12.96 32.24
CE MSE C 271 -36.26 13.51 30.39
N ASP C 272 -41.77 13.09 32.66
CA ASP C 272 -42.98 13.73 32.17
C ASP C 272 -43.12 15.09 32.83
N TYR C 273 -42.84 15.14 34.13
CA TYR C 273 -42.90 16.41 34.84
C TYR C 273 -41.89 17.36 34.21
N ILE C 274 -40.64 16.89 34.10
CA ILE C 274 -39.56 17.69 33.54
C ILE C 274 -39.94 18.30 32.20
N SER C 275 -40.35 17.47 31.26
CA SER C 275 -40.70 17.94 29.93
C SER C 275 -41.87 18.91 29.86
N SER C 276 -42.80 18.80 30.78
CA SER C 276 -43.94 19.70 30.75
C SER C 276 -43.68 20.96 31.57
N THR C 277 -42.64 20.93 32.39
CA THR C 277 -42.31 22.06 33.26
C THR C 277 -41.21 22.98 32.73
N PHE C 278 -40.26 22.41 31.99
CA PHE C 278 -39.15 23.17 31.44
C PHE C 278 -39.00 22.99 29.94
N THR C 279 -38.23 23.89 29.34
CA THR C 279 -38.00 23.85 27.91
C THR C 279 -36.83 24.74 27.57
N LEU C 280 -36.28 24.55 26.39
CA LEU C 280 -35.17 25.35 25.92
C LEU C 280 -35.70 26.52 25.11
N ARG C 281 -35.49 27.74 25.60
CA ARG C 281 -35.95 28.93 24.90
C ARG C 281 -34.79 29.55 24.13
N LYS C 282 -34.98 29.76 22.84
CA LYS C 282 -33.95 30.33 21.99
C LYS C 282 -33.82 31.83 22.25
N ILE C 283 -32.68 32.25 22.81
CA ILE C 283 -32.48 33.68 23.09
C ILE C 283 -31.67 34.39 22.02
N VAL C 284 -30.69 33.69 21.47
CA VAL C 284 -29.84 34.25 20.44
C VAL C 284 -29.67 33.19 19.37
N GLN C 285 -29.88 33.56 18.11
CA GLN C 285 -29.71 32.58 17.06
C GLN C 285 -28.45 32.79 16.24
N GLN C 286 -27.95 31.67 15.73
CA GLN C 286 -26.74 31.64 14.91
C GLN C 286 -26.58 32.84 13.99
N GLY C 287 -25.39 33.43 14.02
CA GLY C 287 -25.13 34.58 13.16
C GLY C 287 -25.57 35.91 13.72
N ASP C 288 -26.32 35.88 14.81
CA ASP C 288 -26.79 37.13 15.43
C ASP C 288 -25.99 37.54 16.65
N ALA C 289 -26.03 38.85 16.95
CA ALA C 289 -25.34 39.41 18.10
C ALA C 289 -26.40 39.63 19.17
N TYR C 290 -25.99 39.63 20.43
CA TYR C 290 -26.95 39.86 21.50
C TYR C 290 -26.88 41.31 21.94
N GLN C 291 -27.94 42.05 21.62
CA GLN C 291 -28.03 43.47 21.97
C GLN C 291 -26.69 44.17 21.75
N ASP C 292 -26.31 44.29 20.48
CA ASP C 292 -25.07 44.94 20.10
C ASP C 292 -23.86 44.51 20.91
N SER C 293 -23.40 43.29 20.66
CA SER C 293 -22.23 42.75 21.33
C SER C 293 -21.07 43.19 20.48
N LYS C 294 -20.05 43.79 21.10
CA LYS C 294 -18.90 44.24 20.34
C LYS C 294 -17.61 44.09 21.13
N ALA C 295 -16.56 43.69 20.43
CA ALA C 295 -15.26 43.48 21.05
C ALA C 295 -14.24 44.52 20.63
N PRO C 296 -13.59 45.13 21.66
CA PRO C 296 -12.50 46.12 21.39
C PRO C 296 -11.26 45.49 20.75
N VAL C 297 -10.81 45.97 19.62
CA VAL C 297 -9.57 45.49 19.09
C VAL C 297 -8.77 46.73 18.90
N GLN C 298 -7.53 46.68 19.29
CA GLN C 298 -6.72 47.83 19.11
C GLN C 298 -5.63 47.72 18.08
N ASP C 299 -6.08 48.21 16.88
CA ASP C 299 -5.44 48.51 15.57
C ASP C 299 -5.94 47.84 14.29
N GLY C 300 -6.82 48.49 13.54
CA GLY C 300 -7.25 47.98 12.23
C GLY C 300 -8.18 48.95 11.47
N LYS C 301 -8.88 48.48 10.42
CA LYS C 301 -9.89 49.38 9.86
C LYS C 301 -11.33 48.88 10.14
N GLU C 302 -11.58 48.71 11.45
CA GLU C 302 -12.63 49.19 12.34
C GLU C 302 -11.96 49.16 13.69
N ASP C 303 -12.43 49.84 14.80
CA ASP C 303 -12.00 49.19 16.06
C ASP C 303 -12.88 48.97 17.32
N THR C 304 -13.60 47.81 17.30
CA THR C 304 -15.00 47.47 16.82
C THR C 304 -15.09 46.05 16.18
N VAL C 305 -15.31 44.91 16.95
CA VAL C 305 -15.66 43.63 16.24
C VAL C 305 -17.12 43.23 16.54
N ILE C 306 -18.07 43.03 15.61
CA ILE C 306 -19.40 42.49 16.04
C ILE C 306 -19.40 40.97 16.39
N ALA C 307 -19.84 40.77 17.64
CA ALA C 307 -19.80 39.45 18.21
C ALA C 307 -21.19 38.84 18.22
N VAL C 308 -21.16 37.76 17.47
CA VAL C 308 -22.35 36.99 17.18
C VAL C 308 -22.23 35.60 17.75
N ALA C 309 -23.35 34.91 17.85
CA ALA C 309 -23.37 33.55 18.36
C ALA C 309 -23.09 32.64 17.16
N PRO C 310 -22.10 31.76 17.28
CA PRO C 310 -21.82 30.89 16.14
C PRO C 310 -22.87 29.80 16.02
N GLU C 311 -23.80 29.78 16.97
CA GLU C 311 -24.86 28.79 16.98
C GLU C 311 -26.04 29.33 17.76
N ASP C 312 -27.17 28.61 17.73
CA ASP C 312 -28.33 29.05 18.49
C ASP C 312 -28.02 28.83 19.96
N ILE C 313 -28.32 29.85 20.78
CA ILE C 313 -28.08 29.77 22.22
C ILE C 313 -29.41 29.61 22.95
N TYR C 314 -29.62 28.43 23.53
CA TYR C 314 -30.84 28.16 24.26
C TYR C 314 -30.61 28.24 25.75
N LEU C 315 -31.71 28.42 26.48
CA LEU C 315 -31.68 28.49 27.94
C LEU C 315 -32.82 27.68 28.50
N ILE C 316 -32.59 27.10 29.65
CA ILE C 316 -33.63 26.33 30.28
C ILE C 316 -34.57 27.32 30.92
N GLU C 317 -35.80 27.35 30.43
CA GLU C 317 -36.81 28.25 30.95
C GLU C 317 -37.96 27.42 31.48
N ARG C 318 -38.52 27.84 32.60
CA ARG C 318 -39.66 27.15 33.18
C ARG C 318 -40.85 27.60 32.32
N VAL C 319 -41.54 26.63 31.74
CA VAL C 319 -42.67 26.91 30.81
C VAL C 319 -43.66 27.79 31.56
N GLY C 320 -44.26 28.79 30.78
CA GLY C 320 -45.22 29.80 31.22
C GLY C 320 -44.62 30.85 32.16
N ASN C 321 -43.35 31.15 31.84
CA ASN C 321 -42.68 32.15 32.65
C ASN C 321 -42.41 33.39 31.87
N GLN C 325 -36.21 36.43 30.13
CA GLN C 325 -35.18 36.10 31.06
C GLN C 325 -34.17 37.10 31.05
N SER C 326 -33.98 37.73 32.19
CA SER C 326 -32.94 38.60 31.72
C SER C 326 -31.63 37.84 31.65
N VAL C 327 -31.13 37.71 30.43
CA VAL C 327 -29.89 36.96 30.25
C VAL C 327 -28.74 37.95 30.15
N GLN C 328 -27.71 37.66 30.95
CA GLN C 328 -26.87 38.73 31.49
C GLN C 328 -25.66 39.10 30.62
N PHE C 329 -25.17 40.34 30.82
CA PHE C 329 -24.50 41.03 29.73
C PHE C 329 -23.17 40.37 29.38
N THR C 330 -22.81 40.55 28.08
CA THR C 330 -21.61 39.97 27.49
C THR C 330 -20.32 40.71 27.93
N PRO C 331 -19.57 39.99 28.77
CA PRO C 331 -18.23 40.41 29.13
C PRO C 331 -17.22 39.73 28.19
N ASP C 332 -16.34 40.59 27.67
CA ASP C 332 -15.32 40.11 26.74
C ASP C 332 -13.97 39.95 27.42
N SER C 333 -13.21 38.97 26.94
CA SER C 333 -11.80 38.92 27.32
C SER C 333 -10.89 39.41 26.16
N LEU C 340 -7.39 39.30 14.19
CA LEU C 340 -8.08 38.03 14.46
C LEU C 340 -8.95 37.56 13.28
N GLU C 341 -9.17 36.26 13.39
CA GLU C 341 -9.88 35.49 12.38
C GLU C 341 -11.37 35.51 12.72
N ALA C 342 -12.22 35.56 11.71
CA ALA C 342 -13.66 35.57 11.93
C ALA C 342 -14.08 34.23 12.52
N GLY C 343 -14.80 34.27 13.64
CA GLY C 343 -15.22 33.06 14.29
C GLY C 343 -14.46 32.86 15.58
N THR C 344 -13.53 33.78 15.86
CA THR C 344 -12.71 33.73 17.07
C THR C 344 -13.50 34.20 18.29
N VAL C 345 -13.61 33.33 19.28
CA VAL C 345 -14.33 33.67 20.49
C VAL C 345 -13.78 34.98 21.03
N VAL C 346 -14.62 35.99 21.08
CA VAL C 346 -14.21 37.29 21.57
C VAL C 346 -15.17 37.77 22.67
N GLY C 347 -15.82 36.81 23.32
CA GLY C 347 -16.76 37.15 24.38
C GLY C 347 -17.60 35.97 24.86
N HIS C 348 -18.33 36.21 25.95
CA HIS C 348 -19.21 35.21 26.55
C HIS C 348 -20.51 35.83 26.99
N LEU C 349 -21.57 35.04 26.92
CA LEU C 349 -22.88 35.45 27.38
C LEU C 349 -23.05 34.63 28.65
N THR C 350 -23.45 35.25 29.74
CA THR C 350 -23.62 34.49 30.97
C THR C 350 -25.04 34.60 31.46
N TYR C 351 -25.63 33.46 31.78
CA TYR C 351 -27.01 33.41 32.25
C TYR C 351 -27.09 33.61 33.75
N GLU C 352 -27.73 34.69 34.14
CA GLU C 352 -27.90 35.00 35.56
C GLU C 352 -29.24 34.37 35.94
N ASP C 353 -29.24 33.05 36.05
CA ASP C 353 -30.44 32.28 36.38
C ASP C 353 -31.03 32.75 37.71
N LYS C 354 -32.30 33.17 37.66
CA LYS C 354 -32.99 33.66 38.86
C LYS C 354 -34.14 32.74 39.26
N ASP C 355 -34.25 31.61 38.58
CA ASP C 355 -35.28 30.63 38.86
C ASP C 355 -34.58 29.38 39.36
N LEU C 356 -34.15 29.38 40.61
CA LEU C 356 -33.44 28.24 41.16
C LEU C 356 -34.34 27.24 41.86
N ILE C 357 -33.96 25.97 41.77
CA ILE C 357 -34.71 24.90 42.39
C ILE C 357 -33.77 24.18 43.36
N GLY C 358 -34.21 24.04 44.61
CA GLY C 358 -33.35 23.42 45.60
C GLY C 358 -32.12 24.30 45.72
N GLN C 359 -30.95 23.73 45.50
CA GLN C 359 -29.72 24.51 45.60
C GLN C 359 -29.39 25.14 44.26
N GLY C 360 -30.30 24.98 43.30
CA GLY C 360 -30.12 25.54 41.97
C GLY C 360 -29.29 24.70 41.02
N TYR C 361 -27.99 24.62 41.30
CA TYR C 361 -27.07 23.86 40.47
C TYR C 361 -26.18 22.95 41.32
N ILE C 362 -25.80 21.82 40.77
CA ILE C 362 -24.93 20.89 41.48
C ILE C 362 -23.47 21.30 41.24
N THR C 363 -23.27 22.55 40.86
CA THR C 363 -21.97 23.14 40.57
C THR C 363 -22.03 24.62 40.93
N THR C 364 -20.89 25.25 41.18
CA THR C 364 -20.89 26.67 41.51
C THR C 364 -20.65 27.52 40.28
N GLU C 365 -20.93 26.96 39.12
CA GLU C 365 -20.74 27.67 37.87
C GLU C 365 -22.05 27.81 37.11
N ARG C 366 -22.22 28.96 36.46
CA ARG C 366 -23.44 29.18 35.72
C ARG C 366 -23.21 29.24 34.22
N PRO C 367 -24.25 28.92 33.42
CA PRO C 367 -24.23 28.91 31.96
C PRO C 367 -23.54 30.12 31.30
N SER C 368 -22.49 29.84 30.53
CA SER C 368 -21.75 30.88 29.84
C SER C 368 -21.48 30.45 28.41
N PHE C 369 -22.26 30.97 27.48
CA PHE C 369 -22.11 30.63 26.08
C PHE C 369 -21.14 31.60 25.42
N GLU C 370 -20.29 31.11 24.53
CA GLU C 370 -19.33 31.98 23.87
C GLU C 370 -19.80 32.64 22.59
N MSE C 371 -19.35 33.88 22.38
CA MSE C 371 -19.68 34.69 21.22
C MSE C 371 -18.40 34.89 20.41
O MSE C 371 -17.36 35.20 20.98
CB MSE C 371 -20.23 36.05 21.65
CG MSE C 371 -21.42 35.96 22.58
SE MSE C 371 -23.03 35.37 21.69
CE MSE C 371 -23.70 37.08 21.12
N VAL C 372 -18.49 34.74 19.10
CA VAL C 372 -17.30 34.89 18.26
C VAL C 372 -17.30 36.17 17.42
N ALA C 373 -16.16 36.45 16.80
CA ALA C 373 -16.00 37.64 15.96
C ALA C 373 -16.76 37.45 14.65
N ASP C 374 -17.48 38.49 14.24
CA ASP C 374 -18.28 38.43 13.02
C ASP C 374 -17.42 38.31 11.76
N LYS C 375 -16.60 39.32 11.48
CA LYS C 375 -15.73 39.32 10.30
C LYS C 375 -14.26 39.26 10.71
N LYS C 376 -13.36 39.42 9.74
CA LYS C 376 -11.93 39.39 10.01
C LYS C 376 -11.40 40.82 10.16
N ILE C 377 -10.60 41.04 11.20
CA ILE C 377 -10.03 42.36 11.44
C ILE C 377 -8.53 42.33 11.14
N PHE D 10 13.88 17.21 -20.41
CA PHE D 10 12.86 18.07 -21.08
C PHE D 10 11.94 18.80 -20.10
N THR D 11 11.77 20.11 -20.30
CA THR D 11 10.90 20.88 -19.45
C THR D 11 10.19 21.90 -20.31
N ILE D 12 8.88 21.70 -20.45
CA ILE D 12 8.08 22.59 -21.27
C ILE D 12 8.14 24.03 -20.78
N ALA D 13 8.17 24.97 -21.73
CA ALA D 13 8.25 26.39 -21.41
C ALA D 13 6.89 27.00 -21.08
N ALA D 14 6.24 26.47 -20.05
CA ALA D 14 4.95 26.96 -19.62
C ALA D 14 4.79 26.76 -18.11
N LYS D 15 3.81 27.41 -17.50
CA LYS D 15 3.57 27.28 -16.07
C LYS D 15 2.96 25.91 -15.72
N HIS D 16 2.12 25.40 -16.62
CA HIS D 16 1.45 24.13 -16.41
C HIS D 16 1.23 23.35 -17.71
N ALA D 17 1.42 22.04 -17.66
CA ALA D 17 1.20 21.22 -18.85
C ALA D 17 0.97 19.75 -18.52
N ILE D 18 0.38 19.04 -19.46
CA ILE D 18 0.12 17.62 -19.31
C ILE D 18 -0.11 17.08 -20.70
N ALA D 19 0.31 15.85 -20.94
CA ALA D 19 0.12 15.23 -22.25
C ALA D 19 -0.46 13.84 -22.04
N VAL D 20 -1.46 13.49 -22.83
CA VAL D 20 -2.08 12.18 -22.68
C VAL D 20 -2.45 11.52 -24.00
N GLU D 21 -2.41 10.18 -24.02
CA GLU D 21 -2.79 9.43 -25.20
C GLU D 21 -4.32 9.36 -25.06
N ALA D 22 -5.01 9.96 -26.03
CA ALA D 22 -6.46 10.05 -26.06
C ALA D 22 -7.26 8.80 -25.70
N ASN D 23 -6.99 7.71 -26.42
CA ASN D 23 -7.72 6.47 -26.21
C ASN D 23 -7.69 5.91 -24.79
N THR D 24 -6.49 5.67 -24.28
CA THR D 24 -6.31 5.10 -22.96
C THR D 24 -6.23 6.11 -21.81
N GLY D 25 -5.89 7.35 -22.15
CA GLY D 25 -5.78 8.37 -21.13
C GLY D 25 -4.50 8.27 -20.32
N LYS D 26 -3.50 7.55 -20.83
CA LYS D 26 -2.23 7.42 -20.13
C LYS D 26 -1.42 8.71 -20.17
N ILE D 27 -1.10 9.23 -18.99
CA ILE D 27 -0.30 10.45 -18.89
C ILE D 27 1.09 10.17 -19.44
N LEU D 28 1.57 11.04 -20.33
CA LEU D 28 2.88 10.88 -20.95
C LEU D 28 3.87 11.95 -20.50
N TYR D 29 3.35 13.09 -20.09
CA TYR D 29 4.16 14.19 -19.62
C TYR D 29 3.33 14.97 -18.64
N GLU D 30 3.95 15.46 -17.58
CA GLU D 30 3.22 16.24 -16.59
C GLU D 30 4.11 17.31 -15.99
N LYS D 31 3.49 18.38 -15.50
CA LYS D 31 4.19 19.49 -14.87
C LYS D 31 3.19 20.40 -14.17
N ASP D 32 3.07 20.25 -12.86
CA ASP D 32 2.12 21.04 -12.09
C ASP D 32 0.81 21.01 -12.85
N ALA D 33 0.29 19.81 -13.10
CA ALA D 33 -0.96 19.62 -13.84
C ALA D 33 -2.15 19.44 -12.89
N THR D 34 -1.96 19.73 -11.62
CA THR D 34 -3.05 19.56 -10.67
C THR D 34 -3.62 20.84 -10.08
N GLN D 35 -2.83 21.91 -10.06
CA GLN D 35 -3.31 23.17 -9.51
C GLN D 35 -4.36 23.82 -10.42
N PRO D 36 -5.54 24.15 -9.89
CA PRO D 36 -6.53 24.78 -10.78
C PRO D 36 -6.04 26.18 -11.16
N VAL D 37 -6.18 26.53 -12.44
CA VAL D 37 -5.75 27.84 -12.92
C VAL D 37 -6.74 28.33 -13.97
N GLU D 38 -6.59 29.58 -14.38
CA GLU D 38 -7.48 30.13 -15.39
C GLU D 38 -7.20 29.46 -16.73
N ILE D 39 -8.23 28.87 -17.32
CA ILE D 39 -8.09 28.21 -18.61
C ILE D 39 -8.64 29.12 -19.70
N ALA D 40 -9.27 30.21 -19.28
CA ALA D 40 -9.81 31.18 -20.22
C ALA D 40 -10.78 30.57 -21.24
N SER D 41 -10.59 30.92 -22.49
CA SER D 41 -11.44 30.43 -23.56
C SER D 41 -11.50 28.90 -23.69
N ILE D 42 -10.57 28.19 -23.07
CA ILE D 42 -10.59 26.73 -23.15
C ILE D 42 -11.88 26.24 -22.49
N THR D 43 -12.47 27.12 -21.67
CA THR D 43 -13.72 26.83 -21.00
C THR D 43 -14.78 26.31 -22.00
N LYS D 44 -14.71 26.81 -23.22
CA LYS D 44 -15.68 26.45 -24.25
C LYS D 44 -15.75 24.97 -24.63
N LEU D 45 -14.75 24.19 -24.26
CA LEU D 45 -14.79 22.75 -24.57
C LEU D 45 -15.92 22.09 -23.74
N ILE D 46 -16.09 22.56 -22.50
CA ILE D 46 -17.13 22.03 -21.63
C ILE D 46 -18.48 22.43 -22.24
N THR D 47 -18.62 23.73 -22.49
CA THR D 47 -19.83 24.28 -23.08
C THR D 47 -20.27 23.47 -24.29
N VAL D 48 -19.34 23.28 -25.20
CA VAL D 48 -19.58 22.53 -26.43
C VAL D 48 -20.04 21.10 -26.13
N TYR D 49 -19.41 20.46 -25.16
CA TYR D 49 -19.80 19.10 -24.82
C TYR D 49 -21.29 19.04 -24.48
N LEU D 50 -21.77 20.04 -23.74
CA LEU D 50 -23.17 20.06 -23.37
C LEU D 50 -24.08 20.30 -24.56
N VAL D 51 -23.56 21.04 -25.54
CA VAL D 51 -24.31 21.34 -26.76
C VAL D 51 -24.49 20.05 -27.56
N TYR D 52 -23.42 19.27 -27.68
CA TYR D 52 -23.46 18.01 -28.41
C TYR D 52 -24.39 17.06 -27.69
N GLU D 53 -24.46 17.23 -26.38
CA GLU D 53 -25.32 16.39 -25.56
C GLU D 53 -26.77 16.78 -25.84
N ALA D 54 -27.01 18.08 -26.01
CA ALA D 54 -28.34 18.58 -26.30
C ALA D 54 -28.79 18.11 -27.68
N LEU D 55 -27.84 17.96 -28.60
CA LEU D 55 -28.14 17.49 -29.95
C LEU D 55 -28.48 16.01 -29.88
N GLU D 56 -27.76 15.26 -29.06
CA GLU D 56 -28.01 13.84 -28.90
C GLU D 56 -29.40 13.69 -28.26
N ASN D 57 -29.74 14.62 -27.37
CA ASN D 57 -31.05 14.64 -26.69
C ASN D 57 -32.15 14.74 -27.71
N GLY D 58 -31.94 15.65 -28.66
CA GLY D 58 -32.93 15.91 -29.67
C GLY D 58 -33.61 17.22 -29.32
N SER D 59 -33.35 17.72 -28.11
CA SER D 59 -33.95 18.98 -27.66
C SER D 59 -33.63 20.13 -28.61
N ILE D 60 -32.57 19.95 -29.39
CA ILE D 60 -32.17 20.94 -30.38
C ILE D 60 -31.54 20.18 -31.56
N THR D 61 -31.40 20.87 -32.69
CA THR D 61 -30.81 20.30 -33.89
C THR D 61 -29.88 21.35 -34.45
N LEU D 62 -29.02 20.96 -35.38
CA LEU D 62 -28.08 21.91 -35.97
C LEU D 62 -28.75 23.08 -36.68
N SER D 63 -29.99 22.88 -37.12
CA SER D 63 -30.72 23.90 -37.83
C SER D 63 -31.70 24.69 -36.96
N THR D 64 -31.80 24.32 -35.69
CA THR D 64 -32.69 25.03 -34.77
C THR D 64 -32.31 26.49 -34.71
N PRO D 65 -33.27 27.40 -34.94
CA PRO D 65 -32.93 28.83 -34.88
C PRO D 65 -32.71 29.20 -33.41
N VAL D 66 -31.82 30.13 -33.14
CA VAL D 66 -31.56 30.54 -31.77
C VAL D 66 -31.68 32.06 -31.65
N ASP D 67 -32.58 32.53 -30.80
CA ASP D 67 -32.72 33.96 -30.66
C ASP D 67 -31.58 34.49 -29.78
N ILE D 68 -31.15 35.70 -30.08
CA ILE D 68 -30.05 36.30 -29.34
C ILE D 68 -30.46 37.51 -28.53
N SER D 69 -30.35 37.40 -27.21
CA SER D 69 -30.73 38.47 -26.32
C SER D 69 -29.70 39.62 -26.33
N ASP D 70 -30.00 40.69 -25.58
CA ASP D 70 -29.12 41.85 -25.53
C ASP D 70 -27.71 41.55 -25.06
N TYR D 71 -27.59 40.83 -23.95
CA TYR D 71 -26.29 40.48 -23.40
C TYR D 71 -25.32 40.00 -24.49
N PRO D 72 -25.62 38.87 -25.16
CA PRO D 72 -24.70 38.38 -26.19
C PRO D 72 -24.62 39.31 -27.40
N TYR D 73 -25.78 39.76 -27.87
CA TYR D 73 -25.86 40.64 -29.04
C TYR D 73 -25.04 41.93 -28.96
N GLN D 74 -24.83 42.44 -27.75
CA GLN D 74 -24.10 43.69 -27.55
C GLN D 74 -22.80 43.52 -26.78
N LEU D 75 -22.36 42.28 -26.60
CA LEU D 75 -21.14 41.97 -25.84
C LEU D 75 -19.91 42.09 -26.73
N THR D 76 -20.04 42.90 -27.76
CA THR D 76 -18.94 43.13 -28.69
C THR D 76 -17.91 44.18 -28.24
N THR D 77 -17.58 44.13 -26.96
CA THR D 77 -16.52 44.98 -26.43
C THR D 77 -15.63 43.76 -26.16
N ASN D 78 -14.31 43.85 -26.32
CA ASN D 78 -13.52 42.67 -26.07
C ASN D 78 -13.17 42.46 -24.59
N ILE D 84 -16.83 39.37 -34.32
CA ILE D 84 -17.81 39.28 -35.41
C ILE D 84 -19.07 39.83 -34.72
N PRO D 85 -19.58 40.96 -35.19
CA PRO D 85 -20.78 41.51 -34.55
C PRO D 85 -22.08 41.07 -35.19
N MSE D 86 -22.57 39.92 -34.74
CA MSE D 86 -23.81 39.35 -35.26
C MSE D 86 -24.92 40.37 -35.50
O MSE D 86 -25.82 40.50 -34.68
CB MSE D 86 -24.28 38.27 -34.30
CG MSE D 86 -24.13 38.69 -32.86
SE MSE D 86 -24.45 37.21 -31.71
CE MSE D 86 -23.03 36.05 -32.32
N GLU D 87 -24.86 41.05 -36.63
CA GLU D 87 -25.87 42.04 -36.98
C GLU D 87 -27.32 41.51 -36.89
N ALA D 88 -27.48 40.18 -36.96
CA ALA D 88 -28.79 39.58 -36.88
C ALA D 88 -29.09 39.05 -35.48
N ARG D 89 -30.36 39.06 -35.09
CA ARG D 89 -30.79 38.60 -33.78
C ARG D 89 -31.18 37.13 -33.79
N ASN D 90 -30.67 36.38 -34.74
CA ASN D 90 -31.03 34.97 -34.80
C ASN D 90 -30.10 34.17 -35.70
N TYR D 91 -29.52 33.12 -35.15
CA TYR D 91 -28.64 32.25 -35.90
C TYR D 91 -29.01 30.83 -35.60
N THR D 92 -28.50 29.94 -36.44
CA THR D 92 -28.73 28.51 -36.31
C THR D 92 -27.79 27.93 -35.25
N VAL D 93 -28.19 26.82 -34.63
CA VAL D 93 -27.36 26.20 -33.62
C VAL D 93 -26.00 25.87 -34.22
N GLU D 94 -26.03 25.32 -35.43
CA GLU D 94 -24.83 24.95 -36.15
C GLU D 94 -23.89 26.13 -36.42
N GLU D 95 -24.45 27.31 -36.70
CA GLU D 95 -23.63 28.48 -36.98
C GLU D 95 -22.91 28.94 -35.73
N LEU D 96 -23.63 29.00 -34.61
CA LEU D 96 -23.08 29.42 -33.33
C LEU D 96 -22.00 28.46 -32.85
N LEU D 97 -22.23 27.18 -33.07
CA LEU D 97 -21.30 26.14 -32.67
C LEU D 97 -19.98 26.32 -33.41
N GLU D 98 -20.11 26.56 -34.71
CA GLU D 98 -18.97 26.76 -35.60
C GLU D 98 -18.11 27.89 -35.07
N ALA D 99 -18.75 29.05 -34.92
CA ALA D 99 -18.10 30.27 -34.43
C ALA D 99 -17.48 30.09 -33.04
N THR D 100 -18.11 29.27 -32.22
CA THR D 100 -17.61 29.04 -30.86
C THR D 100 -16.32 28.24 -30.88
N LEU D 101 -16.28 27.22 -31.74
CA LEU D 101 -15.11 26.36 -31.85
C LEU D 101 -13.96 26.97 -32.67
N VAL D 102 -14.26 27.42 -33.88
CA VAL D 102 -13.23 27.98 -34.76
C VAL D 102 -12.64 29.31 -34.29
N SER D 103 -13.49 30.27 -33.99
CA SER D 103 -13.03 31.59 -33.58
C SER D 103 -13.26 31.93 -32.10
N SER D 104 -13.82 30.98 -31.36
CA SER D 104 -14.12 31.17 -29.95
C SER D 104 -14.92 32.46 -29.71
N ALA D 105 -16.06 32.56 -30.37
CA ALA D 105 -16.95 33.72 -30.24
C ALA D 105 -17.69 33.60 -28.92
N ASN D 106 -17.55 34.60 -28.06
CA ASN D 106 -18.21 34.56 -26.77
C ASN D 106 -19.72 34.74 -26.89
N SER D 107 -20.14 35.56 -27.83
CA SER D 107 -21.57 35.78 -28.02
C SER D 107 -22.26 34.50 -28.42
N ALA D 108 -21.62 33.72 -29.28
CA ALA D 108 -22.17 32.46 -29.76
C ALA D 108 -22.35 31.45 -28.62
N ALA D 109 -21.29 31.27 -27.82
CA ALA D 109 -21.34 30.33 -26.70
C ALA D 109 -22.45 30.72 -25.73
N ILE D 110 -22.53 32.00 -25.38
CA ILE D 110 -23.55 32.49 -24.47
C ILE D 110 -24.94 32.23 -25.04
N ALA D 111 -25.09 32.44 -26.35
CA ALA D 111 -26.37 32.25 -27.01
C ALA D 111 -26.81 30.80 -26.92
N LEU D 112 -25.90 29.88 -27.21
CA LEU D 112 -26.20 28.46 -27.14
C LEU D 112 -26.57 28.06 -25.71
N ALA D 113 -25.89 28.69 -24.74
CA ALA D 113 -26.12 28.41 -23.34
C ALA D 113 -27.55 28.78 -22.92
N GLU D 114 -27.97 30.00 -23.20
CA GLU D 114 -29.32 30.42 -22.83
C GLU D 114 -30.40 29.60 -23.56
N LYS D 115 -30.07 29.13 -24.76
CA LYS D 115 -31.02 28.35 -25.54
C LYS D 115 -31.23 27.00 -24.88
N ILE D 116 -30.16 26.47 -24.32
CA ILE D 116 -30.20 25.18 -23.66
C ILE D 116 -30.70 25.20 -22.22
N ALA D 117 -30.13 26.05 -21.38
CA ALA D 117 -30.53 26.11 -19.97
C ALA D 117 -31.46 27.25 -19.61
N GLY D 118 -31.81 28.08 -20.59
CA GLY D 118 -32.70 29.19 -20.30
C GLY D 118 -31.92 30.44 -19.93
N SER D 119 -30.76 30.25 -19.32
CA SER D 119 -29.93 31.37 -18.92
C SER D 119 -28.50 30.87 -18.72
N GLU D 120 -27.52 31.76 -18.87
CA GLU D 120 -26.14 31.34 -18.69
C GLU D 120 -25.94 30.79 -17.29
N LYS D 121 -26.56 31.43 -16.31
CA LYS D 121 -26.44 30.96 -14.92
C LYS D 121 -26.84 29.51 -14.84
N ASP D 122 -28.03 29.20 -15.34
CA ASP D 122 -28.51 27.83 -15.32
C ASP D 122 -27.54 26.91 -16.06
N PHE D 123 -27.00 27.38 -17.18
CA PHE D 123 -26.06 26.58 -17.96
C PHE D 123 -24.83 26.35 -17.11
N VAL D 124 -24.38 27.38 -16.40
CA VAL D 124 -23.21 27.26 -15.55
C VAL D 124 -23.39 26.15 -14.52
N ASP D 125 -24.58 26.04 -13.95
CA ASP D 125 -24.82 24.98 -12.97
C ASP D 125 -24.67 23.64 -13.67
N MSE D 126 -25.25 23.51 -14.85
CA MSE D 126 -25.15 22.28 -15.62
C MSE D 126 -23.68 21.93 -15.84
O MSE D 126 -23.28 20.78 -15.76
CB MSE D 126 -25.83 22.41 -16.97
CG MSE D 126 -27.33 22.33 -16.93
SE MSE D 126 -28.05 22.61 -18.69
CE MSE D 126 -27.59 20.92 -19.50
N MSE D 127 -22.88 22.96 -16.12
CA MSE D 127 -21.45 22.76 -16.35
C MSE D 127 -20.79 22.20 -15.11
O MSE D 127 -19.96 21.29 -15.19
CB MSE D 127 -20.78 24.08 -16.73
CG MSE D 127 -21.28 24.68 -18.02
SE MSE D 127 -20.21 26.18 -18.56
CE MSE D 127 -21.33 27.56 -17.89
N ARG D 128 -21.16 22.76 -13.96
CA ARG D 128 -20.61 22.34 -12.68
C ARG D 128 -20.91 20.88 -12.39
N ALA D 129 -22.10 20.44 -12.78
CA ALA D 129 -22.50 19.06 -12.57
C ALA D 129 -21.63 18.12 -13.40
N LYS D 130 -21.52 18.40 -14.70
CA LYS D 130 -20.71 17.58 -15.61
C LYS D 130 -19.31 17.33 -15.09
N LEU D 131 -18.59 18.40 -14.75
CA LEU D 131 -17.24 18.26 -14.24
C LEU D 131 -17.22 17.29 -13.05
N LEU D 132 -18.22 17.39 -12.17
CA LEU D 132 -18.32 16.49 -11.03
C LEU D 132 -18.59 15.06 -11.48
N GLU D 133 -19.46 14.92 -12.47
CA GLU D 133 -19.82 13.63 -13.01
C GLU D 133 -18.57 12.98 -13.63
N TRP D 134 -17.70 13.80 -14.22
CA TRP D 134 -16.49 13.28 -14.83
C TRP D 134 -15.40 13.06 -13.77
N GLY D 135 -15.73 13.37 -12.53
CA GLY D 135 -14.78 13.18 -11.45
C GLY D 135 -13.90 14.39 -11.16
N ILE D 136 -14.12 15.47 -11.90
CA ILE D 136 -13.37 16.70 -11.70
C ILE D 136 -14.01 17.40 -10.52
N GLN D 137 -13.25 17.55 -9.44
CA GLN D 137 -13.81 18.16 -8.23
C GLN D 137 -13.03 19.32 -7.63
N ASP D 138 -12.31 20.06 -8.46
CA ASP D 138 -11.54 21.19 -7.96
C ASP D 138 -11.71 22.41 -8.86
N ALA D 139 -12.68 22.32 -9.76
CA ALA D 139 -12.91 23.39 -10.71
C ALA D 139 -13.80 24.53 -10.21
N THR D 140 -13.60 25.68 -10.84
CA THR D 140 -14.37 26.88 -10.54
C THR D 140 -14.91 27.39 -11.85
N VAL D 141 -16.23 27.48 -11.96
CA VAL D 141 -16.84 27.96 -13.19
C VAL D 141 -17.97 28.97 -12.96
N VAL D 142 -17.76 30.19 -13.42
CA VAL D 142 -18.74 31.25 -13.27
C VAL D 142 -19.40 31.69 -14.57
N ASN D 143 -18.82 31.32 -15.72
CA ASN D 143 -19.44 31.65 -17.00
C ASN D 143 -19.09 30.64 -18.08
N THR D 144 -19.80 30.70 -19.21
CA THR D 144 -19.58 29.75 -20.30
C THR D 144 -18.52 30.15 -21.32
N THR D 145 -18.09 31.40 -21.31
CA THR D 145 -17.11 31.88 -22.29
C THR D 145 -15.64 31.68 -21.95
N GLY D 146 -15.25 31.95 -20.72
CA GLY D 146 -13.86 31.82 -20.34
C GLY D 146 -13.33 33.23 -20.22
N LEU D 147 -14.27 34.19 -20.25
CA LEU D 147 -13.96 35.60 -20.12
C LEU D 147 -13.90 35.92 -18.63
N ASN D 148 -13.33 37.08 -18.30
CA ASN D 148 -13.27 37.48 -16.91
C ASN D 148 -14.54 38.27 -16.63
N ASN D 149 -15.09 38.11 -15.43
CA ASN D 149 -16.33 38.79 -15.06
C ASN D 149 -16.36 40.30 -15.28
N GLU D 150 -15.23 40.98 -15.11
CA GLU D 150 -15.21 42.43 -15.32
C GLU D 150 -15.87 42.77 -16.67
N THR D 151 -15.61 41.93 -17.67
CA THR D 151 -16.14 42.11 -19.01
C THR D 151 -17.66 41.96 -19.08
N LEU D 152 -18.19 41.04 -18.28
CA LEU D 152 -19.61 40.75 -18.27
C LEU D 152 -20.45 41.81 -17.54
N GLY D 153 -19.75 42.79 -16.98
CA GLY D 153 -20.45 43.84 -16.25
C GLY D 153 -21.28 43.23 -15.13
N ASP D 154 -22.59 43.30 -15.27
CA ASP D 154 -23.49 42.77 -14.25
C ASP D 154 -24.20 41.47 -14.70
N ASN D 155 -23.79 40.91 -15.83
CA ASN D 155 -24.38 39.65 -16.31
C ASN D 155 -23.54 38.50 -15.75
N ILE D 156 -23.11 38.63 -14.51
CA ILE D 156 -22.29 37.60 -13.90
C ILE D 156 -23.10 36.65 -13.05
N TYR D 157 -22.46 35.54 -12.65
CA TYR D 157 -23.11 34.52 -11.83
C TYR D 157 -23.37 35.04 -10.41
N PRO D 158 -24.60 34.86 -9.91
CA PRO D 158 -25.02 35.29 -8.56
C PRO D 158 -24.02 34.89 -7.47
N GLY D 159 -23.37 35.89 -6.89
CA GLY D 159 -22.41 35.63 -5.82
C GLY D 159 -20.98 35.46 -6.27
N SER D 160 -20.73 35.60 -7.57
CA SER D 160 -19.36 35.47 -8.06
C SER D 160 -18.68 36.83 -7.93
N LYS D 161 -17.36 36.81 -7.81
CA LYS D 161 -16.60 38.05 -7.68
C LYS D 161 -16.44 38.74 -9.03
N LYS D 162 -16.65 40.05 -9.05
CA LYS D 162 -16.54 40.83 -10.27
C LYS D 162 -15.31 40.54 -11.12
N ASP D 163 -14.27 40.00 -10.51
CA ASP D 163 -13.02 39.71 -11.22
C ASP D 163 -12.67 38.21 -11.33
N GLU D 164 -13.64 37.36 -11.06
CA GLU D 164 -13.41 35.91 -11.15
C GLU D 164 -13.34 35.41 -12.58
N GLU D 165 -12.72 34.24 -12.72
CA GLU D 165 -12.55 33.56 -13.99
C GLU D 165 -12.70 32.07 -13.73
N ASN D 166 -13.01 31.31 -14.77
CA ASN D 166 -13.14 29.87 -14.60
C ASN D 166 -11.76 29.27 -14.38
N LYS D 167 -11.68 28.32 -13.47
CA LYS D 167 -10.41 27.66 -13.18
C LYS D 167 -10.56 26.14 -13.21
N LEU D 168 -9.58 25.50 -13.86
CA LEU D 168 -9.47 24.06 -14.02
C LEU D 168 -7.96 23.81 -14.06
N SER D 169 -7.52 22.58 -13.84
CA SER D 169 -6.10 22.28 -13.88
C SER D 169 -5.76 21.65 -15.23
N ALA D 170 -4.47 21.47 -15.50
CA ALA D 170 -4.06 20.87 -16.76
C ALA D 170 -4.76 19.52 -16.85
N TYR D 171 -4.59 18.74 -15.78
CA TYR D 171 -5.18 17.40 -15.62
C TYR D 171 -6.67 17.45 -15.94
N ASP D 172 -7.38 18.36 -15.27
CA ASP D 172 -8.81 18.54 -15.46
C ASP D 172 -9.18 18.81 -16.92
N VAL D 173 -8.39 19.63 -17.59
CA VAL D 173 -8.66 19.94 -18.98
C VAL D 173 -8.49 18.73 -19.88
N ALA D 174 -7.46 17.92 -19.62
CA ALA D 174 -7.23 16.72 -20.42
C ALA D 174 -8.47 15.81 -20.37
N ILE D 175 -9.05 15.67 -19.18
CA ILE D 175 -10.23 14.85 -19.00
C ILE D 175 -11.36 15.37 -19.89
N VAL D 176 -11.65 16.66 -19.77
CA VAL D 176 -12.70 17.29 -20.58
C VAL D 176 -12.44 17.03 -22.06
N ALA D 177 -11.19 17.23 -22.47
CA ALA D 177 -10.78 17.03 -23.85
C ALA D 177 -10.96 15.57 -24.28
N ARG D 178 -10.49 14.66 -23.45
CA ARG D 178 -10.60 13.24 -23.76
C ARG D 178 -12.06 12.84 -23.83
N ASN D 179 -12.84 13.32 -22.88
CA ASN D 179 -14.26 12.97 -22.88
C ASN D 179 -15.00 13.54 -24.06
N LEU D 180 -14.60 14.73 -24.49
CA LEU D 180 -15.26 15.36 -25.62
C LEU D 180 -14.96 14.65 -26.95
N ILE D 181 -13.68 14.50 -27.29
CA ILE D 181 -13.31 13.87 -28.56
C ILE D 181 -13.54 12.37 -28.59
N LYS D 182 -13.94 11.80 -27.46
CA LYS D 182 -14.18 10.37 -27.39
C LYS D 182 -15.67 10.06 -27.56
N LYS D 183 -16.52 10.91 -27.01
CA LYS D 183 -17.96 10.74 -27.10
C LYS D 183 -18.52 11.39 -28.36
N TYR D 184 -17.99 12.57 -28.69
CA TYR D 184 -18.45 13.30 -29.87
C TYR D 184 -17.30 13.64 -30.81
N PRO D 185 -16.80 12.63 -31.55
CA PRO D 185 -15.68 12.77 -32.50
C PRO D 185 -15.92 13.84 -33.55
N GLN D 186 -17.18 14.05 -33.93
CA GLN D 186 -17.52 15.04 -34.94
C GLN D 186 -16.89 16.38 -34.64
N VAL D 187 -16.75 16.69 -33.35
CA VAL D 187 -16.18 17.95 -32.94
C VAL D 187 -14.90 18.25 -33.71
N LEU D 188 -14.13 17.21 -34.01
CA LEU D 188 -12.87 17.39 -34.73
C LEU D 188 -13.02 17.92 -36.15
N GLU D 189 -14.15 17.62 -36.77
CA GLU D 189 -14.42 18.09 -38.13
C GLU D 189 -14.56 19.60 -38.12
N ILE D 190 -14.82 20.17 -36.95
CA ILE D 190 -14.96 21.61 -36.82
C ILE D 190 -13.63 22.26 -36.42
N THR D 191 -13.03 21.84 -35.30
CA THR D 191 -11.76 22.41 -34.83
C THR D 191 -10.62 22.25 -35.84
N LYS D 192 -10.80 21.33 -36.77
CA LYS D 192 -9.85 21.02 -37.83
C LYS D 192 -9.67 22.16 -38.85
N LYS D 193 -10.74 22.91 -39.07
CA LYS D 193 -10.77 24.00 -40.07
C LYS D 193 -9.94 25.24 -39.84
N PRO D 194 -9.06 25.56 -40.80
CA PRO D 194 -8.21 26.74 -40.71
C PRO D 194 -9.13 27.96 -40.75
N SER D 195 -10.17 27.87 -41.58
CA SER D 195 -11.15 28.95 -41.72
C SER D 195 -12.52 28.35 -41.99
N SER D 196 -13.57 29.12 -41.78
CA SER D 196 -14.91 28.60 -42.04
C SER D 196 -15.89 29.71 -42.39
N THR D 197 -17.17 29.38 -42.32
CA THR D 197 -18.22 30.33 -42.69
C THR D 197 -19.30 30.54 -41.61
N PHE D 198 -19.45 31.79 -41.17
CA PHE D 198 -20.59 32.11 -40.32
C PHE D 198 -21.51 33.13 -40.97
N ALA D 199 -22.75 32.69 -41.26
CA ALA D 199 -23.78 33.56 -41.81
C ALA D 199 -23.36 34.31 -43.08
N GLY D 200 -22.42 33.69 -43.83
CA GLY D 200 -21.99 34.31 -45.09
C GLY D 200 -20.86 35.33 -44.88
N MSE D 201 -20.14 35.15 -43.76
CA MSE D 201 -18.88 35.86 -43.53
C MSE D 201 -17.78 34.85 -43.24
O MSE D 201 -18.02 33.67 -43.02
CB MSE D 201 -19.01 36.80 -42.33
CG MSE D 201 -19.33 38.23 -42.74
SE MSE D 201 -21.00 38.67 -42.26
CE MSE D 201 -20.70 38.92 -40.51
N THR D 202 -16.56 35.07 -43.73
CA THR D 202 -15.52 34.15 -43.33
C THR D 202 -15.01 34.44 -41.92
N ILE D 203 -14.73 33.34 -41.22
CA ILE D 203 -14.16 33.37 -39.88
C ILE D 203 -12.88 32.53 -39.92
N THR D 204 -11.85 33.01 -39.23
CA THR D 204 -10.56 32.36 -39.19
C THR D 204 -10.32 31.63 -37.87
N SER D 205 -9.57 30.54 -37.91
CA SER D 205 -9.29 29.79 -36.70
C SER D 205 -8.23 30.49 -35.86
N THR D 206 -8.24 30.21 -34.56
CA THR D 206 -7.26 30.78 -33.64
C THR D 206 -6.16 29.73 -33.43
N ASN D 207 -6.39 28.54 -33.99
CA ASN D 207 -5.45 27.41 -33.89
C ASN D 207 -4.41 27.53 -35.01
N TYR D 208 -3.22 28.01 -34.66
CA TYR D 208 -2.16 28.22 -35.65
C TYR D 208 -1.36 26.99 -36.06
N MSE D 209 -1.79 25.81 -35.64
CA MSE D 209 -1.07 24.59 -35.98
C MSE D 209 -1.82 23.80 -37.04
O MSE D 209 -1.44 22.69 -37.39
CB MSE D 209 -0.84 23.73 -34.74
CG MSE D 209 0.01 24.45 -33.70
SE MSE D 209 0.54 23.38 -32.21
CE MSE D 209 2.10 22.54 -33.00
N LEU D 210 -2.91 24.39 -37.54
CA LEU D 210 -3.71 23.74 -38.58
C LEU D 210 -3.04 23.95 -39.94
N GLU D 211 -3.61 23.34 -40.96
CA GLU D 211 -3.06 23.45 -42.30
C GLU D 211 -2.96 24.91 -42.75
N GLY D 212 -1.87 25.24 -43.44
CA GLY D 212 -1.68 26.59 -43.94
C GLY D 212 -1.61 27.68 -42.89
N MSE D 213 -1.43 27.32 -41.63
CA MSE D 213 -1.35 28.31 -40.56
C MSE D 213 0.10 28.57 -40.13
O MSE D 213 0.98 27.76 -40.40
CB MSE D 213 -2.19 27.84 -39.36
CG MSE D 213 -3.68 27.77 -39.66
SE MSE D 213 -4.49 29.46 -40.25
CE MSE D 213 -4.74 30.30 -38.55
N PRO D 214 0.35 29.71 -39.48
CA PRO D 214 1.69 30.12 -39.01
C PRO D 214 2.56 29.05 -38.36
N ALA D 215 2.00 28.26 -37.44
CA ALA D 215 2.78 27.22 -36.77
C ALA D 215 2.29 25.82 -37.16
N TYR D 216 2.02 25.64 -38.44
CA TYR D 216 1.54 24.35 -38.93
C TYR D 216 2.37 23.16 -38.46
N ARG D 217 1.67 22.09 -38.10
CA ARG D 217 2.28 20.85 -37.66
C ARG D 217 1.37 19.69 -38.08
N GLY D 218 1.86 18.88 -39.01
CA GLY D 218 1.10 17.74 -39.49
C GLY D 218 0.51 16.91 -38.38
N GLY D 219 -0.74 16.51 -38.55
CA GLY D 219 -1.41 15.69 -37.56
C GLY D 219 -2.26 16.42 -36.54
N PHE D 220 -2.32 17.74 -36.61
CA PHE D 220 -3.16 18.35 -35.58
C PHE D 220 -4.59 18.62 -36.04
N ASP D 221 -5.53 18.49 -35.08
CA ASP D 221 -6.80 19.18 -35.25
C ASP D 221 -7.17 19.90 -33.93
N GLY D 222 -6.15 20.72 -33.49
CA GLY D 222 -6.22 21.62 -32.32
C GLY D 222 -7.13 21.17 -31.19
N LEU D 223 -8.36 21.73 -31.13
CA LEU D 223 -9.24 21.71 -29.93
C LEU D 223 -9.63 23.14 -29.56
N LYS D 224 -8.84 23.75 -28.65
CA LYS D 224 -9.20 25.10 -28.15
C LYS D 224 -7.98 25.92 -27.62
N THR D 225 -7.89 27.18 -28.03
CA THR D 225 -6.95 28.12 -27.42
C THR D 225 -7.68 28.90 -26.35
N GLY D 226 -6.91 29.57 -25.50
CA GLY D 226 -7.49 30.37 -24.43
C GLY D 226 -6.47 31.44 -24.06
N THR D 227 -6.94 32.65 -23.83
CA THR D 227 -6.05 33.74 -23.46
C THR D 227 -6.72 34.71 -22.52
N THR D 228 -6.00 35.07 -21.47
CA THR D 228 -6.47 35.98 -20.45
C THR D 228 -5.21 36.50 -19.77
N ASP D 229 -5.28 37.66 -19.12
CA ASP D 229 -4.10 38.17 -18.43
C ASP D 229 -3.64 37.13 -17.42
N LYS D 230 -4.60 36.55 -16.70
CA LYS D 230 -4.33 35.54 -15.68
C LYS D 230 -3.95 34.17 -16.24
N ALA D 231 -4.69 33.72 -17.25
CA ALA D 231 -4.45 32.40 -17.85
C ALA D 231 -3.17 32.32 -18.67
N GLY D 232 -2.80 33.42 -19.30
CA GLY D 232 -1.62 33.41 -20.14
C GLY D 232 -2.04 32.86 -21.49
N GLU D 233 -1.07 32.62 -22.37
CA GLU D 233 -1.34 32.10 -23.70
C GLU D 233 -1.44 30.58 -23.63
N SER D 234 -2.64 30.08 -23.40
CA SER D 234 -2.88 28.65 -23.27
C SER D 234 -3.48 28.01 -24.52
N PHE D 235 -3.38 26.68 -24.60
CA PHE D 235 -3.89 25.95 -25.75
C PHE D 235 -4.08 24.47 -25.46
N VAL D 236 -5.19 23.94 -25.96
CA VAL D 236 -5.50 22.52 -25.82
C VAL D 236 -5.35 21.96 -27.22
N GLY D 237 -4.46 20.99 -27.39
CA GLY D 237 -4.27 20.42 -28.70
C GLY D 237 -4.45 18.91 -28.78
N THR D 238 -4.81 18.45 -29.97
CA THR D 238 -4.96 17.03 -30.19
C THR D 238 -4.34 16.77 -31.54
N THR D 239 -3.63 15.66 -31.68
CA THR D 239 -2.96 15.34 -32.92
C THR D 239 -2.70 13.86 -33.01
N VAL D 240 -2.41 13.39 -34.22
CA VAL D 240 -2.08 12.00 -34.44
C VAL D 240 -0.66 12.08 -35.03
N GLU D 241 0.32 11.59 -34.28
CA GLU D 241 1.71 11.62 -34.71
C GLU D 241 2.21 10.19 -34.60
N LYS D 242 2.67 9.67 -35.72
CA LYS D 242 3.08 8.29 -35.84
C LYS D 242 2.14 7.29 -35.18
N GLY D 243 0.94 7.17 -35.70
CA GLY D 243 -0.01 6.20 -35.15
C GLY D 243 -0.69 6.58 -33.86
N MSE D 244 0.03 7.30 -33.01
CA MSE D 244 -0.54 7.69 -31.73
C MSE D 244 -1.28 9.03 -31.71
O MSE D 244 -0.82 10.05 -32.24
CB MSE D 244 0.54 7.68 -30.66
CG MSE D 244 -0.02 7.63 -29.24
SE MSE D 244 1.37 7.29 -27.93
CE MSE D 244 1.97 9.10 -27.66
N ARG D 245 -2.45 9.01 -31.07
CA ARG D 245 -3.28 10.21 -30.89
C ARG D 245 -2.95 10.74 -29.51
N VAL D 246 -2.60 12.01 -29.44
CA VAL D 246 -2.23 12.60 -28.17
C VAL D 246 -3.04 13.86 -27.88
N ILE D 247 -3.39 14.05 -26.61
CA ILE D 247 -4.11 15.25 -26.22
C ILE D 247 -3.11 16.10 -25.47
N THR D 248 -2.91 17.30 -25.99
CA THR D 248 -1.97 18.26 -25.44
C THR D 248 -2.64 19.37 -24.67
N VAL D 249 -2.08 19.70 -23.52
CA VAL D 249 -2.61 20.77 -22.70
C VAL D 249 -1.46 21.65 -22.21
N VAL D 250 -1.41 22.87 -22.71
CA VAL D 250 -0.39 23.83 -22.29
C VAL D 250 -1.13 25.06 -21.75
N LEU D 251 -0.80 25.43 -20.52
CA LEU D 251 -1.43 26.57 -19.87
C LEU D 251 -0.40 27.62 -19.49
N ASN D 252 -0.67 28.87 -19.84
CA ASN D 252 0.22 29.96 -19.52
C ASN D 252 1.64 29.73 -20.03
N ALA D 253 1.85 29.81 -21.35
CA ALA D 253 3.17 29.59 -21.91
C ALA D 253 4.04 30.83 -21.73
N ASP D 254 5.31 30.63 -21.38
CA ASP D 254 6.23 31.76 -21.19
C ASP D 254 6.49 32.39 -22.54
N HIS D 255 6.82 33.69 -22.57
CA HIS D 255 7.07 34.34 -23.85
C HIS D 255 8.41 33.95 -24.44
N PRO D 260 7.93 33.80 -31.54
CA PRO D 260 7.53 32.49 -32.04
C PRO D 260 6.05 32.49 -31.69
N TYR D 261 5.13 31.90 -32.40
CA TYR D 261 3.80 31.88 -31.77
C TYR D 261 3.97 30.77 -30.74
N ALA D 262 4.31 31.25 -29.54
CA ALA D 262 4.80 30.38 -28.52
C ALA D 262 3.88 29.88 -27.43
N ARG D 263 2.80 29.29 -27.86
CA ARG D 263 1.83 28.53 -27.12
C ARG D 263 1.71 27.24 -27.92
N PHE D 264 2.07 27.52 -29.17
CA PHE D 264 2.18 26.49 -30.18
C PHE D 264 3.63 25.98 -30.19
N THR D 265 4.56 26.91 -30.07
CA THR D 265 5.97 26.53 -30.04
C THR D 265 6.20 25.60 -28.84
N ALA D 266 5.43 25.81 -27.78
CA ALA D 266 5.55 24.98 -26.58
C ALA D 266 4.94 23.61 -26.87
N THR D 267 3.75 23.60 -27.44
CA THR D 267 3.08 22.36 -27.77
C THR D 267 3.91 21.50 -28.74
N SER D 268 4.51 22.13 -29.74
CA SER D 268 5.30 21.40 -30.72
C SER D 268 6.54 20.82 -30.05
N SER D 269 7.20 21.62 -29.23
CA SER D 269 8.38 21.16 -28.51
C SER D 269 7.99 19.96 -27.64
N LEU D 270 6.78 20.00 -27.11
CA LEU D 270 6.26 18.93 -26.25
C LEU D 270 6.02 17.65 -27.06
N MSE D 271 5.56 17.81 -28.30
CA MSE D 271 5.33 16.67 -29.15
C MSE D 271 6.68 16.06 -29.58
O MSE D 271 6.78 14.84 -29.74
CB MSE D 271 4.51 17.05 -30.38
CG MSE D 271 3.02 17.22 -30.11
SE MSE D 271 2.17 15.59 -29.50
CE MSE D 271 1.81 16.12 -27.69
N ASP D 272 7.70 16.90 -29.77
CA ASP D 272 9.02 16.40 -30.14
C ASP D 272 9.47 15.42 -29.06
N TYR D 273 9.37 15.86 -27.81
CA TYR D 273 9.76 15.03 -26.69
C TYR D 273 8.96 13.74 -26.72
N ILE D 274 7.65 13.89 -26.82
CA ILE D 274 6.75 12.76 -26.83
C ILE D 274 7.02 11.76 -27.93
N SER D 275 6.99 12.20 -29.19
CA SER D 275 7.24 11.27 -30.29
C SER D 275 8.58 10.56 -30.22
N SER D 276 9.52 11.05 -29.42
CA SER D 276 10.80 10.36 -29.35
C SER D 276 11.02 9.63 -28.04
N THR D 277 10.09 9.78 -27.11
CA THR D 277 10.17 9.12 -25.81
C THR D 277 9.27 7.87 -25.71
N PHE D 278 8.14 7.89 -26.41
CA PHE D 278 7.22 6.75 -26.39
C PHE D 278 6.93 6.25 -27.80
N THR D 279 6.31 5.08 -27.89
CA THR D 279 5.94 4.45 -29.15
C THR D 279 4.86 3.38 -28.97
N LEU D 280 4.20 3.00 -30.06
CA LEU D 280 3.17 1.97 -30.00
C LEU D 280 3.76 0.64 -30.42
N ARG D 281 3.86 -0.27 -29.46
CA ARG D 281 4.42 -1.58 -29.71
C ARG D 281 3.28 -2.56 -29.97
N LYS D 282 3.32 -3.22 -31.12
CA LYS D 282 2.31 -4.19 -31.46
C LYS D 282 2.67 -5.46 -30.69
N ILE D 283 1.89 -5.77 -29.66
CA ILE D 283 2.14 -6.95 -28.85
C ILE D 283 1.46 -8.18 -29.43
N VAL D 284 0.30 -7.98 -30.04
CA VAL D 284 -0.47 -9.05 -30.65
C VAL D 284 -0.98 -8.56 -31.99
N GLN D 285 -0.91 -9.41 -33.01
CA GLN D 285 -1.39 -9.01 -34.33
C GLN D 285 -2.66 -9.72 -34.74
N GLN D 286 -3.46 -9.04 -35.56
CA GLN D 286 -4.73 -9.56 -36.05
C GLN D 286 -4.63 -11.03 -36.43
N GLY D 287 -5.41 -11.88 -35.75
CA GLY D 287 -5.39 -13.29 -36.12
C GLY D 287 -4.48 -14.16 -35.26
N ASP D 288 -3.73 -13.58 -34.33
CA ASP D 288 -2.90 -14.40 -33.50
C ASP D 288 -3.48 -14.46 -32.11
N ALA D 289 -2.72 -15.18 -31.27
CA ALA D 289 -3.12 -15.45 -29.89
C ALA D 289 -2.04 -15.16 -28.70
N TYR D 290 -2.19 -14.07 -27.81
CA TYR D 290 -1.24 -13.79 -26.69
C TYR D 290 -1.41 -14.89 -25.69
N GLN D 291 -0.48 -15.69 -26.04
CA GLN D 291 -0.17 -16.93 -25.49
C GLN D 291 -1.46 -17.70 -25.42
N ASP D 292 -1.34 -18.87 -26.05
CA ASP D 292 -2.39 -19.86 -26.25
C ASP D 292 -3.53 -19.69 -25.29
N SER D 293 -4.55 -19.07 -25.85
CA SER D 293 -5.70 -18.65 -25.11
C SER D 293 -6.99 -19.31 -25.45
N LYS D 294 -7.31 -19.95 -24.35
CA LYS D 294 -8.46 -20.73 -24.19
C LYS D 294 -9.25 -20.37 -22.94
N ALA D 307 -7.98 -17.03 -27.86
CA ALA D 307 -7.09 -16.04 -28.50
C ALA D 307 -7.44 -15.80 -29.96
N VAL D 308 -7.85 -14.55 -30.32
CA VAL D 308 -7.48 -14.05 -31.62
C VAL D 308 -7.53 -12.52 -31.68
N ALA D 309 -6.45 -11.83 -32.08
CA ALA D 309 -6.65 -10.38 -32.02
C ALA D 309 -7.55 -9.96 -33.17
N PRO D 310 -8.64 -9.18 -32.93
CA PRO D 310 -9.64 -8.99 -33.92
C PRO D 310 -8.98 -8.22 -35.00
N GLU D 311 -8.14 -7.39 -34.39
CA GLU D 311 -7.31 -6.40 -35.10
C GLU D 311 -5.99 -6.35 -34.34
N ASP D 312 -4.98 -5.70 -34.91
CA ASP D 312 -3.68 -5.64 -34.24
C ASP D 312 -3.80 -4.87 -32.93
N ILE D 313 -3.18 -5.39 -31.87
CA ILE D 313 -3.19 -4.72 -30.57
C ILE D 313 -1.84 -4.04 -30.33
N TYR D 314 -1.90 -2.77 -29.94
CA TYR D 314 -0.70 -1.99 -29.65
C TYR D 314 -0.71 -1.46 -28.23
N LEU D 315 0.47 -1.31 -27.65
CA LEU D 315 0.62 -0.78 -26.31
C LEU D 315 1.54 0.42 -26.39
N ILE D 316 1.31 1.40 -25.53
CA ILE D 316 2.15 2.58 -25.48
C ILE D 316 3.37 2.06 -24.74
N GLU D 317 4.56 2.47 -25.17
CA GLU D 317 5.77 1.99 -24.52
C GLU D 317 6.92 2.99 -24.56
N ARG D 318 7.62 3.07 -23.44
CA ARG D 318 8.77 3.96 -23.30
C ARG D 318 9.92 3.43 -24.14
N VAL D 319 10.34 4.22 -25.13
CA VAL D 319 11.42 3.82 -26.02
C VAL D 319 12.65 3.41 -25.22
N GLN D 325 6.46 -5.85 -20.77
CA GLN D 325 5.15 -5.26 -20.83
C GLN D 325 4.21 -6.29 -20.23
N SER D 326 3.69 -5.99 -19.04
CA SER D 326 2.77 -6.91 -18.38
C SER D 326 1.38 -6.89 -18.99
N VAL D 327 1.33 -6.79 -20.32
CA VAL D 327 0.06 -6.85 -21.04
C VAL D 327 -0.17 -8.34 -20.95
N GLN D 328 0.40 -8.86 -19.88
CA GLN D 328 0.33 -10.32 -19.85
C GLN D 328 -0.87 -10.67 -19.03
N PHE D 329 -2.02 -10.36 -19.58
CA PHE D 329 -3.11 -10.70 -18.75
C PHE D 329 -4.29 -11.18 -19.61
N THR D 330 -4.54 -12.49 -19.61
CA THR D 330 -5.70 -12.94 -20.33
C THR D 330 -6.67 -13.70 -19.43
N PRO D 331 -7.80 -13.00 -19.10
CA PRO D 331 -8.91 -13.58 -18.39
C PRO D 331 -10.11 -13.62 -19.32
N ASP D 332 -10.93 -14.64 -19.04
CA ASP D 332 -12.03 -14.93 -19.95
C ASP D 332 -13.33 -14.34 -19.42
N HIS D 348 -10.80 -11.09 -22.38
CA HIS D 348 -10.13 -9.84 -22.72
C HIS D 348 -8.64 -9.94 -22.54
N LEU D 349 -7.96 -8.82 -22.78
CA LEU D 349 -6.51 -8.76 -22.63
C LEU D 349 -6.22 -7.43 -21.94
N THR D 350 -5.85 -7.47 -20.67
CA THR D 350 -5.57 -6.24 -19.93
C THR D 350 -4.08 -5.98 -19.77
N TYR D 351 -3.73 -4.70 -19.73
CA TYR D 351 -2.37 -4.24 -19.59
C TYR D 351 -2.10 -3.69 -18.20
N GLU D 352 -1.20 -4.34 -17.48
CA GLU D 352 -0.84 -3.93 -16.13
C GLU D 352 0.36 -3.00 -16.23
N ASP D 353 0.08 -1.79 -16.70
CA ASP D 353 1.09 -0.76 -16.88
C ASP D 353 1.83 -0.44 -15.58
N LYS D 354 3.15 -0.65 -15.57
CA LYS D 354 3.95 -0.40 -14.38
C LYS D 354 4.88 0.81 -14.54
N ASP D 355 4.72 1.54 -15.63
CA ASP D 355 5.55 2.71 -15.89
C ASP D 355 4.68 3.97 -15.88
N LEU D 356 4.16 4.30 -14.71
CA LEU D 356 3.28 5.44 -14.58
C LEU D 356 4.01 6.77 -14.40
N ILE D 357 3.51 7.79 -15.08
CA ILE D 357 4.06 9.13 -15.02
C ILE D 357 3.05 10.05 -14.30
N GLY D 358 3.51 10.73 -13.25
CA GLY D 358 2.59 11.60 -12.52
C GLY D 358 1.57 10.70 -11.86
N GLN D 359 0.29 10.93 -12.16
CA GLN D 359 -0.76 10.09 -11.57
C GLN D 359 -1.03 8.87 -12.44
N GLY D 360 -0.19 8.68 -13.45
CA GLY D 360 -0.32 7.53 -14.34
C GLY D 360 -1.40 7.68 -15.39
N TYR D 361 -2.65 7.79 -14.95
CA TYR D 361 -3.77 7.95 -15.89
C TYR D 361 -4.74 9.00 -15.41
N ILE D 362 -5.52 9.53 -16.34
CA ILE D 362 -6.54 10.51 -15.97
C ILE D 362 -7.89 9.80 -15.90
N THR D 363 -7.82 8.48 -15.78
CA THR D 363 -8.99 7.61 -15.67
C THR D 363 -8.59 6.39 -14.86
N THR D 364 -9.51 5.87 -14.04
CA THR D 364 -9.19 4.71 -13.23
C THR D 364 -9.15 3.45 -14.07
N GLU D 365 -9.60 3.57 -15.30
CA GLU D 365 -9.63 2.43 -16.19
C GLU D 365 -8.27 2.20 -16.82
N ARG D 366 -7.93 0.93 -17.02
CA ARG D 366 -6.66 0.59 -17.63
C ARG D 366 -6.91 -0.10 -18.96
N PRO D 367 -5.92 -0.07 -19.87
CA PRO D 367 -6.04 -0.69 -21.19
C PRO D 367 -6.54 -2.14 -21.15
N SER D 368 -7.59 -2.43 -21.90
CA SER D 368 -8.13 -3.77 -21.97
C SER D 368 -8.70 -4.04 -23.35
N PHE D 369 -7.93 -4.73 -24.18
CA PHE D 369 -8.34 -5.03 -25.55
C PHE D 369 -9.21 -6.29 -25.63
N GLU D 370 -10.32 -6.17 -26.35
CA GLU D 370 -11.24 -7.30 -26.53
C GLU D 370 -10.65 -8.29 -27.52
N MSE D 371 -10.44 -9.52 -27.06
CA MSE D 371 -9.89 -10.55 -27.91
C MSE D 371 -11.02 -11.46 -28.38
O MSE D 371 -12.06 -11.55 -27.73
CB MSE D 371 -8.81 -11.30 -27.17
CG MSE D 371 -7.58 -10.48 -27.03
SE MSE D 371 -6.08 -11.48 -27.61
CE MSE D 371 -6.83 -12.23 -29.21
S SO4 E . 4.65 -23.50 6.62
O1 SO4 E . 5.09 -24.32 7.77
O2 SO4 E . 3.72 -22.46 7.09
O3 SO4 E . 5.81 -22.86 5.97
O4 SO4 E . 3.94 -24.38 5.65
I IOD F . 3.13 -3.99 -9.39
I IOD G . -4.89 -0.68 8.37
I IOD H . 11.63 -21.04 8.67
I IOD I . -14.34 -12.68 15.72
S SO4 J . 41.95 -34.45 -17.65
O1 SO4 J . 41.59 -33.07 -17.24
O2 SO4 J . 40.80 -35.08 -18.32
O3 SO4 J . 43.11 -34.38 -18.56
O4 SO4 J . 42.29 -35.22 -16.45
I IOD K . 38.58 -16.09 -34.37
I IOD L . 41.71 -10.04 -15.88
I IOD M . 51.08 -34.35 -21.24
I IOD N . 34.65 -18.41 -2.45
S SO4 O . -28.58 -4.43 40.21
O1 SO4 O . -27.59 -4.48 41.30
O2 SO4 O . -29.94 -4.46 40.75
O3 SO4 O . -28.40 -3.19 39.44
O4 SO4 O . -28.38 -5.60 39.31
I IOD P . -31.06 20.08 46.33
I IOD Q . -23.58 16.80 28.39
I IOD R . -36.02 -4.44 37.50
I IOD S . -11.68 4.62 26.43
S SO4 T . -8.90 33.00 -27.74
O1 SO4 T . -7.48 32.82 -27.39
O2 SO4 T . -9.65 33.45 -26.55
O3 SO4 T . -9.03 34.01 -28.81
O4 SO4 T . -9.44 31.71 -28.23
I IOD U . -9.55 8.45 -29.30
I IOD V . -0.46 14.48 -12.91
I IOD W . 0.13 33.09 -30.54
I IOD X . -23.82 16.51 -34.86
#